data_1YPZ
#
_entry.id   1YPZ
#
_cell.length_a   110.530
_cell.length_b   113.050
_cell.length_c   167.970
_cell.angle_alpha   90.00
_cell.angle_beta   90.00
_cell.angle_gamma   90.00
#
_symmetry.space_group_name_H-M   'P 21 21 21'
#
loop_
_entity.id
_entity.type
_entity.pdbx_description
1 polymer 'H2-T22 protein'
2 polymer Beta-2-microglobulin
3 polymer 'T cell receptor delta'
4 polymer 'T-cell receptor gamma chain'
5 branched alpha-D-mannopyranose-(1-4)-2-acetamido-2-deoxy-beta-D-glucopyranose-(1-4)-2-acetamido-2-deoxy-beta-D-glucopyranose
6 branched 2-acetamido-2-deoxy-beta-D-glucopyranose-(1-4)-2-acetamido-2-deoxy-beta-D-glucopyranose
7 branched 2-acetamido-2-deoxy-beta-D-glucopyranose-(1-4)-[alpha-L-fucopyranose-(1-6)]2-acetamido-2-deoxy-beta-D-glucopyranose
#
loop_
_entity_poly.entity_id
_entity_poly.type
_entity_poly.pdbx_seq_one_letter_code
_entity_poly.pdbx_strand_id
1 'polypeptide(L)'
;GSHSLRYFYTAVSRPGLGEPWFIIVGYVDDMQVLRFSSKEETPRMAPWLEQEEADNWEQQTRIVTIQGQLSERNLMTLVH
FYNKSMDDSHTLQWLQGCDVEPDRHLCLWYNQLAYDSEDLPTLNENPSSCTVGNSTVPHISQDLKSHCSDLLQKYLEKGK
ERLLRSDPPKAHVTRHPRPEGDVTLRCWALGFYPADITLTWQLNGEELTQDMELVETRPAGDGTFQKWAAVVVPLGKEQS
YTCHVYHEGLPEPLILRWGG
;
A,C
2 'polypeptide(L)'
;ADPIQRTPKIQVYSRHPAENGKSNFLNCYVSGFHPSDIEVDLLKNGERIEKVEHSDLSFSKDWSFYLLYYTEFTPTEKDE
YACRVNHVTLSQPKIVKWDRDM
;
B,D
3 'polypeptide(L)'
;GDQVEQSPSALSLHEGTDSALRCNFTTTMRSVQWFRQNSRGSLISLFYLASGTKENGRLKSAFDSKERRYSTLHIRDAQL
EDSGTYFCAADTWHISEGYELGTDKLVFGQGTQVTVEPKSQPPAKPSVFIMKNGTNVACLVKDFYPKEVTISLRSSKKIV
EFDPAIVISPSGKYSAVKLGQYGDSNSVTCSVQHNSETVHSTDFEAA
;
E,G
4 'polypeptide(L)'
;HGKLEQPEISISRPRDETAQISCKVFIESFRSVTIHWYRQKPNQGLEFLLYVLATPTHIFLDKEYKKMEASKNPSASTSI
LTIYSLEEEDEAIYYCSYGEGSSGFHKVFAEGTKLIVIPSDKRLDADISPKPTIFLPSVAETNLHKTGTYLCLLEAFFPD
VIRVYWKEKDGNTILDSQEGDTLKTNDTYMKFSWLTVPERAMGKEHRCIVKHENNKGGADQAIFFPSIKK
;
F,H
#
loop_
_chem_comp.id
_chem_comp.type
_chem_comp.name
_chem_comp.formula
FUC L-saccharide, alpha linking alpha-L-fucopyranose 'C6 H12 O5'
MAN D-saccharide, alpha linking alpha-D-mannopyranose 'C6 H12 O6'
NAG D-saccharide, beta linking 2-acetamido-2-deoxy-beta-D-glucopyranose 'C8 H15 N O6'
#
# COMPACT_ATOMS: atom_id res chain seq x y z
N GLY A 1 38.75 31.61 -12.86
CA GLY A 1 37.42 31.69 -13.52
C GLY A 1 37.03 30.41 -14.25
N SER A 2 35.81 29.95 -13.99
CA SER A 2 35.29 28.74 -14.62
C SER A 2 34.93 29.06 -16.08
N HIS A 3 34.60 28.04 -16.86
CA HIS A 3 34.22 28.25 -18.24
C HIS A 3 33.38 27.12 -18.76
N SER A 4 32.57 27.40 -19.79
CA SER A 4 31.71 26.36 -20.31
C SER A 4 31.29 26.49 -21.77
N LEU A 5 31.59 25.44 -22.52
CA LEU A 5 31.26 25.29 -23.92
C LEU A 5 29.92 24.58 -24.00
N ARG A 6 29.09 24.99 -24.95
CA ARG A 6 27.75 24.41 -25.15
C ARG A 6 27.35 24.28 -26.62
N TYR A 7 26.58 23.26 -26.96
CA TYR A 7 26.08 23.06 -28.32
C TYR A 7 24.58 22.93 -28.26
N PHE A 8 23.89 23.65 -29.08
CA PHE A 8 22.48 23.52 -29.06
C PHE A 8 22.00 22.96 -30.40
N TYR A 9 21.65 21.70 -30.34
CA TYR A 9 21.11 21.01 -31.46
C TYR A 9 19.62 21.23 -31.37
N THR A 10 18.92 21.42 -32.47
CA THR A 10 17.48 21.63 -32.43
C THR A 10 16.96 21.16 -33.76
N ALA A 11 16.00 20.24 -33.76
CA ALA A 11 15.48 19.72 -35.01
C ALA A 11 13.98 19.70 -35.10
N VAL A 12 13.46 19.93 -36.30
CA VAL A 12 12.03 19.92 -36.50
C VAL A 12 11.60 19.17 -37.74
N SER A 13 10.39 18.65 -37.67
CA SER A 13 9.80 17.92 -38.76
C SER A 13 8.54 18.66 -39.17
N ARG A 14 8.16 18.47 -40.36
CA ARG A 14 6.94 18.97 -40.96
C ARG A 14 6.20 17.87 -41.71
N PRO A 15 5.65 18.06 -42.86
CA PRO A 15 5.04 16.88 -43.47
C PRO A 15 6.01 15.73 -43.73
N GLY A 16 5.83 15.06 -44.86
CA GLY A 16 6.69 13.96 -45.22
C GLY A 16 7.76 14.33 -46.24
N LEU A 17 8.15 15.61 -46.24
CA LEU A 17 9.15 16.05 -47.18
C LEU A 17 10.47 15.39 -46.83
N GLY A 18 10.43 14.52 -45.83
CA GLY A 18 11.60 13.79 -45.39
C GLY A 18 12.72 14.60 -44.77
N GLU A 19 13.12 15.64 -45.49
CA GLU A 19 14.19 16.53 -45.07
C GLU A 19 13.86 17.24 -43.75
N PRO A 20 14.45 16.80 -42.65
CA PRO A 20 14.14 17.46 -41.39
C PRO A 20 14.90 18.80 -41.33
N TRP A 21 14.47 19.71 -40.47
CA TRP A 21 15.15 20.97 -40.34
C TRP A 21 16.04 21.00 -39.11
N PHE A 22 17.18 21.68 -39.18
CA PHE A 22 18.05 21.72 -38.01
C PHE A 22 19.16 22.77 -37.97
N ILE A 23 19.56 23.14 -36.74
CA ILE A 23 20.67 24.07 -36.49
C ILE A 23 21.49 23.52 -35.34
N ILE A 24 22.73 23.99 -35.18
CA ILE A 24 23.61 23.59 -34.07
C ILE A 24 24.47 24.77 -33.60
N VAL A 25 23.84 25.72 -32.93
CA VAL A 25 24.54 26.88 -32.41
C VAL A 25 25.45 26.40 -31.30
N GLY A 26 26.68 26.88 -31.26
CA GLY A 26 27.55 26.43 -30.21
C GLY A 26 28.17 27.62 -29.55
N TYR A 27 27.86 27.81 -28.26
CA TYR A 27 28.39 28.93 -27.47
C TYR A 27 29.52 28.57 -26.51
N VAL A 28 30.13 29.62 -25.98
CA VAL A 28 31.17 29.53 -24.96
C VAL A 28 30.85 30.71 -24.09
N ASP A 29 30.31 30.44 -22.91
CA ASP A 29 29.90 31.52 -22.05
C ASP A 29 28.84 32.20 -22.88
N ASP A 30 28.66 33.49 -22.75
CA ASP A 30 27.59 34.11 -23.52
C ASP A 30 27.95 34.61 -24.92
N MET A 31 28.99 34.02 -25.52
CA MET A 31 29.36 34.41 -26.88
C MET A 31 29.07 33.22 -27.78
N GLN A 32 28.20 33.36 -28.76
CA GLN A 32 27.97 32.23 -29.66
C GLN A 32 29.22 32.08 -30.49
N VAL A 33 29.74 30.88 -30.68
CA VAL A 33 30.97 30.76 -31.42
C VAL A 33 30.88 29.82 -32.61
N LEU A 34 29.76 29.10 -32.75
CA LEU A 34 29.66 28.12 -33.85
C LEU A 34 28.25 28.00 -34.41
N ARG A 35 28.10 27.98 -35.72
CA ARG A 35 26.82 27.85 -36.35
C ARG A 35 26.88 26.76 -37.36
N PHE A 36 25.82 26.00 -37.51
CA PHE A 36 25.84 24.92 -38.47
C PHE A 36 24.48 24.27 -38.51
N SER A 37 23.93 24.10 -39.71
CA SER A 37 22.62 23.49 -39.84
C SER A 37 22.56 22.66 -41.09
N SER A 38 21.45 22.85 -41.80
CA SER A 38 21.18 22.20 -43.05
C SER A 38 21.55 23.29 -44.06
N LYS A 39 22.10 22.88 -45.18
CA LYS A 39 22.49 23.83 -46.21
C LYS A 39 23.71 24.61 -45.74
N GLU A 40 24.78 23.85 -45.53
CA GLU A 40 26.08 24.34 -45.10
C GLU A 40 26.96 23.10 -45.12
N GLU A 41 28.05 23.12 -45.89
CA GLU A 41 28.96 21.99 -45.99
C GLU A 41 29.97 22.00 -44.86
N THR A 42 30.20 23.18 -44.31
CA THR A 42 31.17 23.28 -43.25
C THR A 42 30.67 24.04 -42.03
N PRO A 43 31.08 23.58 -40.84
CA PRO A 43 30.65 24.26 -39.62
C PRO A 43 31.23 25.67 -39.68
N ARG A 44 30.36 26.65 -39.90
CA ARG A 44 30.81 28.03 -40.00
C ARG A 44 31.02 28.70 -38.65
N MET A 45 32.26 28.67 -38.18
CA MET A 45 32.63 29.27 -36.91
C MET A 45 32.70 30.79 -36.93
N ALA A 46 32.57 31.36 -35.74
CA ALA A 46 32.60 32.80 -35.53
C ALA A 46 33.84 33.51 -36.05
N PRO A 47 33.61 34.59 -36.80
CA PRO A 47 34.64 35.43 -37.39
C PRO A 47 35.78 35.71 -36.43
N TRP A 48 35.52 36.57 -35.46
CA TRP A 48 36.55 36.96 -34.50
C TRP A 48 37.37 35.80 -33.91
N LEU A 49 38.16 35.10 -34.72
CA LEU A 49 38.90 34.00 -34.18
C LEU A 49 40.26 33.87 -34.88
N GLU A 50 41.30 34.06 -34.09
CA GLU A 50 42.61 33.81 -34.70
C GLU A 50 42.64 32.48 -35.42
N GLN A 51 42.72 32.54 -36.72
CA GLN A 51 42.77 31.33 -37.50
C GLN A 51 44.17 31.17 -38.02
N GLU A 52 44.72 29.96 -37.95
CA GLU A 52 46.07 29.66 -38.43
C GLU A 52 45.95 28.45 -39.37
N GLU A 53 45.88 28.71 -40.67
CA GLU A 53 45.75 27.67 -41.71
C GLU A 53 45.72 26.26 -41.11
N ALA A 54 44.58 25.90 -40.53
CA ALA A 54 44.41 24.60 -39.90
C ALA A 54 43.05 23.98 -40.10
N ASP A 55 43.00 22.92 -40.90
CA ASP A 55 41.76 22.22 -41.14
C ASP A 55 41.67 21.30 -39.92
N ASN A 56 42.28 21.76 -38.83
CA ASN A 56 42.34 21.03 -37.58
C ASN A 56 41.22 21.40 -36.61
N TRP A 57 39.99 21.06 -37.00
CA TRP A 57 38.78 21.29 -36.21
C TRP A 57 37.88 20.14 -36.62
N GLU A 58 38.33 19.41 -37.64
CA GLU A 58 37.60 18.28 -38.18
C GLU A 58 36.88 17.53 -37.08
N GLN A 59 37.62 17.14 -36.04
CA GLN A 59 37.00 16.41 -34.94
C GLN A 59 35.69 17.05 -34.54
N GLN A 60 35.63 18.37 -34.56
CA GLN A 60 34.40 19.05 -34.19
C GLN A 60 33.51 19.03 -35.40
N THR A 61 34.12 19.12 -36.57
CA THR A 61 33.35 19.12 -37.79
C THR A 61 32.69 17.76 -37.90
N ARG A 62 33.47 16.71 -37.75
CA ARG A 62 32.97 15.34 -37.81
C ARG A 62 31.72 15.20 -36.94
N ILE A 63 31.88 15.38 -35.64
CA ILE A 63 30.80 15.24 -34.62
C ILE A 63 29.47 15.92 -34.92
N VAL A 64 29.55 17.22 -35.09
CA VAL A 64 28.39 18.02 -35.41
C VAL A 64 27.61 17.42 -36.55
N THR A 65 28.29 17.23 -37.69
CA THR A 65 27.64 16.69 -38.89
C THR A 65 26.75 15.49 -38.63
N ILE A 66 27.39 14.43 -38.16
CA ILE A 66 26.71 13.22 -37.79
C ILE A 66 25.48 13.65 -37.03
N GLN A 67 25.70 14.27 -35.88
CA GLN A 67 24.60 14.68 -35.05
C GLN A 67 23.51 15.28 -35.92
N GLY A 68 23.91 16.19 -36.81
CA GLY A 68 22.93 16.78 -37.69
C GLY A 68 22.24 15.68 -38.45
N GLN A 69 23.05 14.73 -38.97
CA GLN A 69 22.64 13.58 -39.83
C GLN A 69 21.62 12.56 -39.27
N LEU A 70 21.92 12.01 -38.10
CA LEU A 70 21.02 11.05 -37.53
C LEU A 70 19.68 11.74 -37.27
N SER A 71 19.69 13.07 -37.27
CA SER A 71 18.51 13.86 -37.06
C SER A 71 17.34 13.29 -37.87
N GLU A 72 17.70 12.55 -38.95
CA GLU A 72 16.72 11.92 -39.89
C GLU A 72 16.02 10.76 -39.23
N ARG A 73 16.85 9.76 -38.88
CA ARG A 73 16.40 8.56 -38.18
C ARG A 73 15.92 8.97 -36.79
N ASN A 74 16.84 9.48 -35.99
CA ASN A 74 16.53 9.93 -34.64
C ASN A 74 15.16 10.55 -34.55
N LEU A 75 15.05 11.71 -35.17
CA LEU A 75 13.81 12.45 -35.14
C LEU A 75 12.64 11.57 -35.49
N MET A 76 12.91 10.46 -36.18
CA MET A 76 11.87 9.51 -36.61
C MET A 76 11.57 8.35 -35.67
N THR A 77 12.60 7.62 -35.27
CA THR A 77 12.40 6.50 -34.33
C THR A 77 11.77 7.01 -33.06
N LEU A 78 11.69 8.31 -32.96
CA LEU A 78 11.12 8.98 -31.82
C LEU A 78 9.66 9.28 -32.04
N VAL A 79 9.16 9.10 -33.26
CA VAL A 79 7.74 9.37 -33.46
C VAL A 79 6.94 8.13 -33.13
N HIS A 80 7.41 7.00 -33.60
CA HIS A 80 6.72 5.73 -33.41
C HIS A 80 6.70 5.28 -31.94
N PHE A 81 7.83 5.42 -31.24
CA PHE A 81 7.85 4.97 -29.87
C PHE A 81 6.74 5.66 -29.12
N TYR A 82 6.12 6.64 -29.76
CA TYR A 82 5.05 7.39 -29.13
C TYR A 82 3.88 7.39 -30.07
N ASN A 83 4.09 6.78 -31.22
CA ASN A 83 3.03 6.69 -32.23
C ASN A 83 2.24 8.00 -32.33
N LYS A 84 2.95 9.10 -32.49
CA LYS A 84 2.28 10.39 -32.63
C LYS A 84 2.14 10.65 -34.13
N SER A 85 0.94 10.99 -34.58
CA SER A 85 0.69 11.26 -36.00
C SER A 85 1.81 12.06 -36.68
N MET A 86 2.47 11.44 -37.67
CA MET A 86 3.55 12.11 -38.38
C MET A 86 3.06 13.26 -39.22
N ASP A 87 1.88 13.77 -38.89
CA ASP A 87 1.33 14.89 -39.63
C ASP A 87 1.42 16.18 -38.82
N ASP A 88 1.68 16.03 -37.52
CA ASP A 88 1.84 17.16 -36.63
C ASP A 88 3.36 17.35 -36.44
N SER A 89 3.85 18.55 -36.76
CA SER A 89 5.27 18.84 -36.65
C SER A 89 5.82 18.52 -35.25
N HIS A 90 7.08 18.11 -35.22
CA HIS A 90 7.76 17.74 -33.97
C HIS A 90 9.17 18.31 -33.95
N THR A 91 9.79 18.28 -32.76
CA THR A 91 11.14 18.79 -32.61
C THR A 91 11.98 17.91 -31.67
N LEU A 92 13.30 17.89 -31.86
CA LEU A 92 14.19 17.09 -31.02
C LEU A 92 15.36 17.97 -30.58
N GLN A 93 15.34 18.39 -29.30
CA GLN A 93 16.38 19.26 -28.78
C GLN A 93 17.44 18.45 -28.11
N TRP A 94 18.69 18.80 -28.37
CA TRP A 94 19.81 18.09 -27.78
C TRP A 94 20.84 19.11 -27.28
N LEU A 95 21.44 18.82 -26.15
CA LEU A 95 22.43 19.72 -25.60
C LEU A 95 23.62 18.99 -24.96
N GLN A 96 24.81 19.32 -25.39
CA GLN A 96 25.97 18.67 -24.81
C GLN A 96 26.87 19.82 -24.52
N GLY A 97 27.83 19.59 -23.65
CA GLY A 97 28.75 20.63 -23.30
C GLY A 97 29.39 20.26 -22.00
N CYS A 98 30.32 21.09 -21.56
CA CYS A 98 31.05 20.81 -20.35
C CYS A 98 31.52 22.11 -19.79
N ASP A 99 31.73 22.14 -18.47
CA ASP A 99 32.25 23.30 -17.79
C ASP A 99 33.57 22.84 -17.18
N VAL A 100 34.65 23.42 -17.66
CA VAL A 100 35.96 23.09 -17.18
C VAL A 100 36.34 24.06 -16.08
N GLU A 101 37.46 23.82 -15.43
CA GLU A 101 37.94 24.68 -14.35
C GLU A 101 39.19 24.04 -13.77
N PRO A 102 40.27 23.96 -14.57
CA PRO A 102 41.55 23.38 -14.18
C PRO A 102 42.07 23.68 -12.76
N ASP A 103 41.85 24.91 -12.27
CA ASP A 103 42.30 25.28 -10.91
C ASP A 103 41.84 24.21 -9.93
N ARG A 104 40.89 23.40 -10.38
CA ARG A 104 40.35 22.31 -9.58
C ARG A 104 40.29 21.07 -10.48
N HIS A 105 40.97 21.15 -11.62
CA HIS A 105 41.04 20.07 -12.61
C HIS A 105 39.64 19.53 -12.87
N LEU A 106 38.64 20.36 -12.59
CA LEU A 106 37.24 19.96 -12.76
C LEU A 106 36.73 19.97 -14.21
N CYS A 107 35.79 19.06 -14.48
CA CYS A 107 35.12 18.93 -15.77
C CYS A 107 33.74 18.28 -15.63
N LEU A 108 32.69 18.88 -16.17
CA LEU A 108 31.37 18.29 -16.08
C LEU A 108 30.75 18.14 -17.47
N TRP A 109 30.46 16.91 -17.83
CA TRP A 109 29.93 16.60 -19.12
C TRP A 109 28.43 16.65 -19.18
N TYR A 110 27.81 17.55 -19.93
CA TYR A 110 26.34 17.50 -19.97
C TYR A 110 25.89 16.90 -21.28
N ASN A 111 24.70 16.28 -21.28
CA ASN A 111 24.15 15.60 -22.46
C ASN A 111 22.64 15.36 -22.32
N GLN A 112 21.83 16.36 -22.63
CA GLN A 112 20.39 16.21 -22.46
C GLN A 112 19.62 16.37 -23.75
N LEU A 113 18.59 15.56 -23.91
CA LEU A 113 17.76 15.62 -25.09
C LEU A 113 16.34 15.78 -24.63
N ALA A 114 15.44 16.17 -25.51
CA ALA A 114 14.04 16.33 -25.12
C ALA A 114 13.24 16.22 -26.39
N TYR A 115 12.07 15.57 -26.32
CA TYR A 115 11.25 15.42 -27.49
C TYR A 115 10.46 16.68 -27.65
N ASP A 116 9.14 16.58 -27.65
CA ASP A 116 8.41 17.78 -27.85
C ASP A 116 8.61 18.88 -26.84
N SER A 117 8.86 18.51 -25.60
CA SER A 117 9.10 19.55 -24.60
C SER A 117 9.42 18.83 -23.33
N GLU A 118 9.36 17.50 -23.42
CA GLU A 118 9.64 16.65 -22.28
C GLU A 118 11.01 15.99 -22.44
N ASP A 119 11.74 15.94 -21.34
CA ASP A 119 13.06 15.35 -21.36
C ASP A 119 12.95 13.88 -21.66
N LEU A 120 14.05 13.29 -22.08
CA LEU A 120 14.07 11.88 -22.40
C LEU A 120 14.90 11.08 -21.42
N PRO A 121 14.28 10.10 -20.79
CA PRO A 121 15.03 9.30 -19.83
C PRO A 121 16.23 8.70 -20.55
N THR A 122 17.43 9.03 -20.09
CA THR A 122 18.68 8.53 -20.66
C THR A 122 19.42 7.76 -19.58
N LEU A 123 20.34 6.89 -19.98
CA LEU A 123 21.09 6.14 -18.99
C LEU A 123 22.02 7.05 -18.21
N ASN A 124 22.25 8.24 -18.72
CA ASN A 124 23.18 9.15 -18.09
C ASN A 124 22.71 9.93 -16.89
N GLU A 125 23.61 10.07 -15.94
CA GLU A 125 23.31 10.89 -14.76
C GLU A 125 23.67 12.32 -15.12
N ASN A 126 22.98 12.72 -16.17
CA ASN A 126 23.29 13.98 -16.82
C ASN A 126 24.64 14.49 -16.36
N PRO A 127 24.74 15.31 -15.30
CA PRO A 127 26.10 15.80 -15.02
C PRO A 127 27.04 14.65 -14.60
N SER A 128 28.11 14.47 -15.39
CA SER A 128 29.11 13.42 -15.20
C SER A 128 30.50 14.03 -15.41
N SER A 129 31.55 13.21 -15.34
CA SER A 129 32.94 13.68 -15.51
C SER A 129 33.47 13.49 -16.94
N CYS A 130 34.51 14.25 -17.28
CA CYS A 130 35.13 14.21 -18.60
C CYS A 130 36.66 14.21 -18.55
N THR A 131 37.17 13.57 -17.50
CA THR A 131 38.59 13.43 -17.31
C THR A 131 38.77 11.95 -17.00
N VAL A 132 39.35 11.21 -17.94
CA VAL A 132 39.56 9.77 -17.78
C VAL A 132 41.01 9.37 -17.57
N GLY A 133 41.22 8.43 -16.66
CA GLY A 133 42.56 8.03 -16.33
C GLY A 133 42.79 6.55 -16.10
N ASN A 134 43.59 6.05 -17.00
CA ASN A 134 44.08 4.71 -16.99
C ASN A 134 45.53 4.85 -17.41
N SER A 135 46.30 3.82 -17.25
CA SER A 135 47.71 3.92 -17.57
C SER A 135 48.02 3.47 -18.97
N THR A 136 47.35 4.09 -19.95
CA THR A 136 47.54 3.68 -21.36
C THR A 136 47.61 4.85 -22.35
N VAL A 137 47.82 4.54 -23.64
CA VAL A 137 47.89 5.57 -24.69
C VAL A 137 46.73 5.46 -25.70
N PRO A 138 46.70 4.34 -26.50
CA PRO A 138 45.53 4.22 -27.44
C PRO A 138 44.17 4.36 -26.87
N HIS A 139 43.27 4.76 -27.76
CA HIS A 139 41.89 5.05 -27.48
C HIS A 139 41.23 5.39 -28.77
N ILE A 140 39.96 5.58 -28.68
CA ILE A 140 39.26 6.07 -29.81
C ILE A 140 38.80 7.44 -29.39
N SER A 141 39.62 8.45 -29.69
CA SER A 141 39.20 9.77 -29.33
C SER A 141 38.40 10.34 -30.51
N GLN A 142 37.06 10.37 -30.27
CA GLN A 142 36.04 10.86 -31.23
C GLN A 142 34.65 11.01 -30.58
N ASP A 143 34.66 11.14 -29.26
CA ASP A 143 33.46 11.36 -28.45
C ASP A 143 33.51 12.81 -28.00
N LEU A 144 32.50 13.59 -28.40
CA LEU A 144 32.49 15.00 -28.02
C LEU A 144 32.75 15.21 -26.53
N LYS A 145 32.54 14.16 -25.76
CA LYS A 145 32.74 14.18 -24.32
C LYS A 145 34.21 14.27 -23.97
N SER A 146 35.04 13.58 -24.74
CA SER A 146 36.47 13.53 -24.46
C SER A 146 37.25 14.75 -24.99
N HIS A 147 36.61 15.65 -25.76
CA HIS A 147 37.30 16.80 -26.32
C HIS A 147 36.74 18.11 -25.81
N CYS A 148 35.44 18.08 -25.53
CA CYS A 148 34.76 19.25 -25.00
C CYS A 148 35.77 20.12 -24.27
N SER A 149 36.48 19.55 -23.31
CA SER A 149 37.49 20.33 -22.57
C SER A 149 38.47 20.94 -23.55
N ASP A 150 39.16 20.06 -24.27
CA ASP A 150 40.13 20.49 -25.26
C ASP A 150 39.54 21.58 -26.14
N LEU A 151 38.39 21.28 -26.75
CA LEU A 151 37.76 22.27 -27.61
C LEU A 151 37.61 23.57 -26.86
N LEU A 152 37.12 23.49 -25.62
CA LEU A 152 36.93 24.68 -24.82
C LEU A 152 38.27 25.40 -24.80
N GLN A 153 39.32 24.63 -24.56
CA GLN A 153 40.65 25.20 -24.53
C GLN A 153 40.83 25.95 -25.85
N LYS A 154 40.84 25.21 -26.95
CA LYS A 154 41.01 25.83 -28.26
C LYS A 154 40.31 27.18 -28.29
N TYR A 155 38.98 27.14 -28.23
CA TYR A 155 38.18 28.35 -28.24
C TYR A 155 38.75 29.46 -27.38
N LEU A 156 39.02 29.12 -26.12
CA LEU A 156 39.55 30.09 -25.17
C LEU A 156 40.85 30.70 -25.64
N GLU A 157 41.78 29.85 -26.05
CA GLU A 157 43.07 30.31 -26.50
C GLU A 157 42.85 31.09 -27.77
N LYS A 158 42.24 30.46 -28.75
CA LYS A 158 42.01 31.12 -30.02
C LYS A 158 41.01 32.27 -29.93
N GLY A 159 40.69 32.68 -28.71
CA GLY A 159 39.72 33.75 -28.59
C GLY A 159 39.89 34.63 -27.36
N LYS A 160 40.89 34.35 -26.56
CA LYS A 160 41.19 35.06 -25.32
C LYS A 160 40.67 36.49 -25.36
N GLU A 161 40.72 37.19 -26.47
CA GLU A 161 40.31 38.59 -26.52
C GLU A 161 38.84 38.75 -26.17
N ARG A 162 37.95 38.27 -27.03
CA ARG A 162 36.53 38.43 -26.76
C ARG A 162 36.04 37.50 -25.67
N LEU A 163 36.49 36.25 -25.66
CA LEU A 163 36.03 35.34 -24.63
C LEU A 163 36.61 35.61 -23.26
N LEU A 164 37.93 35.68 -23.15
CA LEU A 164 38.46 35.97 -21.83
C LEU A 164 38.48 37.46 -21.57
N ARG A 165 37.34 37.99 -21.30
CA ARG A 165 37.23 39.40 -21.06
C ARG A 165 36.01 39.73 -20.21
N SER A 166 36.09 40.89 -19.58
CA SER A 166 35.07 41.43 -18.72
C SER A 166 34.83 42.90 -19.09
N ASP A 167 33.67 43.17 -19.64
CA ASP A 167 33.25 44.52 -19.96
C ASP A 167 32.23 44.90 -18.91
N PRO A 168 32.59 45.77 -17.95
CA PRO A 168 31.68 46.16 -16.88
C PRO A 168 30.36 46.77 -17.34
N PRO A 169 29.40 46.89 -16.41
CA PRO A 169 28.09 47.45 -16.69
C PRO A 169 28.16 48.95 -16.41
N LYS A 170 27.62 49.76 -17.31
CA LYS A 170 27.60 51.21 -17.10
C LYS A 170 26.19 51.43 -16.55
N ALA A 171 26.07 52.07 -15.39
CA ALA A 171 24.74 52.19 -14.80
C ALA A 171 24.21 53.55 -14.40
N HIS A 172 22.98 53.82 -14.84
CA HIS A 172 22.30 55.06 -14.48
C HIS A 172 20.90 54.75 -13.98
N VAL A 173 20.33 55.73 -13.29
CA VAL A 173 19.00 55.59 -12.72
C VAL A 173 18.16 56.68 -13.29
N THR A 174 16.94 56.34 -13.65
CA THR A 174 16.08 57.30 -14.23
C THR A 174 14.85 57.54 -13.36
N ARG A 175 14.44 58.77 -13.41
CA ARG A 175 13.30 59.23 -12.69
C ARG A 175 12.25 59.64 -13.72
N HIS A 176 11.24 58.83 -13.95
CA HIS A 176 10.18 59.24 -14.85
C HIS A 176 8.87 58.99 -14.11
N PRO A 177 8.49 59.89 -13.18
CA PRO A 177 7.27 59.83 -12.36
C PRO A 177 6.01 59.26 -13.00
N ARG A 178 5.12 58.77 -12.16
CA ARG A 178 3.87 58.19 -12.66
C ARG A 178 2.73 59.09 -12.24
N PRO A 179 1.55 58.83 -12.87
CA PRO A 179 0.30 59.61 -12.60
C PRO A 179 -0.13 59.83 -11.19
N GLU A 180 -0.49 58.71 -10.55
CA GLU A 180 -0.98 58.68 -9.17
C GLU A 180 0.14 58.70 -8.09
N GLY A 181 0.35 59.87 -7.50
CA GLY A 181 1.30 60.17 -6.38
C GLY A 181 2.58 59.35 -6.03
N ASP A 182 3.27 58.67 -6.95
CA ASP A 182 4.52 57.98 -6.49
C ASP A 182 5.49 57.82 -7.64
N VAL A 183 6.67 58.43 -7.51
CA VAL A 183 7.71 58.38 -8.57
C VAL A 183 8.22 56.95 -8.89
N THR A 184 8.69 56.79 -10.13
CA THR A 184 9.23 55.53 -10.60
C THR A 184 10.72 55.67 -10.92
N LEU A 185 11.51 54.88 -10.18
CA LEU A 185 12.95 54.90 -10.34
C LEU A 185 13.43 53.64 -11.03
N ARG A 186 13.96 53.80 -12.24
CA ARG A 186 14.45 52.70 -13.03
C ARG A 186 15.97 52.64 -13.00
N CYS A 187 16.52 51.53 -12.55
CA CYS A 187 17.97 51.40 -12.46
C CYS A 187 18.51 50.73 -13.71
N TRP A 188 19.46 51.36 -14.40
CA TRP A 188 19.98 50.78 -15.63
C TRP A 188 21.36 50.22 -15.60
N ALA A 189 21.49 49.18 -16.39
CA ALA A 189 22.70 48.45 -16.58
C ALA A 189 22.84 48.18 -18.07
N LEU A 190 23.85 48.74 -18.70
CA LEU A 190 24.02 48.57 -20.13
C LEU A 190 25.38 48.06 -20.54
N GLY A 191 25.37 47.16 -21.52
CA GLY A 191 26.61 46.61 -22.03
C GLY A 191 27.54 46.10 -20.95
N PHE A 192 27.18 44.98 -20.35
CA PHE A 192 28.01 44.32 -19.34
C PHE A 192 28.13 42.97 -20.01
N TYR A 193 29.22 42.24 -19.80
CA TYR A 193 29.30 41.00 -20.53
C TYR A 193 28.59 39.76 -20.03
N PRO A 194 29.28 38.89 -19.26
CA PRO A 194 28.48 37.75 -18.87
C PRO A 194 27.06 38.21 -18.51
N ALA A 195 26.07 37.52 -19.07
CA ALA A 195 24.70 37.91 -18.80
C ALA A 195 24.39 37.95 -17.31
N ASP A 196 25.14 37.19 -16.49
CA ASP A 196 24.81 37.19 -15.08
C ASP A 196 25.11 38.53 -14.47
N ILE A 197 24.01 39.24 -14.24
CA ILE A 197 23.97 40.54 -13.60
C ILE A 197 22.84 40.49 -12.61
N THR A 198 23.07 40.94 -11.39
CA THR A 198 22.00 40.97 -10.42
C THR A 198 21.83 42.41 -9.92
N LEU A 199 20.73 43.09 -10.26
CA LEU A 199 20.58 44.49 -9.84
C LEU A 199 19.64 44.57 -8.65
N THR A 200 19.91 45.48 -7.73
CA THR A 200 19.05 45.53 -6.58
C THR A 200 18.74 46.89 -5.96
N TRP A 201 17.45 47.11 -5.69
CA TRP A 201 16.97 48.33 -5.06
C TRP A 201 16.90 48.12 -3.57
N GLN A 202 17.14 49.18 -2.82
CA GLN A 202 17.15 49.09 -1.37
C GLN A 202 17.06 50.46 -0.70
N LEU A 203 17.04 50.35 0.62
CA LEU A 203 17.03 51.49 1.56
C LEU A 203 18.23 51.31 2.48
N ASN A 204 19.30 52.02 2.17
CA ASN A 204 20.48 51.80 2.96
C ASN A 204 20.31 50.48 3.73
N GLY A 205 19.31 50.45 4.56
CA GLY A 205 19.01 49.28 5.33
C GLY A 205 18.91 48.05 4.45
N GLU A 206 17.68 47.65 4.14
CA GLU A 206 17.46 46.42 3.40
C GLU A 206 17.29 46.55 1.90
N GLU A 207 16.92 45.41 1.31
CA GLU A 207 16.72 45.26 -0.12
C GLU A 207 15.21 45.14 -0.39
N LEU A 208 14.78 45.49 -1.60
CA LEU A 208 13.36 45.44 -1.97
C LEU A 208 13.03 44.28 -2.88
N THR A 209 13.78 43.20 -2.71
CA THR A 209 13.60 42.00 -3.49
C THR A 209 12.16 41.61 -3.74
N GLN A 210 11.26 41.88 -2.80
CA GLN A 210 9.87 41.45 -3.00
C GLN A 210 8.92 42.39 -3.73
N ASP A 211 9.31 43.63 -3.96
CA ASP A 211 8.42 44.54 -4.66
C ASP A 211 9.17 45.28 -5.75
N MET A 212 9.49 44.57 -6.81
CA MET A 212 10.23 45.15 -7.93
C MET A 212 9.74 44.67 -9.30
N GLU A 213 10.06 45.41 -10.34
CA GLU A 213 9.71 45.04 -11.70
C GLU A 213 11.04 44.71 -12.35
N LEU A 214 11.23 43.44 -12.71
CA LEU A 214 12.46 42.99 -13.33
C LEU A 214 12.29 42.45 -14.75
N VAL A 215 13.03 43.04 -15.68
CA VAL A 215 13.00 42.62 -17.07
C VAL A 215 14.00 41.49 -17.19
N GLU A 216 13.62 40.39 -17.79
CA GLU A 216 14.65 39.37 -17.95
C GLU A 216 15.77 40.03 -18.76
N THR A 217 17.00 39.78 -18.33
CA THR A 217 18.17 40.41 -18.94
C THR A 217 18.27 40.16 -20.44
N ARG A 218 18.15 41.24 -21.23
CA ARG A 218 18.17 41.14 -22.69
C ARG A 218 19.58 41.39 -23.30
N PRO A 219 19.79 40.95 -24.55
CA PRO A 219 21.05 41.12 -25.26
C PRO A 219 21.06 42.28 -26.23
N ALA A 220 22.22 42.89 -26.43
CA ALA A 220 22.35 43.96 -27.39
C ALA A 220 23.26 43.35 -28.45
N GLY A 221 23.04 43.71 -29.70
CA GLY A 221 23.82 43.13 -30.79
C GLY A 221 25.33 43.31 -30.90
N ASP A 222 26.01 43.61 -29.80
CA ASP A 222 27.46 43.80 -29.86
C ASP A 222 28.20 42.82 -28.96
N GLY A 223 27.47 41.91 -28.33
CA GLY A 223 28.11 40.95 -27.47
C GLY A 223 28.05 41.36 -26.03
N THR A 224 27.04 42.14 -25.68
CA THR A 224 26.87 42.58 -24.30
C THR A 224 25.42 42.42 -23.92
N PHE A 225 25.17 42.46 -22.62
CA PHE A 225 23.81 42.33 -22.11
C PHE A 225 23.42 43.58 -21.34
N GLN A 226 22.11 43.85 -21.30
CA GLN A 226 21.56 45.02 -20.60
C GLN A 226 20.35 44.58 -19.82
N LYS A 227 20.20 45.13 -18.63
CA LYS A 227 19.09 44.78 -17.79
C LYS A 227 18.61 45.96 -16.98
N TRP A 228 17.31 45.95 -16.65
CA TRP A 228 16.79 46.99 -15.81
C TRP A 228 15.81 46.50 -14.75
N ALA A 229 15.80 47.22 -13.63
CA ALA A 229 14.95 46.91 -12.50
C ALA A 229 14.58 48.25 -11.90
N ALA A 230 13.29 48.45 -11.67
CA ALA A 230 12.79 49.71 -11.11
C ALA A 230 11.77 49.47 -10.00
N VAL A 231 11.31 50.58 -9.40
CA VAL A 231 10.32 50.56 -8.32
C VAL A 231 9.61 51.90 -8.18
N VAL A 232 8.53 51.90 -7.40
CA VAL A 232 7.71 53.07 -7.14
C VAL A 232 8.12 53.80 -5.87
N VAL A 233 8.78 54.95 -6.04
CA VAL A 233 9.26 55.73 -4.92
C VAL A 233 8.48 57.02 -4.69
N PRO A 234 8.12 57.30 -3.42
CA PRO A 234 7.38 58.52 -3.11
C PRO A 234 8.13 59.79 -3.51
N LEU A 235 7.46 60.68 -4.23
CA LEU A 235 8.04 61.94 -4.70
C LEU A 235 8.82 62.69 -3.63
N GLY A 236 8.52 62.39 -2.37
CA GLY A 236 9.22 63.06 -1.27
C GLY A 236 10.58 62.44 -1.01
N LYS A 237 10.58 61.33 -0.28
CA LYS A 237 11.81 60.59 0.07
C LYS A 237 12.71 60.62 -1.14
N GLU A 238 12.19 60.05 -2.23
CA GLU A 238 12.84 60.02 -3.54
C GLU A 238 14.35 59.85 -3.58
N GLN A 239 15.01 59.58 -2.47
CA GLN A 239 16.47 59.46 -2.55
C GLN A 239 17.09 58.52 -1.54
N SER A 240 16.31 58.11 -0.55
CA SER A 240 16.83 57.19 0.43
C SER A 240 16.74 55.77 -0.16
N TYR A 241 16.68 55.73 -1.48
CA TYR A 241 16.62 54.48 -2.22
C TYR A 241 17.87 54.41 -3.08
N THR A 242 18.71 53.42 -2.83
CA THR A 242 19.93 53.27 -3.61
C THR A 242 19.84 52.05 -4.51
N CYS A 243 20.58 52.05 -5.59
CA CYS A 243 20.61 50.95 -6.51
C CYS A 243 21.95 50.29 -6.40
N HIS A 244 21.98 49.13 -5.74
CA HIS A 244 23.20 48.37 -5.63
C HIS A 244 23.21 47.45 -6.83
N VAL A 245 24.24 47.56 -7.65
CA VAL A 245 24.35 46.75 -8.84
C VAL A 245 25.56 45.87 -8.63
N TYR A 246 25.39 44.58 -8.95
CA TYR A 246 26.46 43.61 -8.77
C TYR A 246 26.75 42.94 -10.09
N HIS A 247 28.04 42.70 -10.31
CA HIS A 247 28.48 42.10 -11.55
C HIS A 247 29.90 41.58 -11.42
N GLU A 248 30.32 40.83 -12.43
CA GLU A 248 31.67 40.25 -12.48
C GLU A 248 32.74 41.31 -12.74
N GLY A 249 32.43 42.23 -13.63
CA GLY A 249 33.38 43.27 -13.98
C GLY A 249 33.73 44.16 -12.76
N LEU A 250 32.80 45.04 -12.38
CA LEU A 250 33.03 45.95 -11.27
C LEU A 250 33.18 45.25 -9.93
N PRO A 251 34.37 45.35 -9.32
CA PRO A 251 34.62 44.71 -8.02
C PRO A 251 33.71 45.35 -7.01
N GLU A 252 33.96 46.64 -6.80
CA GLU A 252 33.18 47.43 -5.87
C GLU A 252 31.73 47.51 -6.29
N PRO A 253 30.85 46.74 -5.63
CA PRO A 253 29.44 46.76 -6.00
C PRO A 253 29.01 48.21 -6.24
N LEU A 254 28.56 48.46 -7.47
CA LEU A 254 28.09 49.77 -7.90
C LEU A 254 26.87 50.16 -7.11
N ILE A 255 26.82 51.41 -6.66
CA ILE A 255 25.68 51.93 -5.92
C ILE A 255 25.19 53.18 -6.64
N LEU A 256 23.88 53.25 -6.85
CA LEU A 256 23.29 54.35 -7.56
C LEU A 256 22.13 55.01 -6.87
N ARG A 257 22.25 56.34 -6.87
CA ARG A 257 21.27 57.26 -6.40
C ARG A 257 20.95 58.17 -7.54
N TRP A 258 19.99 59.04 -7.44
CA TRP A 258 19.75 59.87 -8.61
C TRP A 258 20.81 60.93 -8.72
N GLY A 259 20.72 61.72 -9.79
CA GLY A 259 21.64 62.82 -10.02
C GLY A 259 22.37 63.51 -8.89
N GLY A 260 21.68 63.79 -7.80
CA GLY A 260 22.32 64.47 -6.68
C GLY A 260 22.33 63.70 -5.37
N ALA B 1 -0.58 13.26 -25.88
CA ALA B 1 -1.67 14.09 -25.31
C ALA B 1 -1.34 15.57 -25.45
N ASP B 2 -2.17 16.42 -24.85
CA ASP B 2 -2.00 17.87 -24.90
C ASP B 2 -0.55 18.31 -24.71
N PRO B 3 0.07 18.87 -25.76
CA PRO B 3 1.47 19.32 -25.68
C PRO B 3 1.58 20.55 -24.77
N ILE B 4 2.75 20.74 -24.18
CA ILE B 4 2.95 21.87 -23.29
C ILE B 4 3.58 23.04 -24.04
N GLN B 5 2.75 23.98 -24.50
CA GLN B 5 3.27 25.11 -25.24
C GLN B 5 3.48 26.34 -24.40
N ARG B 6 4.47 27.14 -24.79
CA ARG B 6 4.83 28.35 -24.07
C ARG B 6 4.89 29.55 -25.00
N THR B 7 4.07 30.54 -24.70
CA THR B 7 3.98 31.78 -25.46
C THR B 7 5.30 32.51 -25.52
N PRO B 8 5.45 33.43 -26.49
CA PRO B 8 6.67 34.21 -26.66
C PRO B 8 6.63 35.49 -25.83
N LYS B 9 7.80 35.88 -25.34
CA LYS B 9 7.94 37.11 -24.56
C LYS B 9 8.57 38.05 -25.56
N ILE B 10 8.36 39.34 -25.36
CA ILE B 10 8.93 40.32 -26.27
C ILE B 10 9.45 41.55 -25.57
N GLN B 11 10.59 42.02 -26.05
CA GLN B 11 11.23 43.20 -25.53
C GLN B 11 11.78 43.97 -26.72
N VAL B 12 11.25 45.17 -26.95
CA VAL B 12 11.72 46.00 -28.04
C VAL B 12 12.44 47.17 -27.42
N TYR B 13 13.64 47.43 -27.92
CA TYR B 13 14.45 48.54 -27.38
C TYR B 13 15.64 48.91 -28.28
N SER B 14 16.34 49.93 -27.87
CA SER B 14 17.51 50.44 -28.57
C SER B 14 18.76 49.70 -28.12
N ARG B 15 19.67 49.45 -29.05
CA ARG B 15 20.93 48.81 -28.74
C ARG B 15 21.66 49.75 -27.80
N HIS B 16 21.74 51.02 -28.21
CA HIS B 16 22.40 52.05 -27.43
C HIS B 16 21.40 53.11 -26.96
N PRO B 17 21.77 53.87 -25.92
CA PRO B 17 20.87 54.91 -25.44
C PRO B 17 20.52 55.72 -26.68
N ALA B 18 19.31 55.52 -27.20
CA ALA B 18 18.91 56.21 -28.41
C ALA B 18 18.84 57.73 -28.25
N GLU B 19 19.26 58.38 -29.33
CA GLU B 19 19.27 59.83 -29.52
C GLU B 19 18.92 60.02 -30.98
N ASN B 20 17.78 60.63 -31.27
CA ASN B 20 17.37 60.85 -32.63
C ASN B 20 18.37 61.78 -33.32
N GLY B 21 18.83 61.37 -34.50
CA GLY B 21 19.77 62.16 -35.25
C GLY B 21 20.94 61.26 -35.63
N LYS B 22 21.70 60.83 -34.63
CA LYS B 22 22.83 59.94 -34.87
C LYS B 22 22.30 58.51 -34.83
N SER B 23 22.95 57.61 -35.56
CA SER B 23 22.50 56.23 -35.66
C SER B 23 22.48 55.33 -34.42
N ASN B 24 21.77 54.21 -34.57
CA ASN B 24 21.56 53.24 -33.54
C ASN B 24 20.84 52.05 -34.18
N PHE B 25 20.71 50.94 -33.44
CA PHE B 25 20.04 49.73 -33.98
C PHE B 25 18.73 49.42 -33.26
N LEU B 26 17.71 48.96 -33.97
CA LEU B 26 16.48 48.65 -33.28
C LEU B 26 16.44 47.15 -32.97
N ASN B 27 16.08 46.80 -31.73
CA ASN B 27 16.04 45.42 -31.33
C ASN B 27 14.74 44.91 -30.75
N CYS B 28 14.13 43.93 -31.42
CA CYS B 28 12.90 43.29 -30.92
C CYS B 28 13.35 41.91 -30.47
N TYR B 29 13.43 41.70 -29.16
CA TYR B 29 13.88 40.45 -28.57
C TYR B 29 12.72 39.54 -28.24
N VAL B 30 12.82 38.26 -28.57
CA VAL B 30 11.73 37.36 -28.23
C VAL B 30 12.29 36.18 -27.50
N SER B 31 11.57 35.73 -26.47
CA SER B 31 12.07 34.62 -25.68
C SER B 31 11.05 33.86 -24.86
N GLY B 32 11.36 32.60 -24.61
CA GLY B 32 10.48 31.79 -23.81
C GLY B 32 9.32 31.10 -24.48
N PHE B 33 9.22 31.25 -25.79
CA PHE B 33 8.16 30.64 -26.57
C PHE B 33 8.68 29.27 -26.88
N HIS B 34 7.82 28.25 -26.93
CA HIS B 34 8.36 26.94 -27.25
C HIS B 34 8.31 26.55 -28.70
N PRO B 35 7.11 26.29 -29.22
CA PRO B 35 7.18 25.92 -30.64
C PRO B 35 7.94 27.01 -31.41
N SER B 36 9.12 26.64 -31.89
CA SER B 36 10.02 27.55 -32.60
C SER B 36 9.46 28.26 -33.84
N ASP B 37 8.43 27.71 -34.47
CA ASP B 37 7.85 28.36 -35.64
C ASP B 37 7.27 29.67 -35.11
N ILE B 38 7.85 30.79 -35.53
CA ILE B 38 7.39 32.10 -35.04
C ILE B 38 7.58 33.19 -36.10
N GLU B 39 6.72 34.21 -36.08
CA GLU B 39 6.83 35.30 -37.04
C GLU B 39 7.10 36.64 -36.33
N VAL B 40 8.19 37.29 -36.72
CA VAL B 40 8.61 38.54 -36.12
C VAL B 40 9.05 39.61 -37.12
N ASP B 41 8.35 40.74 -37.10
CA ASP B 41 8.67 41.88 -37.96
C ASP B 41 8.65 43.21 -37.18
N LEU B 42 9.53 44.12 -37.58
CA LEU B 42 9.62 45.43 -36.97
C LEU B 42 8.77 46.37 -37.81
N LEU B 43 8.52 47.57 -37.31
CA LEU B 43 7.69 48.53 -38.05
C LEU B 43 8.18 49.96 -37.85
N LYS B 44 8.25 50.70 -38.95
CA LYS B 44 8.68 52.10 -38.92
C LYS B 44 7.43 52.96 -39.06
N ASN B 45 6.99 53.55 -37.95
CA ASN B 45 5.80 54.39 -38.00
C ASN B 45 4.64 53.62 -38.66
N GLY B 46 4.53 52.33 -38.42
CA GLY B 46 3.41 51.59 -38.97
C GLY B 46 3.67 50.41 -39.90
N GLU B 47 4.73 50.45 -40.72
CA GLU B 47 4.90 49.30 -41.61
C GLU B 47 6.14 48.42 -41.28
N ARG B 48 6.15 47.24 -41.91
CA ARG B 48 7.17 46.22 -41.75
C ARG B 48 8.50 46.63 -42.37
N ILE B 49 9.42 47.13 -41.55
CA ILE B 49 10.72 47.57 -42.03
C ILE B 49 11.34 46.59 -43.00
N GLU B 50 11.81 47.14 -44.12
CA GLU B 50 12.43 46.39 -45.20
C GLU B 50 13.16 45.13 -44.80
N LYS B 51 14.43 45.25 -44.43
CA LYS B 51 15.17 44.06 -44.03
C LYS B 51 15.76 44.12 -42.64
N VAL B 52 15.39 43.11 -41.85
CA VAL B 52 15.84 42.97 -40.47
C VAL B 52 16.44 41.58 -40.33
N GLU B 53 17.61 41.52 -39.72
CA GLU B 53 18.28 40.25 -39.49
C GLU B 53 17.98 39.81 -38.06
N HIS B 54 18.34 38.57 -37.75
CA HIS B 54 18.14 38.03 -36.41
C HIS B 54 19.23 37.00 -36.09
N SER B 55 19.29 36.58 -34.84
CA SER B 55 20.29 35.62 -34.36
C SER B 55 20.01 34.17 -34.71
N ASP B 56 20.94 33.28 -34.35
CA ASP B 56 20.71 31.88 -34.62
C ASP B 56 19.94 31.28 -33.44
N LEU B 57 18.88 30.58 -33.79
CA LEU B 57 17.96 29.93 -32.85
C LEU B 57 18.64 29.10 -31.77
N SER B 58 18.49 29.52 -30.53
CA SER B 58 19.02 28.86 -29.39
C SER B 58 17.91 28.78 -28.38
N PHE B 59 18.09 27.97 -27.36
CA PHE B 59 17.07 27.81 -26.33
C PHE B 59 17.74 27.78 -24.97
N SER B 60 16.92 27.76 -23.92
CA SER B 60 17.44 27.77 -22.56
C SER B 60 17.11 26.54 -21.71
N LYS B 61 17.67 26.50 -20.50
CA LYS B 61 17.46 25.40 -19.54
C LYS B 61 16.13 24.72 -19.70
N ASP B 62 15.04 25.48 -19.73
CA ASP B 62 13.73 24.86 -19.88
C ASP B 62 13.37 24.72 -21.36
N TRP B 63 14.39 24.44 -22.17
CA TRP B 63 14.24 24.26 -23.60
C TRP B 63 13.49 25.36 -24.32
N SER B 64 12.98 26.35 -23.60
CA SER B 64 12.25 27.42 -24.27
C SER B 64 13.19 28.07 -25.30
N PHE B 65 12.62 28.59 -26.38
CA PHE B 65 13.41 29.23 -27.42
C PHE B 65 13.55 30.74 -27.29
N TYR B 66 14.56 31.28 -27.96
CA TYR B 66 14.77 32.72 -27.93
C TYR B 66 15.50 33.24 -29.17
N LEU B 67 14.98 34.33 -29.72
CA LEU B 67 15.56 34.92 -30.90
C LEU B 67 15.42 36.42 -30.75
N LEU B 68 16.38 37.12 -31.34
CA LEU B 68 16.38 38.56 -31.30
C LEU B 68 16.58 39.05 -32.69
N TYR B 69 15.62 39.87 -33.10
CA TYR B 69 15.59 40.51 -34.41
C TYR B 69 16.05 41.94 -34.22
N TYR B 70 17.12 42.28 -34.92
CA TYR B 70 17.73 43.59 -34.83
C TYR B 70 17.80 44.24 -36.21
N THR B 71 17.76 45.57 -36.23
CA THR B 71 17.87 46.31 -37.47
C THR B 71 18.60 47.62 -37.28
N GLU B 72 18.93 48.26 -38.40
CA GLU B 72 19.63 49.52 -38.40
C GLU B 72 18.57 50.57 -38.52
N PHE B 73 18.42 51.39 -37.49
CA PHE B 73 17.44 52.45 -37.54
C PHE B 73 18.01 53.74 -36.94
N THR B 74 17.46 54.86 -37.38
CA THR B 74 17.90 56.15 -36.90
C THR B 74 16.73 56.75 -36.15
N PRO B 75 16.69 56.54 -34.84
CA PRO B 75 15.61 57.06 -34.02
C PRO B 75 15.42 58.53 -34.34
N THR B 76 14.18 58.98 -34.44
CA THR B 76 13.87 60.37 -34.75
C THR B 76 12.64 60.79 -33.98
N GLU B 77 12.86 61.52 -32.88
CA GLU B 77 11.79 61.96 -32.00
C GLU B 77 10.35 61.75 -32.47
N LYS B 78 10.05 62.07 -33.72
CA LYS B 78 8.68 61.87 -34.17
C LYS B 78 8.43 60.70 -35.12
N ASP B 79 9.09 59.59 -34.82
CA ASP B 79 8.93 58.38 -35.61
C ASP B 79 8.88 57.19 -34.65
N GLU B 80 7.71 56.56 -34.59
CA GLU B 80 7.47 55.42 -33.71
C GLU B 80 7.85 54.08 -34.33
N TYR B 81 8.33 53.17 -33.50
CA TYR B 81 8.71 51.85 -33.91
C TYR B 81 8.01 50.81 -33.05
N ALA B 82 7.89 49.57 -33.51
CA ALA B 82 7.25 48.55 -32.69
C ALA B 82 7.43 47.13 -33.24
N CYS B 83 7.07 46.13 -32.44
CA CYS B 83 7.27 44.77 -32.89
C CYS B 83 6.00 44.01 -33.21
N ARG B 84 6.09 43.15 -34.23
CA ARG B 84 4.98 42.32 -34.66
C ARG B 84 5.43 40.86 -34.52
N VAL B 85 4.80 40.16 -33.59
CA VAL B 85 5.14 38.77 -33.35
C VAL B 85 3.85 37.99 -33.35
N ASN B 86 3.80 36.95 -34.18
CA ASN B 86 2.61 36.09 -34.29
C ASN B 86 3.04 34.66 -34.00
N HIS B 87 2.39 34.02 -33.02
CA HIS B 87 2.74 32.65 -32.65
C HIS B 87 1.53 31.70 -32.71
N VAL B 88 1.80 30.41 -32.61
CA VAL B 88 0.75 29.40 -32.64
C VAL B 88 -0.01 29.49 -31.32
N THR B 89 0.52 30.28 -30.39
CA THR B 89 -0.09 30.42 -29.09
C THR B 89 -0.92 31.67 -28.83
N LEU B 90 -1.06 32.54 -29.82
CA LEU B 90 -1.83 33.76 -29.57
C LEU B 90 -2.97 34.08 -30.58
N SER B 91 -3.96 34.83 -30.08
CA SER B 91 -5.18 35.25 -30.82
C SER B 91 -4.92 36.00 -32.14
N GLN B 92 -4.26 37.13 -32.04
CA GLN B 92 -3.91 37.91 -33.21
C GLN B 92 -2.47 38.36 -33.02
N PRO B 93 -1.76 38.73 -34.10
CA PRO B 93 -0.38 39.19 -33.97
C PRO B 93 -0.32 40.24 -32.89
N LYS B 94 0.65 40.13 -31.99
CA LYS B 94 0.76 41.12 -30.93
C LYS B 94 1.73 42.23 -31.34
N ILE B 95 1.38 43.46 -30.98
CA ILE B 95 2.21 44.61 -31.31
C ILE B 95 2.85 45.13 -30.05
N VAL B 96 4.11 45.49 -30.16
CA VAL B 96 4.81 45.99 -28.98
C VAL B 96 5.42 47.33 -29.27
N LYS B 97 4.75 48.36 -28.73
CA LYS B 97 5.18 49.75 -28.79
C LYS B 97 6.56 49.88 -28.18
N TRP B 98 7.47 50.63 -28.82
CA TRP B 98 8.80 50.80 -28.28
C TRP B 98 8.92 52.17 -27.59
N ASP B 99 9.03 52.14 -26.27
CA ASP B 99 9.18 53.35 -25.47
C ASP B 99 10.66 53.47 -25.18
N ARG B 100 11.16 54.70 -25.08
CA ARG B 100 12.59 54.91 -24.87
C ARG B 100 13.23 54.46 -23.59
N ASP B 101 12.47 54.39 -22.51
CA ASP B 101 13.08 53.95 -21.28
C ASP B 101 13.04 52.43 -21.23
N MET B 102 11.85 51.85 -21.12
CA MET B 102 11.74 50.39 -21.07
C MET B 102 11.97 49.66 -22.40
N GLY C 1 -48.39 1.46 11.92
CA GLY C 1 -48.70 2.02 13.27
C GLY C 1 -47.78 1.56 14.41
N SER C 2 -46.51 1.88 14.31
CA SER C 2 -45.57 1.49 15.36
C SER C 2 -45.51 2.60 16.41
N HIS C 3 -45.64 2.23 17.67
CA HIS C 3 -45.60 3.21 18.76
C HIS C 3 -44.22 3.13 19.43
N SER C 4 -43.84 4.12 20.23
CA SER C 4 -42.50 4.06 20.80
C SER C 4 -42.17 4.91 22.01
N LEU C 5 -40.96 4.71 22.52
CA LEU C 5 -40.45 5.38 23.70
C LEU C 5 -38.92 5.54 23.67
N ARG C 6 -38.44 6.76 23.91
CA ARG C 6 -37.01 7.05 23.90
C ARG C 6 -36.63 8.06 25.00
N TYR C 7 -35.41 7.96 25.45
CA TYR C 7 -34.84 8.86 26.48
C TYR C 7 -33.63 9.51 25.89
N PHE C 8 -33.58 10.80 25.91
CA PHE C 8 -32.42 11.50 25.38
C PHE C 8 -31.63 12.04 26.54
N TYR C 9 -30.61 11.31 26.91
CA TYR C 9 -29.71 11.74 27.95
C TYR C 9 -28.81 12.81 27.36
N THR C 10 -28.46 13.86 28.07
CA THR C 10 -27.56 14.88 27.54
C THR C 10 -26.67 15.34 28.71
N ALA C 11 -25.36 15.36 28.54
CA ALA C 11 -24.48 15.79 29.62
C ALA C 11 -23.39 16.69 29.08
N VAL C 12 -23.03 17.72 29.82
CA VAL C 12 -22.01 18.66 29.35
C VAL C 12 -20.87 18.95 30.34
N SER C 13 -19.77 19.44 29.79
CA SER C 13 -18.58 19.77 30.56
C SER C 13 -18.44 21.27 30.70
N ARG C 14 -17.97 21.69 31.87
CA ARG C 14 -17.77 23.09 32.17
C ARG C 14 -16.32 23.24 32.64
N PRO C 15 -15.55 24.10 31.95
CA PRO C 15 -14.14 24.40 32.20
C PRO C 15 -13.73 24.47 33.66
N GLY C 16 -13.59 23.31 34.29
CA GLY C 16 -13.19 23.24 35.69
C GLY C 16 -14.20 23.72 36.70
N LEU C 17 -15.39 23.13 36.69
CA LEU C 17 -16.42 23.51 37.66
C LEU C 17 -16.74 22.28 38.51
N GLY C 18 -15.87 21.28 38.43
CA GLY C 18 -16.07 20.07 39.20
C GLY C 18 -17.19 19.24 38.62
N GLU C 19 -18.43 19.51 39.03
CA GLU C 19 -19.58 18.76 38.53
C GLU C 19 -20.10 19.27 37.19
N PRO C 20 -20.31 18.35 36.24
CA PRO C 20 -20.81 18.70 34.90
C PRO C 20 -22.25 19.24 34.91
N TRP C 21 -22.87 19.23 33.72
CA TRP C 21 -24.23 19.72 33.53
C TRP C 21 -24.99 18.65 32.77
N PHE C 22 -26.27 18.42 33.08
CA PHE C 22 -26.99 17.40 32.33
C PHE C 22 -28.51 17.34 32.46
N ILE C 23 -29.12 16.52 31.60
CA ILE C 23 -30.58 16.34 31.54
C ILE C 23 -31.01 14.99 30.98
N ILE C 24 -32.32 14.73 31.00
CA ILE C 24 -32.88 13.49 30.46
C ILE C 24 -34.34 13.55 30.06
N VAL C 25 -34.57 14.14 28.90
CA VAL C 25 -35.90 14.26 28.38
C VAL C 25 -36.31 12.85 27.93
N GLY C 26 -37.60 12.52 28.05
CA GLY C 26 -38.06 11.21 27.63
C GLY C 26 -39.34 11.43 26.84
N TYR C 27 -39.63 10.61 25.82
CA TYR C 27 -40.86 10.80 25.00
C TYR C 27 -41.48 9.49 24.57
N VAL C 28 -42.70 9.57 24.05
CA VAL C 28 -43.37 8.38 23.57
C VAL C 28 -44.18 8.84 22.39
N ASP C 29 -44.00 8.19 21.24
CA ASP C 29 -44.75 8.56 20.05
C ASP C 29 -44.91 10.10 20.01
N ASP C 30 -43.80 10.83 20.05
CA ASP C 30 -43.81 12.30 20.01
C ASP C 30 -44.40 13.07 21.20
N MET C 31 -44.69 12.39 22.30
CA MET C 31 -45.25 13.05 23.47
C MET C 31 -44.35 12.81 24.66
N GLN C 32 -44.00 13.89 25.36
CA GLN C 32 -43.16 13.83 26.53
C GLN C 32 -43.84 13.18 27.73
N VAL C 33 -43.22 12.13 28.29
CA VAL C 33 -43.82 11.41 29.42
C VAL C 33 -43.00 11.40 30.71
N LEU C 34 -41.76 11.92 30.68
CA LEU C 34 -40.87 11.87 31.85
C LEU C 34 -39.69 12.88 31.83
N ARG C 35 -39.04 13.07 32.99
CA ARG C 35 -37.96 14.06 33.02
C ARG C 35 -37.03 14.02 34.24
N PHE C 36 -35.75 14.42 34.03
CA PHE C 36 -34.70 14.32 35.07
C PHE C 36 -33.41 15.10 34.79
N SER C 37 -32.81 15.63 35.84
CA SER C 37 -31.57 16.42 35.76
C SER C 37 -30.91 16.59 37.10
N SER C 38 -29.76 17.20 37.10
CA SER C 38 -29.05 17.42 38.33
C SER C 38 -29.74 18.47 39.20
N LYS C 39 -29.51 18.42 40.50
CA LYS C 39 -30.16 19.36 41.41
C LYS C 39 -31.67 19.14 41.27
N GLU C 40 -32.02 17.87 41.13
CA GLU C 40 -33.40 17.42 41.03
C GLU C 40 -33.29 16.04 41.67
N GLU C 41 -34.24 15.72 42.53
CA GLU C 41 -34.23 14.46 43.24
C GLU C 41 -35.14 13.45 42.62
N THR C 42 -36.09 13.94 41.83
CA THR C 42 -37.03 13.01 41.24
C THR C 42 -37.51 13.25 39.81
N PRO C 43 -38.16 12.23 39.23
CA PRO C 43 -38.70 12.22 37.87
C PRO C 43 -40.10 12.83 37.75
N ARG C 44 -40.12 14.15 37.58
CA ARG C 44 -41.39 14.85 37.40
C ARG C 44 -42.00 14.29 36.15
N MET C 45 -42.83 13.26 36.33
CA MET C 45 -43.47 12.64 35.19
C MET C 45 -44.52 13.58 34.61
N ALA C 46 -45.17 13.10 33.54
CA ALA C 46 -46.19 13.87 32.83
C ALA C 46 -47.42 14.13 33.68
N PRO C 47 -47.74 15.41 33.89
CA PRO C 47 -48.91 15.77 34.70
C PRO C 47 -50.17 15.07 34.19
N TRP C 48 -50.28 15.00 32.87
CA TRP C 48 -51.42 14.38 32.22
C TRP C 48 -51.58 12.90 32.52
N LEU C 49 -50.64 12.35 33.22
CA LEU C 49 -50.73 10.98 33.59
C LEU C 49 -51.06 10.96 35.08
N GLU C 50 -52.33 10.78 35.41
CA GLU C 50 -52.73 10.67 36.81
C GLU C 50 -52.54 9.22 37.21
N GLN C 51 -51.38 8.90 37.77
CA GLN C 51 -51.07 7.55 38.23
C GLN C 51 -51.80 7.36 39.54
N GLU C 52 -51.99 6.10 40.00
CA GLU C 52 -52.73 5.92 41.24
C GLU C 52 -51.85 6.03 42.48
N GLU C 53 -52.30 6.85 43.42
CA GLU C 53 -51.65 7.14 44.71
C GLU C 53 -50.17 6.80 44.91
N ALA C 54 -49.81 5.52 44.84
CA ALA C 54 -48.43 5.11 45.03
C ALA C 54 -47.70 4.90 43.69
N ASP C 55 -46.46 5.37 43.62
CA ASP C 55 -45.66 5.24 42.40
C ASP C 55 -45.03 3.83 42.36
N ASN C 56 -45.74 2.90 41.72
CA ASN C 56 -45.30 1.51 41.63
C ASN C 56 -44.26 1.30 40.54
N TRP C 57 -43.95 2.37 39.83
CA TRP C 57 -42.98 2.29 38.74
C TRP C 57 -41.90 3.35 38.84
N GLU C 58 -40.73 2.91 39.31
CA GLU C 58 -39.59 3.80 39.49
C GLU C 58 -38.29 3.05 39.22
N GLN C 59 -38.37 1.76 38.89
CA GLN C 59 -37.14 1.00 38.63
C GLN C 59 -36.41 1.65 37.48
N GLN C 60 -37.13 2.51 36.77
CA GLN C 60 -36.57 3.25 35.65
C GLN C 60 -35.86 4.46 36.26
N THR C 61 -36.28 4.83 37.47
CA THR C 61 -35.70 5.95 38.21
C THR C 61 -34.33 5.52 38.73
N ARG C 62 -34.26 4.24 39.09
CA ARG C 62 -33.05 3.62 39.54
C ARG C 62 -32.06 3.83 38.45
N ILE C 63 -32.52 3.45 37.27
CA ILE C 63 -31.80 3.53 36.04
C ILE C 63 -31.25 4.92 35.77
N VAL C 64 -32.13 5.87 35.58
CA VAL C 64 -31.77 7.25 35.27
C VAL C 64 -30.71 7.87 36.19
N THR C 65 -31.03 7.94 37.47
CA THR C 65 -30.15 8.53 38.47
C THR C 65 -28.70 8.06 38.39
N ILE C 66 -28.51 6.74 38.49
CA ILE C 66 -27.16 6.19 38.42
C ILE C 66 -26.55 6.73 37.15
N GLN C 67 -27.36 6.84 36.11
CA GLN C 67 -26.90 7.36 34.83
C GLN C 67 -26.43 8.78 35.09
N GLY C 68 -27.14 9.44 36.00
CA GLY C 68 -26.76 10.80 36.35
C GLY C 68 -25.40 10.73 37.02
N GLN C 69 -25.30 9.95 38.08
CA GLN C 69 -24.02 9.86 38.76
C GLN C 69 -22.97 9.50 37.73
N LEU C 70 -23.06 8.28 37.20
CA LEU C 70 -22.13 7.75 36.20
C LEU C 70 -21.81 8.74 35.10
N SER C 71 -22.75 9.60 34.76
CA SER C 71 -22.58 10.61 33.73
C SER C 71 -21.20 11.27 33.77
N GLU C 72 -20.76 11.61 34.97
CA GLU C 72 -19.49 12.28 35.17
C GLU C 72 -18.30 11.46 34.70
N ARG C 73 -18.03 10.35 35.39
CA ARG C 73 -16.90 9.49 35.05
C ARG C 73 -16.79 9.29 33.56
N ASN C 74 -17.94 9.18 32.89
CA ASN C 74 -17.93 9.01 31.46
C ASN C 74 -17.27 10.20 30.82
N LEU C 75 -17.90 11.36 30.92
CA LEU C 75 -17.32 12.56 30.33
C LEU C 75 -15.85 12.61 30.71
N MET C 76 -15.55 12.04 31.88
CA MET C 76 -14.19 11.99 32.39
C MET C 76 -13.37 11.11 31.44
N THR C 77 -13.74 9.83 31.40
CA THR C 77 -13.08 8.84 30.57
C THR C 77 -13.05 9.24 29.11
N LEU C 78 -14.19 9.66 28.57
CA LEU C 78 -14.25 10.09 27.18
C LEU C 78 -13.13 11.11 26.89
N VAL C 79 -12.93 12.06 27.80
CA VAL C 79 -11.93 13.11 27.64
C VAL C 79 -10.48 12.65 27.48
N HIS C 80 -10.12 11.57 28.16
CA HIS C 80 -8.75 11.08 28.06
C HIS C 80 -8.57 10.16 26.86
N PHE C 81 -9.61 9.39 26.51
CA PHE C 81 -9.52 8.49 25.37
C PHE C 81 -9.10 9.25 24.11
N TYR C 82 -9.76 10.38 23.91
CA TYR C 82 -9.40 11.25 22.80
C TYR C 82 -8.52 12.34 23.38
N ASN C 83 -7.42 12.70 22.75
CA ASN C 83 -6.62 13.77 23.34
C ASN C 83 -7.47 15.03 23.41
N LYS C 84 -7.91 15.41 24.58
CA LYS C 84 -8.78 16.57 24.69
C LYS C 84 -8.58 17.33 26.00
N SER C 85 -8.21 18.60 25.89
CA SER C 85 -7.94 19.44 27.05
C SER C 85 -9.20 19.70 27.88
N MET C 86 -9.13 19.38 29.17
CA MET C 86 -10.26 19.56 30.07
C MET C 86 -10.64 21.03 30.22
N ASP C 87 -10.02 21.87 29.39
CA ASP C 87 -10.30 23.30 29.42
C ASP C 87 -11.37 23.70 28.40
N ASP C 88 -11.68 22.78 27.49
CA ASP C 88 -12.69 23.02 26.45
C ASP C 88 -13.99 22.30 26.80
N SER C 89 -15.07 23.07 26.88
CA SER C 89 -16.40 22.51 27.17
C SER C 89 -16.62 21.23 26.37
N HIS C 90 -17.20 20.22 26.99
CA HIS C 90 -17.45 18.95 26.29
C HIS C 90 -18.87 18.45 26.59
N THR C 91 -19.33 17.54 25.77
CA THR C 91 -20.68 17.03 25.91
C THR C 91 -20.84 15.59 25.51
N LEU C 92 -21.72 14.89 26.19
CA LEU C 92 -21.94 13.51 25.84
C LEU C 92 -23.43 13.27 25.71
N GLN C 93 -23.89 13.06 24.48
CA GLN C 93 -25.31 12.81 24.21
C GLN C 93 -25.55 11.34 24.07
N TRP C 94 -26.58 10.86 24.73
CA TRP C 94 -26.83 9.44 24.70
C TRP C 94 -28.30 9.22 24.49
N LEU C 95 -28.63 8.13 23.82
CA LEU C 95 -30.02 7.86 23.52
C LEU C 95 -30.38 6.42 23.50
N GLN C 96 -31.30 6.06 24.36
CA GLN C 96 -31.78 4.68 24.43
C GLN C 96 -33.27 4.75 24.31
N GLY C 97 -33.87 3.65 23.86
CA GLY C 97 -35.31 3.62 23.70
C GLY C 97 -35.70 2.47 22.81
N CYS C 98 -36.95 2.40 22.35
CA CYS C 98 -37.36 1.25 21.55
C CYS C 98 -38.70 1.43 20.83
N ASP C 99 -39.03 0.51 19.94
CA ASP C 99 -40.29 0.60 19.20
C ASP C 99 -41.20 -0.53 19.62
N VAL C 100 -42.45 -0.52 19.15
CA VAL C 100 -43.44 -1.54 19.52
C VAL C 100 -44.61 -1.70 18.53
N GLU C 101 -45.09 -2.95 18.41
CA GLU C 101 -46.22 -3.30 17.54
C GLU C 101 -46.41 -4.82 17.47
N PRO C 102 -47.56 -5.32 17.94
CA PRO C 102 -47.94 -6.74 17.97
C PRO C 102 -47.74 -7.66 16.73
N ASP C 103 -48.47 -7.44 15.65
CA ASP C 103 -48.37 -8.30 14.46
C ASP C 103 -47.17 -9.25 14.46
N ARG C 104 -46.02 -8.78 13.98
CA ARG C 104 -44.81 -9.61 13.93
C ARG C 104 -44.14 -9.68 15.30
N HIS C 105 -44.83 -9.18 16.34
CA HIS C 105 -44.28 -9.16 17.71
C HIS C 105 -43.03 -8.28 17.72
N LEU C 106 -43.20 -7.07 17.22
CA LEU C 106 -42.15 -6.07 17.05
C LEU C 106 -41.70 -5.47 18.39
N CYS C 107 -40.37 -5.51 18.60
CA CYS C 107 -39.75 -4.92 19.78
C CYS C 107 -38.25 -4.75 19.63
N LEU C 108 -37.87 -3.65 18.98
CA LEU C 108 -36.47 -3.32 18.76
C LEU C 108 -36.07 -2.20 19.72
N TRP C 109 -34.82 -2.25 20.18
CA TRP C 109 -34.33 -1.28 21.15
C TRP C 109 -33.09 -0.53 20.71
N TYR C 110 -33.13 0.80 20.80
CA TYR C 110 -31.99 1.61 20.40
C TYR C 110 -31.17 2.12 21.58
N ASN C 111 -29.86 1.93 21.51
CA ASN C 111 -28.94 2.37 22.55
C ASN C 111 -27.75 2.98 21.82
N GLN C 112 -27.69 4.31 21.72
CA GLN C 112 -26.60 5.01 21.00
C GLN C 112 -25.95 6.18 21.73
N LEU C 113 -24.63 6.32 21.65
CA LEU C 113 -23.98 7.43 22.34
C LEU C 113 -23.15 8.29 21.41
N ALA C 114 -22.87 9.53 21.81
CA ALA C 114 -22.08 10.43 20.97
C ALA C 114 -21.25 11.47 21.72
N TYR C 115 -19.95 11.42 21.47
CA TYR C 115 -19.04 12.33 22.11
C TYR C 115 -18.83 13.60 21.31
N ASP C 116 -19.26 14.72 21.86
CA ASP C 116 -19.13 16.00 21.18
C ASP C 116 -19.66 15.80 19.77
N SER C 117 -20.76 15.08 19.66
CA SER C 117 -21.35 14.84 18.35
C SER C 117 -20.45 13.87 17.57
N GLU C 118 -20.43 12.61 18.01
CA GLU C 118 -19.59 11.57 17.40
C GLU C 118 -20.11 10.22 17.81
N ASP C 119 -20.78 9.52 16.91
CA ASP C 119 -21.30 8.18 17.23
C ASP C 119 -20.15 7.43 17.91
N LEU C 120 -20.45 6.79 19.04
CA LEU C 120 -19.41 6.06 19.73
C LEU C 120 -19.54 4.57 19.45
N PRO C 121 -18.52 4.00 18.78
CA PRO C 121 -18.47 2.59 18.42
C PRO C 121 -18.90 1.66 19.56
N THR C 122 -20.16 1.26 19.58
CA THR C 122 -20.61 0.33 20.60
C THR C 122 -20.45 -0.96 19.86
N LEU C 123 -20.11 -2.05 20.52
CA LEU C 123 -19.91 -3.30 19.79
C LEU C 123 -21.17 -3.96 19.28
N ASN C 124 -22.20 -4.01 20.13
CA ASN C 124 -23.47 -4.62 19.76
C ASN C 124 -24.00 -4.05 18.46
N GLU C 125 -24.49 -4.91 17.57
CA GLU C 125 -25.07 -4.45 16.31
C GLU C 125 -26.06 -3.36 16.71
N ASN C 126 -26.49 -2.54 15.77
CA ASN C 126 -27.38 -1.46 16.16
C ASN C 126 -28.82 -1.89 16.47
N PRO C 127 -29.85 -1.35 15.78
CA PRO C 127 -31.20 -1.79 16.13
C PRO C 127 -31.37 -3.27 16.47
N SER C 128 -31.30 -3.58 17.77
CA SER C 128 -31.41 -4.95 18.26
C SER C 128 -32.81 -5.23 18.74
N SER C 129 -33.28 -6.46 18.48
CA SER C 129 -34.63 -6.88 18.88
C SER C 129 -34.62 -7.34 20.35
N CYS C 130 -35.81 -7.62 20.90
CA CYS C 130 -35.94 -7.98 22.31
C CYS C 130 -37.41 -8.28 22.73
N THR C 131 -37.87 -9.53 22.66
CA THR C 131 -39.25 -9.87 23.07
C THR C 131 -39.28 -11.12 23.94
N VAL C 132 -38.18 -11.87 23.87
CA VAL C 132 -38.06 -13.14 24.57
C VAL C 132 -37.36 -13.12 25.93
N GLY C 133 -37.65 -14.15 26.73
CA GLY C 133 -37.07 -14.30 28.06
C GLY C 133 -37.21 -15.75 28.49
N ASN C 134 -36.11 -16.36 28.95
CA ASN C 134 -36.10 -17.76 29.37
C ASN C 134 -37.35 -18.12 30.18
N SER C 135 -37.57 -19.42 30.37
CA SER C 135 -38.74 -19.90 31.12
C SER C 135 -38.48 -19.82 32.62
N THR C 136 -39.47 -19.31 33.36
CA THR C 136 -39.33 -19.19 34.81
C THR C 136 -38.07 -18.35 35.08
N VAL C 137 -38.05 -17.12 34.56
CA VAL C 137 -36.89 -16.25 34.73
C VAL C 137 -37.20 -14.75 34.81
N PRO C 138 -37.48 -14.24 36.02
CA PRO C 138 -37.76 -12.80 36.12
C PRO C 138 -36.43 -12.06 35.94
N HIS C 139 -36.42 -11.04 35.11
CA HIS C 139 -35.23 -10.26 34.85
C HIS C 139 -35.36 -8.87 35.45
N ILE C 140 -35.59 -8.84 36.76
CA ILE C 140 -35.79 -7.60 37.48
C ILE C 140 -34.54 -6.70 37.50
N SER C 141 -33.45 -7.21 36.95
CA SER C 141 -32.17 -6.50 37.03
C SER C 141 -32.02 -5.22 36.24
N GLN C 142 -31.28 -4.30 36.85
CA GLN C 142 -30.91 -2.96 36.41
C GLN C 142 -31.13 -2.46 34.97
N ASP C 143 -30.99 -3.32 33.97
CA ASP C 143 -31.15 -2.92 32.56
C ASP C 143 -32.51 -2.32 32.13
N LEU C 144 -32.46 -1.40 31.17
CA LEU C 144 -33.67 -0.76 30.64
C LEU C 144 -34.11 -1.48 29.37
N LYS C 145 -33.15 -2.12 28.71
CA LYS C 145 -33.42 -2.85 27.48
C LYS C 145 -34.46 -3.95 27.70
N SER C 146 -34.66 -4.36 28.94
CA SER C 146 -35.62 -5.42 29.25
C SER C 146 -36.92 -4.87 29.81
N HIS C 147 -36.92 -3.56 30.09
CA HIS C 147 -38.11 -2.92 30.61
C HIS C 147 -38.82 -2.09 29.56
N CYS C 148 -38.46 -2.25 28.29
CA CYS C 148 -39.15 -1.47 27.29
C CYS C 148 -40.56 -2.01 27.09
N SER C 149 -40.63 -3.20 26.52
CA SER C 149 -41.91 -3.83 26.28
C SER C 149 -42.79 -3.64 27.51
N ASP C 150 -42.17 -3.48 28.67
CA ASP C 150 -42.93 -3.28 29.90
C ASP C 150 -43.26 -1.82 30.15
N LEU C 151 -42.23 -0.98 30.22
CA LEU C 151 -42.45 0.45 30.51
C LEU C 151 -43.15 1.25 29.43
N LEU C 152 -43.12 0.76 28.19
CA LEU C 152 -43.80 1.47 27.13
C LEU C 152 -45.27 1.27 27.41
N GLN C 153 -45.66 -0.01 27.45
CA GLN C 153 -47.04 -0.40 27.70
C GLN C 153 -47.58 0.18 28.98
N LYS C 154 -46.66 0.57 29.86
CA LYS C 154 -47.04 1.15 31.13
C LYS C 154 -47.47 2.59 30.90
N TYR C 155 -46.66 3.35 30.15
CA TYR C 155 -46.97 4.75 29.88
C TYR C 155 -48.20 4.95 29.00
N LEU C 156 -48.50 3.95 28.15
CA LEU C 156 -49.63 4.07 27.22
C LEU C 156 -50.99 3.62 27.78
N GLU C 157 -51.07 3.41 29.08
CA GLU C 157 -52.33 3.00 29.66
C GLU C 157 -52.72 3.91 30.82
N LYS C 158 -51.83 4.82 31.23
CA LYS C 158 -52.09 5.75 32.32
C LYS C 158 -52.34 7.18 31.84
N GLY C 159 -52.55 7.32 30.54
CA GLY C 159 -52.83 8.62 29.95
C GLY C 159 -53.22 8.46 28.49
N LYS C 160 -53.90 7.35 28.20
CA LYS C 160 -54.34 7.00 26.85
C LYS C 160 -54.85 8.15 26.00
N GLU C 161 -55.67 9.01 26.60
CA GLU C 161 -56.21 10.15 25.87
C GLU C 161 -55.14 10.79 25.01
N ARG C 162 -54.08 11.28 25.64
CA ARG C 162 -53.01 11.99 24.93
C ARG C 162 -51.99 11.12 24.22
N LEU C 163 -52.21 9.82 24.15
CA LEU C 163 -51.22 8.98 23.45
C LEU C 163 -51.89 8.03 22.47
N LEU C 164 -53.22 8.04 22.43
CA LEU C 164 -53.98 7.19 21.53
C LEU C 164 -54.71 8.02 20.50
N ARG C 165 -54.50 9.33 20.59
CA ARG C 165 -55.15 10.33 19.74
C ARG C 165 -54.59 10.38 18.32
N SER C 166 -55.22 11.24 17.50
CA SER C 166 -54.81 11.50 16.11
C SER C 166 -55.49 12.77 15.60
N ASP C 167 -54.98 13.93 16.03
CA ASP C 167 -55.52 15.22 15.63
C ASP C 167 -55.18 15.53 14.18
N PRO C 168 -56.17 15.41 13.30
CA PRO C 168 -55.95 15.64 11.87
C PRO C 168 -55.62 17.09 11.54
N PRO C 169 -55.17 17.32 10.31
CA PRO C 169 -54.79 18.63 9.81
C PRO C 169 -55.92 19.59 9.43
N LYS C 170 -55.81 20.79 9.97
CA LYS C 170 -56.70 21.87 9.60
C LYS C 170 -55.83 22.69 8.65
N ALA C 171 -56.08 22.59 7.33
CA ALA C 171 -55.26 23.28 6.31
C ALA C 171 -56.02 24.29 5.50
N HIS C 172 -55.30 25.26 5.03
CA HIS C 172 -55.88 26.28 4.23
C HIS C 172 -54.74 27.02 3.54
N VAL C 173 -54.96 27.49 2.30
CA VAL C 173 -53.93 28.24 1.59
C VAL C 173 -54.06 29.73 1.83
N THR C 174 -53.11 30.50 1.37
CA THR C 174 -53.13 31.94 1.55
C THR C 174 -52.38 32.61 0.42
N ARG C 175 -52.95 33.69 -0.11
CA ARG C 175 -52.37 34.45 -1.21
C ARG C 175 -51.59 35.62 -0.68
N HIS C 176 -50.43 35.86 -1.28
CA HIS C 176 -49.61 36.99 -0.92
C HIS C 176 -48.89 37.39 -2.18
N PRO C 177 -49.28 38.54 -2.74
CA PRO C 177 -48.77 39.17 -3.97
C PRO C 177 -47.29 39.47 -3.90
N ARG C 178 -46.64 39.25 -5.03
CA ARG C 178 -45.21 39.47 -5.16
C ARG C 178 -44.91 40.74 -5.97
N PRO C 179 -44.23 41.73 -5.35
CA PRO C 179 -43.92 42.95 -6.09
C PRO C 179 -43.23 42.60 -7.38
N GLU C 180 -42.63 41.41 -7.41
CA GLU C 180 -41.93 40.91 -8.58
C GLU C 180 -42.91 40.38 -9.62
N GLY C 181 -44.19 40.31 -9.26
CA GLY C 181 -45.20 39.83 -10.21
C GLY C 181 -45.78 38.46 -9.96
N ASP C 182 -45.07 37.68 -9.13
CA ASP C 182 -45.48 36.34 -8.77
C ASP C 182 -46.28 36.39 -7.48
N VAL C 183 -46.90 35.27 -7.21
CA VAL C 183 -47.75 35.17 -6.05
C VAL C 183 -47.42 33.88 -5.28
N THR C 184 -47.17 34.04 -3.98
CA THR C 184 -46.84 32.92 -3.11
C THR C 184 -48.13 32.27 -2.57
N LEU C 185 -48.24 30.97 -2.75
CA LEU C 185 -49.39 30.21 -2.28
C LEU C 185 -48.92 29.34 -1.12
N ARG C 186 -49.22 29.81 0.10
CA ARG C 186 -48.81 29.16 1.34
C ARG C 186 -49.86 28.22 1.95
N CYS C 187 -49.64 26.93 1.76
CA CYS C 187 -50.53 25.90 2.26
C CYS C 187 -50.25 25.51 3.70
N TRP C 188 -51.03 26.05 4.63
CA TRP C 188 -50.90 25.74 6.05
C TRP C 188 -51.65 24.44 6.42
N ALA C 189 -51.19 23.90 7.54
CA ALA C 189 -51.65 22.73 8.24
C ALA C 189 -51.40 23.00 9.70
N LEU C 190 -52.48 23.12 10.47
CA LEU C 190 -52.37 23.39 11.89
C LEU C 190 -53.05 22.31 12.74
N GLY C 191 -52.68 22.29 14.02
CA GLY C 191 -53.27 21.33 14.94
C GLY C 191 -53.27 19.87 14.44
N PHE C 192 -52.17 19.17 14.64
CA PHE C 192 -52.04 17.77 14.27
C PHE C 192 -50.99 17.17 15.20
N TYR C 193 -51.24 15.96 15.71
CA TYR C 193 -50.30 15.38 16.64
C TYR C 193 -49.23 14.48 16.04
N PRO C 194 -49.63 13.37 15.42
CA PRO C 194 -48.62 12.49 14.84
C PRO C 194 -47.79 13.40 13.96
N ALA C 195 -46.76 14.02 14.54
CA ALA C 195 -45.94 14.95 13.81
C ALA C 195 -45.74 14.60 12.33
N ASP C 196 -45.32 13.38 12.02
CA ASP C 196 -45.07 13.02 10.61
C ASP C 196 -46.25 13.31 9.68
N ILE C 197 -46.15 14.48 9.03
CA ILE C 197 -47.15 14.98 8.08
C ILE C 197 -46.49 15.48 6.82
N THR C 198 -47.19 15.47 5.71
CA THR C 198 -46.57 15.92 4.50
C THR C 198 -47.53 16.70 3.62
N LEU C 199 -47.16 17.93 3.35
CA LEU C 199 -47.92 18.79 2.46
C LEU C 199 -47.30 18.83 1.09
N THR C 200 -48.09 19.14 0.08
CA THR C 200 -47.50 19.13 -1.25
C THR C 200 -48.34 19.79 -2.32
N TRP C 201 -47.66 20.59 -3.12
CA TRP C 201 -48.27 21.32 -4.21
C TRP C 201 -48.09 20.58 -5.51
N GLN C 202 -49.18 20.47 -6.23
CA GLN C 202 -49.16 19.81 -7.51
C GLN C 202 -49.54 20.80 -8.60
N LEU C 203 -49.00 20.57 -9.79
CA LEU C 203 -49.25 21.45 -10.91
C LEU C 203 -49.55 20.65 -12.17
N ASN C 204 -50.82 20.35 -12.39
CA ASN C 204 -51.25 19.59 -13.54
C ASN C 204 -50.91 18.11 -13.35
N GLY C 205 -51.07 17.64 -12.11
CA GLY C 205 -50.81 16.24 -11.81
C GLY C 205 -49.39 15.87 -11.43
N GLU C 206 -48.50 16.85 -11.47
CA GLU C 206 -47.10 16.64 -11.15
C GLU C 206 -46.73 17.34 -9.84
N GLU C 207 -46.37 16.54 -8.85
CA GLU C 207 -45.99 17.09 -7.56
C GLU C 207 -44.83 18.02 -7.80
N LEU C 208 -44.80 19.13 -7.08
CA LEU C 208 -43.71 20.06 -7.22
C LEU C 208 -42.79 19.89 -6.02
N THR C 209 -42.94 18.74 -5.36
CA THR C 209 -42.17 18.41 -4.17
C THR C 209 -40.78 19.04 -4.01
N GLN C 210 -39.85 18.75 -4.91
CA GLN C 210 -38.51 19.30 -4.74
C GLN C 210 -38.29 20.76 -5.14
N ASP C 211 -39.29 21.40 -5.73
CA ASP C 211 -39.12 22.80 -6.11
C ASP C 211 -40.17 23.71 -5.48
N MET C 212 -40.42 23.53 -4.19
CA MET C 212 -41.38 24.36 -3.46
C MET C 212 -40.70 24.80 -2.16
N GLU C 213 -41.31 25.70 -1.39
CA GLU C 213 -40.71 26.17 -0.14
C GLU C 213 -41.26 25.35 1.02
N LEU C 214 -40.40 24.96 1.96
CA LEU C 214 -40.82 24.15 3.11
C LEU C 214 -40.17 24.50 4.44
N VAL C 215 -40.97 24.54 5.50
CA VAL C 215 -40.44 24.85 6.84
C VAL C 215 -40.33 23.65 7.77
N GLU C 216 -39.26 23.64 8.55
CA GLU C 216 -39.07 22.56 9.50
C GLU C 216 -40.38 22.56 10.27
N THR C 217 -41.03 21.42 10.28
CA THR C 217 -42.30 21.20 10.94
C THR C 217 -42.24 21.51 12.43
N ARG C 218 -42.40 22.77 12.78
CA ARG C 218 -42.35 23.25 14.15
C ARG C 218 -43.55 22.95 14.99
N PRO C 219 -43.32 22.84 16.32
CA PRO C 219 -44.19 22.54 17.47
C PRO C 219 -45.14 23.63 17.90
N ALA C 220 -46.43 23.32 17.92
CA ALA C 220 -47.41 24.29 18.36
C ALA C 220 -46.91 24.83 19.70
N GLY C 221 -46.73 23.92 20.64
CA GLY C 221 -46.25 24.31 21.96
C GLY C 221 -47.30 23.98 22.99
N ASP C 222 -48.44 23.50 22.50
CA ASP C 222 -49.54 23.14 23.39
C ASP C 222 -49.80 21.65 23.33
N GLY C 223 -49.32 21.01 22.28
CA GLY C 223 -49.53 19.58 22.18
C GLY C 223 -49.50 19.03 20.77
N THR C 224 -49.43 19.92 19.78
CA THR C 224 -49.39 19.46 18.40
C THR C 224 -48.41 20.26 17.57
N PHE C 225 -48.27 19.90 16.30
CA PHE C 225 -47.35 20.64 15.42
C PHE C 225 -48.04 21.30 14.23
N GLN C 226 -47.32 22.32 13.68
CA GLN C 226 -47.71 23.14 12.54
C GLN C 226 -46.67 23.05 11.44
N LYS C 227 -47.14 23.24 10.24
CA LYS C 227 -46.25 23.16 9.09
C LYS C 227 -47.00 23.65 7.87
N TRP C 228 -46.28 24.42 7.04
CA TRP C 228 -46.78 25.02 5.82
C TRP C 228 -45.76 24.92 4.68
N ALA C 229 -46.23 24.55 3.51
CA ALA C 229 -45.36 24.41 2.34
C ALA C 229 -45.87 25.39 1.30
N ALA C 230 -44.99 26.09 0.61
CA ALA C 230 -45.52 27.06 -0.34
C ALA C 230 -44.86 27.10 -1.72
N VAL C 231 -45.37 27.99 -2.56
CA VAL C 231 -44.87 28.16 -3.92
C VAL C 231 -45.04 29.58 -4.46
N VAL C 232 -44.41 29.85 -5.59
CA VAL C 232 -44.55 31.13 -6.24
C VAL C 232 -45.31 30.76 -7.49
N VAL C 233 -46.31 31.56 -7.86
CA VAL C 233 -47.11 31.24 -9.03
C VAL C 233 -47.56 32.46 -9.86
N PRO C 234 -47.50 32.32 -11.20
CA PRO C 234 -47.88 33.31 -12.20
C PRO C 234 -49.06 34.09 -11.72
N LEU C 235 -49.10 35.40 -11.97
CA LEU C 235 -50.26 36.14 -11.53
C LEU C 235 -51.45 35.71 -12.39
N GLY C 236 -52.20 34.72 -11.90
CA GLY C 236 -53.36 34.24 -12.63
C GLY C 236 -53.57 32.74 -12.57
N LYS C 237 -52.53 32.01 -12.94
CA LYS C 237 -52.58 30.56 -12.95
C LYS C 237 -52.99 29.95 -11.60
N GLU C 238 -53.15 30.81 -10.59
CA GLU C 238 -53.53 30.39 -9.24
C GLU C 238 -54.44 29.14 -9.16
N GLN C 239 -55.71 29.30 -9.47
CA GLN C 239 -56.74 28.26 -9.40
C GLN C 239 -56.25 26.96 -10.03
N SER C 240 -55.04 26.86 -10.49
CA SER C 240 -54.57 25.65 -11.10
C SER C 240 -53.68 24.86 -10.13
N TYR C 241 -53.16 25.55 -9.12
CA TYR C 241 -52.27 24.94 -8.13
C TYR C 241 -53.02 24.36 -6.92
N THR C 242 -52.83 23.07 -6.67
CA THR C 242 -53.50 22.37 -5.57
C THR C 242 -52.59 22.01 -4.41
N CYS C 243 -53.17 21.75 -3.25
CA CYS C 243 -52.35 21.40 -2.11
C CYS C 243 -52.75 20.12 -1.39
N HIS C 244 -52.12 19.01 -1.77
CA HIS C 244 -52.39 17.72 -1.15
C HIS C 244 -51.71 17.69 0.23
N VAL C 245 -52.52 17.55 1.29
CA VAL C 245 -52.00 17.49 2.67
C VAL C 245 -52.19 16.11 3.27
N TYR C 246 -51.30 15.17 2.96
CA TYR C 246 -51.40 13.81 3.49
C TYR C 246 -51.15 13.69 4.98
N HIS C 247 -51.64 12.58 5.53
CA HIS C 247 -51.54 12.26 6.96
C HIS C 247 -52.52 11.11 7.20
N GLU C 248 -52.18 10.11 8.02
CA GLU C 248 -53.07 8.97 8.21
C GLU C 248 -54.20 9.32 9.17
N GLY C 249 -54.11 10.40 9.93
CA GLY C 249 -55.18 10.79 10.82
C GLY C 249 -56.24 11.47 9.99
N LEU C 250 -56.16 11.22 8.70
CA LEU C 250 -57.06 11.75 7.69
C LEU C 250 -57.25 10.61 6.71
N PRO C 251 -58.47 10.05 6.64
CA PRO C 251 -58.69 8.95 5.70
C PRO C 251 -58.07 9.19 4.33
N GLU C 252 -58.74 9.99 3.52
CA GLU C 252 -58.22 10.25 2.18
C GLU C 252 -57.56 11.62 2.03
N PRO C 253 -56.75 11.79 0.97
CA PRO C 253 -56.03 13.02 0.66
C PRO C 253 -56.84 14.28 0.81
N LEU C 254 -56.44 15.11 1.78
CA LEU C 254 -57.09 16.39 2.00
C LEU C 254 -56.49 17.18 0.84
N ILE C 255 -57.31 17.92 0.10
CA ILE C 255 -56.81 18.70 -1.02
C ILE C 255 -57.37 20.12 -1.01
N LEU C 256 -56.48 21.10 -1.13
CA LEU C 256 -56.88 22.50 -1.10
C LEU C 256 -56.53 23.23 -2.39
N ARG C 257 -57.07 24.42 -2.47
CA ARG C 257 -56.93 25.40 -3.51
C ARG C 257 -57.25 26.67 -2.79
N TRP C 258 -56.89 27.78 -3.33
CA TRP C 258 -57.24 29.02 -2.64
C TRP C 258 -56.70 30.07 -3.54
N GLY C 259 -56.94 31.33 -3.18
CA GLY C 259 -56.41 32.39 -3.99
C GLY C 259 -57.08 33.68 -3.65
N GLY C 260 -58.36 33.76 -4.00
CA GLY C 260 -59.14 34.96 -3.75
C GLY C 260 -60.17 35.16 -4.84
N ALA D 1 -11.99 24.11 11.46
CA ALA D 1 -12.70 23.79 12.72
C ALA D 1 -12.83 22.28 12.91
N ASP D 2 -12.46 21.80 14.10
CA ASP D 2 -12.53 20.38 14.39
C ASP D 2 -13.80 20.01 15.17
N PRO D 3 -14.09 20.71 16.27
CA PRO D 3 -15.31 20.36 17.01
C PRO D 3 -16.52 20.54 16.09
N ILE D 4 -17.07 19.43 15.60
CA ILE D 4 -18.22 19.50 14.69
C ILE D 4 -19.28 20.48 15.19
N GLN D 5 -19.34 21.65 14.56
CA GLN D 5 -20.30 22.69 14.93
C GLN D 5 -21.50 22.66 14.00
N ARG D 6 -22.65 23.11 14.49
CA ARG D 6 -23.88 23.18 13.71
C ARG D 6 -24.64 24.42 14.16
N THR D 7 -24.97 25.29 13.21
CA THR D 7 -25.69 26.52 13.52
C THR D 7 -27.22 26.35 13.50
N PRO D 8 -27.92 26.93 14.49
CA PRO D 8 -29.38 26.86 14.66
C PRO D 8 -30.32 27.39 13.59
N LYS D 9 -31.43 26.67 13.42
CA LYS D 9 -32.52 27.00 12.48
C LYS D 9 -33.63 27.55 13.36
N ILE D 10 -33.90 28.83 13.15
CA ILE D 10 -34.90 29.59 13.92
C ILE D 10 -36.22 29.88 13.19
N GLN D 11 -37.32 29.77 13.92
CA GLN D 11 -38.66 30.06 13.43
C GLN D 11 -39.40 30.72 14.58
N VAL D 12 -40.07 31.84 14.27
CA VAL D 12 -40.84 32.58 15.27
C VAL D 12 -42.28 32.53 14.78
N TYR D 13 -43.20 32.25 15.68
CA TYR D 13 -44.58 32.13 15.24
C TYR D 13 -45.66 32.08 16.32
N SER D 14 -46.91 32.34 15.92
CA SER D 14 -48.03 32.30 16.86
C SER D 14 -48.50 30.86 17.02
N ARG D 15 -48.91 30.50 18.23
CA ARG D 15 -49.37 29.15 18.51
C ARG D 15 -50.65 28.87 17.74
N HIS D 16 -51.48 29.90 17.61
CA HIS D 16 -52.74 29.82 16.88
C HIS D 16 -52.84 31.01 15.95
N PRO D 17 -53.88 31.05 15.10
CA PRO D 17 -54.08 32.15 14.16
C PRO D 17 -54.08 33.50 14.87
N ALA D 18 -53.13 34.36 14.53
CA ALA D 18 -53.00 35.69 15.14
C ALA D 18 -54.16 36.63 14.85
N GLU D 19 -55.00 36.86 15.87
CA GLU D 19 -56.14 37.76 15.76
C GLU D 19 -55.96 38.88 16.80
N ASN D 20 -54.96 39.73 16.58
CA ASN D 20 -54.68 40.79 17.53
C ASN D 20 -55.89 41.21 18.33
N GLY D 21 -55.70 41.34 19.64
CA GLY D 21 -56.80 41.70 20.51
C GLY D 21 -56.81 40.79 21.71
N LYS D 22 -56.81 39.48 21.48
CA LYS D 22 -56.82 38.53 22.57
C LYS D 22 -55.52 37.73 22.73
N SER D 23 -55.40 37.07 23.88
CA SER D 23 -54.22 36.29 24.23
C SER D 23 -53.88 35.09 23.37
N ASN D 24 -52.65 34.76 23.38
CA ASN D 24 -52.01 33.67 22.68
C ASN D 24 -50.53 33.62 23.01
N PHE D 25 -49.76 32.73 22.49
CA PHE D 25 -48.34 32.63 22.84
C PHE D 25 -47.34 32.92 21.72
N LEU D 26 -46.24 33.57 22.09
CA LEU D 26 -45.17 33.91 21.15
C LEU D 26 -44.14 32.79 21.18
N ASN D 27 -44.00 32.11 20.07
CA ASN D 27 -43.06 31.01 19.99
C ASN D 27 -41.88 31.21 19.08
N CYS D 28 -40.72 30.80 19.60
CA CYS D 28 -39.42 30.83 18.95
C CYS D 28 -38.81 29.46 19.13
N TYR D 29 -38.85 28.70 18.09
CA TYR D 29 -38.41 27.33 18.15
C TYR D 29 -37.04 27.12 17.55
N VAL D 30 -36.03 27.08 18.37
CA VAL D 30 -34.69 26.91 17.84
C VAL D 30 -34.37 25.43 17.81
N SER D 31 -33.86 24.95 16.68
CA SER D 31 -33.52 23.55 16.54
C SER D 31 -32.51 23.39 15.44
N GLY D 32 -31.91 22.21 15.33
CA GLY D 32 -30.94 21.99 14.28
C GLY D 32 -29.51 22.44 14.58
N PHE D 33 -29.36 23.13 15.71
CA PHE D 33 -28.06 23.61 16.16
C PHE D 33 -27.52 22.54 17.10
N HIS D 34 -26.23 22.61 17.43
CA HIS D 34 -25.72 21.63 18.35
C HIS D 34 -25.13 22.17 19.63
N PRO D 35 -23.86 22.65 19.61
CA PRO D 35 -23.30 23.15 20.87
C PRO D 35 -24.37 23.70 21.82
N SER D 36 -24.77 22.86 22.77
CA SER D 36 -25.78 23.14 23.80
C SER D 36 -26.12 24.60 24.12
N ASP D 37 -25.32 25.23 24.97
CA ASP D 37 -25.59 26.61 25.34
C ASP D 37 -26.05 27.45 24.14
N ILE D 38 -27.20 28.11 24.33
CA ILE D 38 -27.82 28.97 23.33
C ILE D 38 -28.58 30.07 24.06
N GLU D 39 -28.43 31.31 23.61
CA GLU D 39 -29.12 32.42 24.24
C GLU D 39 -30.35 32.87 23.44
N VAL D 40 -31.53 32.41 23.83
CA VAL D 40 -32.73 32.77 23.11
C VAL D 40 -33.69 33.63 23.94
N ASP D 41 -33.94 34.85 23.45
CA ASP D 41 -34.82 35.81 24.13
C ASP D 41 -35.86 36.41 23.21
N LEU D 42 -36.93 36.91 23.83
CA LEU D 42 -38.03 37.51 23.10
C LEU D 42 -37.89 39.04 23.02
N LEU D 43 -38.57 39.66 22.07
CA LEU D 43 -38.49 41.09 21.89
C LEU D 43 -39.83 41.72 21.60
N LYS D 44 -39.96 42.99 21.96
CA LYS D 44 -41.18 43.76 21.71
C LYS D 44 -40.76 45.16 21.33
N ASN D 45 -41.14 45.54 20.11
CA ASN D 45 -40.85 46.86 19.59
C ASN D 45 -39.39 47.24 19.78
N GLY D 46 -38.57 46.27 20.15
CA GLY D 46 -37.16 46.55 20.32
C GLY D 46 -36.55 46.13 21.63
N GLU D 47 -37.34 45.99 22.70
CA GLU D 47 -36.77 45.60 23.99
C GLU D 47 -36.87 44.12 24.33
N ARG D 48 -36.33 43.73 25.49
CA ARG D 48 -36.33 42.34 25.95
C ARG D 48 -37.53 41.87 26.80
N ILE D 49 -38.52 41.27 26.15
CA ILE D 49 -39.69 40.76 26.84
C ILE D 49 -39.22 39.76 27.90
N GLU D 50 -39.99 39.55 28.96
CA GLU D 50 -39.56 38.64 30.01
C GLU D 50 -40.52 37.53 30.46
N LYS D 51 -40.17 36.91 31.60
CA LYS D 51 -40.92 35.82 32.20
C LYS D 51 -41.31 34.73 31.19
N VAL D 52 -40.33 34.35 30.36
CA VAL D 52 -40.53 33.33 29.30
C VAL D 52 -39.92 31.96 29.62
N GLU D 53 -40.78 30.93 29.68
CA GLU D 53 -40.35 29.57 29.98
C GLU D 53 -39.87 28.87 28.72
N HIS D 54 -38.93 27.93 28.85
CA HIS D 54 -38.44 27.17 27.69
C HIS D 54 -38.65 25.65 27.83
N SER D 55 -38.39 24.92 26.74
CA SER D 55 -38.63 23.48 26.69
C SER D 55 -37.56 22.53 27.23
N ASP D 56 -37.95 21.26 27.30
CA ASP D 56 -37.09 20.19 27.78
C ASP D 56 -36.02 19.79 26.76
N LEU D 57 -34.88 20.47 26.80
CA LEU D 57 -33.76 20.21 25.90
C LEU D 57 -33.52 18.75 25.51
N SER D 58 -33.89 18.44 24.27
CA SER D 58 -33.75 17.10 23.67
C SER D 58 -33.07 17.21 22.30
N PHE D 59 -32.83 16.06 21.67
CA PHE D 59 -32.18 16.08 20.35
C PHE D 59 -32.78 15.16 19.28
N SER D 60 -32.33 15.39 18.04
CA SER D 60 -32.77 14.63 16.86
C SER D 60 -31.83 13.49 16.57
N LYS D 61 -32.22 12.61 15.66
CA LYS D 61 -31.36 11.48 15.31
C LYS D 61 -29.95 11.91 14.92
N ASP D 62 -29.80 13.13 14.39
CA ASP D 62 -28.50 13.60 13.98
C ASP D 62 -27.76 14.26 15.12
N TRP D 63 -28.18 13.92 16.33
CA TRP D 63 -27.58 14.47 17.53
C TRP D 63 -27.69 15.98 17.56
N SER D 64 -28.67 16.53 16.84
CA SER D 64 -28.89 17.96 16.81
C SER D 64 -29.76 18.36 18.00
N PHE D 65 -29.63 19.62 18.41
CA PHE D 65 -30.38 20.13 19.54
C PHE D 65 -31.57 21.01 19.19
N TYR D 66 -32.64 20.88 19.98
CA TYR D 66 -33.85 21.68 19.76
C TYR D 66 -34.53 22.22 21.00
N LEU D 67 -34.76 23.54 21.00
CA LEU D 67 -35.39 24.26 22.10
C LEU D 67 -36.57 25.13 21.68
N LEU D 68 -37.58 25.19 22.54
CA LEU D 68 -38.73 26.04 22.25
C LEU D 68 -39.02 27.04 23.33
N TYR D 69 -39.21 28.29 22.90
CA TYR D 69 -39.52 29.37 23.81
C TYR D 69 -40.93 29.81 23.49
N TYR D 70 -41.62 30.35 24.48
CA TYR D 70 -42.99 30.79 24.29
C TYR D 70 -43.44 31.68 25.43
N THR D 71 -44.30 32.64 25.13
CA THR D 71 -44.79 33.57 26.14
C THR D 71 -46.29 33.86 26.03
N GLU D 72 -46.82 34.55 27.04
CA GLU D 72 -48.23 34.92 27.08
C GLU D 72 -48.35 36.38 26.72
N PHE D 73 -48.61 36.67 25.45
CA PHE D 73 -48.73 38.06 25.01
C PHE D 73 -50.08 38.34 24.35
N THR D 74 -50.39 39.62 24.22
CA THR D 74 -51.63 40.06 23.61
C THR D 74 -51.30 40.65 22.24
N PRO D 75 -51.69 39.96 21.16
CA PRO D 75 -51.42 40.42 19.80
C PRO D 75 -52.14 41.73 19.45
N THR D 76 -51.41 42.62 18.78
CA THR D 76 -51.97 43.90 18.35
C THR D 76 -51.37 44.16 16.98
N GLU D 77 -52.12 44.83 16.11
CA GLU D 77 -51.63 45.08 14.76
C GLU D 77 -50.57 46.19 14.67
N LYS D 78 -50.00 46.58 15.80
CA LYS D 78 -48.98 47.63 15.78
C LYS D 78 -47.72 47.35 16.59
N ASP D 79 -47.67 46.20 17.24
CA ASP D 79 -46.50 45.84 18.06
C ASP D 79 -45.56 44.89 17.32
N GLU D 80 -44.63 45.43 16.55
CA GLU D 80 -43.69 44.59 15.83
C GLU D 80 -42.94 43.67 16.82
N TYR D 81 -42.69 42.42 16.42
CA TYR D 81 -41.98 41.45 17.27
C TYR D 81 -40.91 40.68 16.49
N ALA D 82 -39.99 40.05 17.21
CA ALA D 82 -38.91 39.30 16.59
C ALA D 82 -38.17 38.45 17.63
N CYS D 83 -37.52 37.37 17.20
CA CYS D 83 -36.81 36.52 18.15
C CYS D 83 -35.33 36.85 18.23
N ARG D 84 -34.81 36.85 19.45
CA ARG D 84 -33.40 37.16 19.71
C ARG D 84 -32.63 35.87 19.93
N VAL D 85 -31.74 35.55 19.00
CA VAL D 85 -30.98 34.33 19.12
C VAL D 85 -29.48 34.45 18.79
N ASN D 86 -28.67 34.08 19.77
CA ASN D 86 -27.22 34.09 19.66
C ASN D 86 -26.59 32.89 20.34
N HIS D 87 -25.69 32.24 19.62
CA HIS D 87 -24.98 31.07 20.10
C HIS D 87 -23.70 30.97 19.32
N VAL D 88 -22.83 30.08 19.77
CA VAL D 88 -21.55 29.82 19.16
C VAL D 88 -21.59 29.89 17.63
N THR D 89 -21.60 31.11 17.07
CA THR D 89 -21.64 31.29 15.63
C THR D 89 -20.57 32.30 15.22
N LEU D 90 -20.67 32.81 14.00
CA LEU D 90 -19.71 33.81 13.50
C LEU D 90 -20.20 35.24 13.67
N SER D 91 -21.17 35.64 12.87
CA SER D 91 -21.70 37.00 12.96
C SER D 91 -22.31 37.31 14.33
N GLN D 92 -22.91 38.49 14.44
CA GLN D 92 -23.53 38.95 15.67
C GLN D 92 -24.86 38.20 15.89
N PRO D 93 -25.45 38.30 17.09
CA PRO D 93 -26.72 37.63 17.41
C PRO D 93 -27.71 37.66 16.26
N LYS D 94 -28.72 36.81 16.32
CA LYS D 94 -29.71 36.81 15.26
C LYS D 94 -31.11 37.09 15.80
N ILE D 95 -31.73 38.09 15.20
CA ILE D 95 -33.06 38.51 15.57
C ILE D 95 -33.97 38.09 14.45
N VAL D 96 -35.11 37.49 14.79
CA VAL D 96 -36.05 37.04 13.75
C VAL D 96 -37.36 37.78 13.84
N LYS D 97 -37.61 38.62 12.85
CA LYS D 97 -38.82 39.42 12.79
C LYS D 97 -40.07 38.57 12.56
N TRP D 98 -40.98 38.55 13.53
CA TRP D 98 -42.21 37.78 13.38
C TRP D 98 -43.05 38.34 12.22
N ASP D 99 -43.61 37.45 11.41
CA ASP D 99 -44.41 37.87 10.28
C ASP D 99 -45.71 37.10 10.08
N ARG D 100 -46.76 37.82 9.73
CA ARG D 100 -48.09 37.26 9.49
C ARG D 100 -48.07 36.00 8.65
N ASP D 101 -47.22 36.01 7.63
CA ASP D 101 -47.09 34.89 6.70
C ASP D 101 -46.55 33.58 7.24
N MET D 102 -45.86 33.60 8.39
CA MET D 102 -45.33 32.36 8.94
C MET D 102 -45.01 32.40 10.44
N GLY E 1 23.78 -5.61 -12.95
CA GLY E 1 22.44 -5.63 -12.31
C GLY E 1 22.44 -4.91 -10.99
N ASP E 2 22.77 -3.61 -11.01
CA ASP E 2 22.83 -2.79 -9.80
C ASP E 2 21.75 -1.70 -9.77
N GLN E 3 20.72 -1.81 -10.60
CA GLN E 3 19.71 -0.76 -10.63
C GLN E 3 18.19 -1.01 -10.63
N VAL E 4 17.73 -2.07 -9.98
CA VAL E 4 16.27 -2.29 -9.92
C VAL E 4 15.93 -3.12 -8.68
N GLU E 5 15.05 -2.61 -7.83
CA GLU E 5 14.66 -3.37 -6.65
C GLU E 5 13.16 -3.71 -6.71
N GLN E 6 12.87 -5.02 -6.66
CA GLN E 6 11.52 -5.54 -6.65
C GLN E 6 11.05 -5.55 -5.23
N SER E 7 9.92 -4.94 -5.00
CA SER E 7 9.40 -4.86 -3.66
C SER E 7 9.26 -6.22 -2.99
N PRO E 8 8.05 -6.75 -2.80
CA PRO E 8 8.02 -8.07 -2.12
C PRO E 8 8.92 -9.18 -2.67
N SER E 9 9.78 -9.74 -1.82
CA SER E 9 10.56 -10.87 -2.31
C SER E 9 9.60 -12.05 -2.36
N ALA E 10 8.53 -11.94 -1.59
CA ALA E 10 7.53 -12.98 -1.53
C ALA E 10 6.25 -12.41 -0.98
N LEU E 11 5.15 -13.05 -1.31
CA LEU E 11 3.85 -12.56 -0.90
C LEU E 11 2.84 -13.66 -1.07
N SER E 12 1.84 -13.71 -0.19
CA SER E 12 0.79 -14.73 -0.29
C SER E 12 -0.56 -14.12 0.06
N LEU E 13 -1.64 -14.59 -0.57
CA LEU E 13 -2.97 -14.06 -0.28
C LEU E 13 -4.04 -15.12 -0.48
N HIS E 14 -5.18 -14.96 0.20
CA HIS E 14 -6.30 -15.90 0.05
C HIS E 14 -7.07 -15.32 -1.12
N GLU E 15 -8.00 -16.07 -1.70
CA GLU E 15 -8.77 -15.49 -2.80
C GLU E 15 -9.37 -14.21 -2.22
N GLY E 16 -10.02 -13.40 -3.02
CA GLY E 16 -10.60 -12.19 -2.49
C GLY E 16 -9.63 -11.22 -1.86
N THR E 17 -8.44 -11.68 -1.46
CA THR E 17 -7.44 -10.81 -0.86
C THR E 17 -6.97 -9.75 -1.88
N ASP E 18 -6.27 -8.72 -1.39
CA ASP E 18 -5.72 -7.64 -2.21
C ASP E 18 -4.26 -7.34 -1.88
N SER E 19 -3.51 -6.78 -2.81
CA SER E 19 -2.10 -6.49 -2.55
C SER E 19 -1.43 -5.63 -3.64
N ALA E 20 -0.18 -5.29 -3.43
CA ALA E 20 0.53 -4.52 -4.45
C ALA E 20 1.99 -4.93 -4.51
N LEU E 21 2.61 -4.74 -5.64
CA LEU E 21 4.01 -5.05 -5.79
C LEU E 21 4.69 -3.77 -6.23
N ARG E 22 5.63 -3.28 -5.44
CA ARG E 22 6.32 -2.04 -5.74
C ARG E 22 7.58 -2.44 -6.47
N CYS E 23 8.14 -1.51 -7.23
CA CYS E 23 9.35 -1.77 -8.02
C CYS E 23 9.91 -0.41 -8.41
N ASN E 24 11.12 -0.11 -7.96
CA ASN E 24 11.75 1.18 -8.24
C ASN E 24 13.16 1.00 -8.77
N PHE E 25 13.54 1.86 -9.72
CA PHE E 25 14.86 1.76 -10.32
C PHE E 25 15.89 2.84 -9.93
N THR E 26 17.15 2.44 -9.96
CA THR E 26 18.30 3.25 -9.62
C THR E 26 18.71 4.15 -10.78
N THR E 27 17.76 4.43 -11.67
CA THR E 27 18.05 5.27 -12.83
C THR E 27 16.80 5.60 -13.63
N THR E 28 16.80 6.76 -14.25
CA THR E 28 15.65 7.16 -15.04
C THR E 28 15.28 6.05 -15.99
N MET E 29 14.00 5.70 -16.02
CA MET E 29 13.51 4.66 -16.90
C MET E 29 12.47 5.26 -17.82
N ARG E 30 12.51 4.86 -19.10
CA ARG E 30 11.56 5.38 -20.07
C ARG E 30 10.29 4.58 -20.19
N SER E 31 10.39 3.25 -20.20
CA SER E 31 9.19 2.41 -20.29
C SER E 31 9.32 1.26 -19.30
N VAL E 32 8.21 0.81 -18.75
CA VAL E 32 8.23 -0.29 -17.80
C VAL E 32 7.38 -1.43 -18.28
N GLN E 33 7.77 -2.64 -17.92
CA GLN E 33 7.05 -3.83 -18.34
C GLN E 33 6.94 -4.79 -17.15
N TRP E 34 5.75 -5.32 -16.93
CA TRP E 34 5.54 -6.25 -15.83
C TRP E 34 5.24 -7.66 -16.32
N PHE E 35 6.12 -8.61 -16.01
CA PHE E 35 5.90 -9.99 -16.43
C PHE E 35 5.38 -10.86 -15.30
N ARG E 36 4.93 -12.06 -15.65
CA ARG E 36 4.46 -13.05 -14.69
C ARG E 36 4.80 -14.39 -15.27
N GLN E 37 5.73 -15.12 -14.67
CA GLN E 37 6.07 -16.41 -15.23
C GLN E 37 5.69 -17.58 -14.33
N ASN E 38 4.77 -18.40 -14.81
CA ASN E 38 4.31 -19.56 -14.05
C ASN E 38 5.36 -20.65 -13.84
N SER E 39 5.05 -21.57 -12.92
CA SER E 39 5.91 -22.71 -12.56
C SER E 39 7.26 -22.64 -13.25
N ARG E 40 7.30 -23.18 -14.45
CA ARG E 40 8.50 -23.17 -15.27
C ARG E 40 8.06 -23.23 -16.71
N GLY E 41 7.71 -22.05 -17.21
CA GLY E 41 7.28 -21.91 -18.57
C GLY E 41 7.71 -20.55 -19.05
N SER E 42 6.98 -20.05 -20.03
CA SER E 42 7.29 -18.76 -20.61
C SER E 42 6.97 -17.65 -19.65
N LEU E 43 7.35 -16.45 -20.05
CA LEU E 43 7.08 -15.23 -19.30
C LEU E 43 5.84 -14.65 -19.94
N ILE E 44 4.72 -14.70 -19.25
CA ILE E 44 3.55 -14.10 -19.83
C ILE E 44 3.80 -12.60 -19.65
N SER E 45 3.00 -11.75 -20.28
CA SER E 45 3.20 -10.32 -20.12
C SER E 45 1.85 -9.69 -19.80
N LEU E 46 1.86 -8.82 -18.78
CA LEU E 46 0.68 -8.15 -18.26
C LEU E 46 0.59 -6.67 -18.59
N PHE E 47 1.73 -6.01 -18.58
CA PHE E 47 1.66 -4.60 -18.89
C PHE E 47 2.94 -4.03 -19.46
N TYR E 48 2.72 -3.04 -20.31
CA TYR E 48 3.78 -2.28 -20.93
C TYR E 48 3.40 -0.84 -20.68
N LEU E 49 4.34 -0.03 -20.21
CA LEU E 49 4.07 1.39 -19.96
C LEU E 49 5.28 2.29 -20.21
N ALA E 50 5.00 3.58 -20.33
CA ALA E 50 6.03 4.59 -20.54
C ALA E 50 5.66 5.84 -19.74
N SER E 51 4.46 5.80 -19.16
CA SER E 51 3.90 6.90 -18.37
C SER E 51 2.45 6.61 -18.09
N GLY E 52 1.99 6.95 -16.89
CA GLY E 52 0.60 6.71 -16.58
C GLY E 52 0.29 5.44 -15.80
N THR E 53 -0.94 4.99 -15.88
CA THR E 53 -1.37 3.81 -15.16
C THR E 53 -2.50 3.09 -15.89
N LYS E 54 -2.27 1.83 -16.26
CA LYS E 54 -3.27 1.01 -16.97
C LYS E 54 -3.87 -0.03 -16.02
N GLU E 55 -5.04 -0.54 -16.39
CA GLU E 55 -5.67 -1.57 -15.57
C GLU E 55 -6.35 -2.64 -16.43
N ASN E 56 -5.82 -3.85 -16.40
CA ASN E 56 -6.42 -4.96 -17.15
C ASN E 56 -7.04 -5.92 -16.14
N GLY E 57 -8.15 -6.55 -16.54
CA GLY E 57 -8.85 -7.48 -15.67
C GLY E 57 -9.00 -6.97 -14.26
N ARG E 58 -8.20 -7.49 -13.36
CA ARG E 58 -8.22 -7.07 -11.98
C ARG E 58 -6.95 -6.28 -11.70
N LEU E 59 -5.88 -6.62 -12.41
CA LEU E 59 -4.59 -5.98 -12.21
C LEU E 59 -4.55 -4.54 -12.63
N LYS E 60 -3.75 -3.74 -11.92
CA LYS E 60 -3.60 -2.33 -12.23
C LYS E 60 -2.18 -2.00 -11.85
N SER E 61 -1.53 -1.09 -12.59
CA SER E 61 -0.14 -0.75 -12.27
C SER E 61 0.25 0.53 -12.92
N ALA E 62 1.34 1.12 -12.44
CA ALA E 62 1.72 2.37 -13.04
C ALA E 62 3.14 2.84 -12.81
N PHE E 63 3.49 3.82 -13.63
CA PHE E 63 4.78 4.48 -13.68
C PHE E 63 4.36 5.93 -13.55
N ASP E 64 4.98 6.70 -12.66
CA ASP E 64 4.59 8.09 -12.54
C ASP E 64 5.46 9.03 -13.36
N SER E 65 4.91 9.42 -14.51
CA SER E 65 5.56 10.31 -15.47
C SER E 65 6.71 11.15 -14.93
N LYS E 66 6.38 12.16 -14.15
CA LYS E 66 7.37 13.08 -13.60
C LYS E 66 8.53 12.52 -12.80
N GLU E 67 8.45 11.26 -12.39
CA GLU E 67 9.55 10.69 -11.64
C GLU E 67 10.41 9.77 -12.49
N ARG E 68 9.77 8.93 -13.30
CA ARG E 68 10.50 8.00 -14.15
C ARG E 68 11.39 7.11 -13.30
N ARG E 69 10.98 6.78 -12.08
CA ARG E 69 11.84 5.94 -11.25
C ARG E 69 11.10 4.91 -10.41
N TYR E 70 9.77 4.88 -10.49
CA TYR E 70 8.99 3.96 -9.67
C TYR E 70 7.78 3.32 -10.36
N SER E 71 7.64 1.99 -10.22
CA SER E 71 6.49 1.28 -10.81
C SER E 71 5.76 0.45 -9.73
N THR E 72 4.44 0.38 -9.91
CA THR E 72 3.57 -0.29 -8.96
C THR E 72 2.58 -1.18 -9.65
N LEU E 73 2.35 -2.35 -9.06
CA LEU E 73 1.41 -3.32 -9.59
C LEU E 73 0.50 -3.88 -8.50
N HIS E 74 -0.81 -3.70 -8.67
CA HIS E 74 -1.82 -4.20 -7.70
C HIS E 74 -2.55 -5.43 -8.24
N ILE E 75 -3.04 -6.25 -7.33
CA ILE E 75 -3.81 -7.45 -7.66
C ILE E 75 -5.08 -7.30 -6.84
N ARG E 76 -6.26 -7.22 -7.45
CA ARG E 76 -7.47 -7.09 -6.62
C ARG E 76 -8.24 -8.38 -6.72
N ASP E 77 -9.17 -8.61 -5.79
CA ASP E 77 -9.99 -9.83 -5.77
C ASP E 77 -9.09 -10.96 -6.24
N ALA E 78 -7.93 -11.08 -5.61
CA ALA E 78 -6.98 -12.12 -5.97
C ALA E 78 -7.69 -13.44 -6.26
N GLN E 79 -7.03 -14.31 -6.98
CA GLN E 79 -7.62 -15.59 -7.27
C GLN E 79 -6.50 -16.55 -7.60
N LEU E 80 -6.66 -17.79 -7.14
CA LEU E 80 -5.70 -18.86 -7.32
C LEU E 80 -4.90 -18.81 -8.61
N GLU E 81 -5.56 -18.44 -9.69
CA GLU E 81 -4.91 -18.38 -10.99
C GLU E 81 -4.01 -17.17 -11.15
N ASP E 82 -3.54 -16.63 -10.04
CA ASP E 82 -2.66 -15.49 -10.10
C ASP E 82 -1.35 -15.84 -9.44
N SER E 83 -1.16 -17.12 -9.10
CA SER E 83 0.08 -17.59 -8.44
C SER E 83 1.21 -17.46 -9.45
N GLY E 84 2.44 -17.71 -9.02
CA GLY E 84 3.57 -17.60 -9.95
C GLY E 84 4.41 -16.36 -9.69
N THR E 85 5.54 -16.23 -10.37
CA THR E 85 6.42 -15.06 -10.16
C THR E 85 6.24 -13.83 -11.06
N TYR E 86 6.15 -12.67 -10.42
CA TYR E 86 5.98 -11.46 -11.17
C TYR E 86 7.30 -10.75 -11.34
N PHE E 87 7.52 -10.18 -12.50
CA PHE E 87 8.74 -9.48 -12.78
C PHE E 87 8.40 -8.12 -13.33
N CYS E 88 9.23 -7.14 -13.03
CA CYS E 88 9.01 -5.80 -13.53
C CYS E 88 10.32 -5.53 -14.16
N ALA E 89 10.29 -4.99 -15.37
CA ALA E 89 11.49 -4.66 -16.09
C ALA E 89 11.21 -3.40 -16.79
N ALA E 90 12.22 -2.53 -16.84
CA ALA E 90 12.11 -1.25 -17.53
C ALA E 90 13.34 -1.10 -18.40
N ASP E 91 13.37 -0.01 -19.18
CA ASP E 91 14.47 0.30 -20.10
C ASP E 91 14.72 1.82 -20.17
N THR E 92 15.67 2.21 -21.01
CA THR E 92 16.01 3.63 -21.20
C THR E 92 16.65 3.89 -22.55
N TRP E 93 16.49 5.10 -23.07
CA TRP E 93 17.09 5.46 -24.34
C TRP E 93 18.60 5.41 -24.26
N HIS E 94 19.25 4.88 -25.29
CA HIS E 94 20.71 4.83 -25.32
C HIS E 94 21.18 5.75 -26.43
N ILE E 95 22.48 6.01 -26.46
CA ILE E 95 23.04 6.89 -27.48
C ILE E 95 24.43 6.43 -27.92
N SER E 96 24.51 5.99 -29.17
CA SER E 96 25.73 5.46 -29.79
C SER E 96 26.81 6.49 -30.03
N GLU E 97 28.06 6.03 -30.08
CA GLU E 97 29.18 6.93 -30.30
C GLU E 97 29.00 7.69 -31.61
N GLY E 98 27.81 7.54 -32.19
CA GLY E 98 27.48 8.23 -33.43
C GLY E 98 26.10 8.84 -33.39
N TYR E 99 25.56 9.02 -32.19
CA TYR E 99 24.24 9.63 -32.02
C TYR E 99 23.07 8.79 -32.52
N GLU E 100 23.20 7.47 -32.47
CA GLU E 100 22.12 6.61 -32.87
C GLU E 100 21.25 6.49 -31.63
N LEU E 101 20.09 7.15 -31.63
CA LEU E 101 19.20 7.12 -30.49
C LEU E 101 18.55 5.75 -30.38
N GLY E 102 19.32 4.78 -29.94
CA GLY E 102 18.82 3.43 -29.80
C GLY E 102 18.28 3.19 -28.42
N THR E 103 18.02 1.92 -28.08
CA THR E 103 17.51 1.59 -26.77
C THR E 103 17.42 0.11 -26.49
N ASP E 104 18.52 -0.61 -26.57
CA ASP E 104 18.42 -2.01 -26.28
C ASP E 104 19.32 -2.52 -25.18
N LYS E 105 18.62 -3.08 -24.20
CA LYS E 105 19.10 -3.71 -22.97
C LYS E 105 17.79 -3.64 -22.17
N LEU E 106 17.45 -4.70 -21.44
CA LEU E 106 16.22 -4.68 -20.66
C LEU E 106 16.55 -5.12 -19.26
N VAL E 107 16.42 -4.22 -18.31
CA VAL E 107 16.72 -4.58 -16.95
C VAL E 107 15.52 -5.24 -16.24
N PHE E 108 15.79 -6.27 -15.47
CA PHE E 108 14.76 -6.97 -14.74
C PHE E 108 14.91 -6.86 -13.19
N GLY E 109 13.79 -6.80 -12.49
CA GLY E 109 13.87 -6.75 -11.05
C GLY E 109 14.27 -8.13 -10.56
N GLN E 110 14.26 -8.35 -9.24
CA GLN E 110 14.64 -9.66 -8.71
C GLN E 110 13.47 -10.65 -8.67
N GLY E 111 12.27 -10.19 -9.01
CA GLY E 111 11.12 -11.09 -9.00
C GLY E 111 10.37 -11.25 -7.70
N THR E 112 9.11 -11.67 -7.81
CA THR E 112 8.25 -11.84 -6.64
C THR E 112 7.35 -13.07 -6.69
N GLN E 113 7.62 -14.03 -5.82
CA GLN E 113 6.82 -15.26 -5.79
C GLN E 113 5.47 -15.08 -5.13
N VAL E 114 4.49 -14.67 -5.92
CA VAL E 114 3.14 -14.49 -5.43
C VAL E 114 2.47 -15.84 -5.30
N THR E 115 1.90 -16.12 -4.14
CA THR E 115 1.19 -17.39 -3.91
C THR E 115 -0.23 -17.16 -3.35
N VAL E 116 -1.26 -17.59 -4.06
CA VAL E 116 -2.64 -17.43 -3.62
C VAL E 116 -3.15 -18.72 -2.98
N GLU E 117 -3.37 -18.66 -1.67
CA GLU E 117 -3.93 -19.76 -0.90
C GLU E 117 -5.46 -19.66 -0.84
N PRO E 118 -6.16 -20.74 -0.69
CA PRO E 118 -7.63 -20.76 -0.67
C PRO E 118 -8.38 -20.04 0.49
N LYS E 119 -9.61 -19.64 0.20
CA LYS E 119 -10.46 -18.94 1.17
C LYS E 119 -10.52 -19.76 2.45
N SER E 120 -10.59 -19.10 3.61
CA SER E 120 -10.69 -19.89 4.82
C SER E 120 -11.94 -20.73 4.54
N GLN E 121 -11.88 -22.04 4.80
CA GLN E 121 -12.99 -22.91 4.43
C GLN E 121 -13.33 -24.06 5.41
N PRO E 122 -14.62 -24.26 5.70
CA PRO E 122 -15.06 -25.33 6.61
C PRO E 122 -14.41 -26.66 6.20
N PRO E 123 -13.64 -27.30 7.10
CA PRO E 123 -12.95 -28.56 6.82
C PRO E 123 -13.64 -29.46 5.81
N ALA E 124 -12.86 -30.27 5.10
CA ALA E 124 -13.45 -31.15 4.12
C ALA E 124 -13.05 -32.59 4.35
N LYS E 125 -13.97 -33.50 4.05
CA LYS E 125 -13.68 -34.89 4.24
C LYS E 125 -13.26 -35.53 2.96
N PRO E 126 -12.04 -36.07 3.04
CA PRO E 126 -11.43 -36.79 1.91
C PRO E 126 -12.18 -37.98 1.38
N SER E 127 -11.67 -38.41 0.26
CA SER E 127 -12.10 -39.58 -0.47
C SER E 127 -10.83 -40.26 -0.85
N VAL E 128 -10.71 -41.48 -0.49
CA VAL E 128 -9.44 -42.09 -0.79
C VAL E 128 -9.52 -43.29 -1.68
N PHE E 129 -8.71 -43.31 -2.73
CA PHE E 129 -8.77 -44.43 -3.62
C PHE E 129 -7.42 -45.02 -3.85
N ILE E 130 -7.36 -46.19 -4.47
CA ILE E 130 -6.07 -46.79 -4.69
C ILE E 130 -5.74 -47.19 -6.11
N MET E 131 -4.72 -46.54 -6.63
CA MET E 131 -4.23 -46.82 -7.97
C MET E 131 -3.20 -47.94 -7.82
N LYS E 132 -3.09 -48.79 -8.83
CA LYS E 132 -2.18 -49.90 -8.73
C LYS E 132 -1.32 -50.22 -9.95
N ASN E 133 -0.25 -50.95 -9.69
CA ASN E 133 0.67 -51.38 -10.72
C ASN E 133 1.66 -52.38 -10.12
N GLY E 134 1.30 -53.67 -10.15
CA GLY E 134 2.15 -54.71 -9.62
C GLY E 134 3.46 -54.20 -9.04
N THR E 135 3.50 -54.08 -7.71
CA THR E 135 4.67 -53.60 -6.97
C THR E 135 4.47 -52.15 -6.68
N ASN E 136 3.47 -51.57 -7.33
CA ASN E 136 3.18 -50.17 -7.22
C ASN E 136 1.79 -49.79 -6.77
N VAL E 137 1.69 -49.24 -5.57
CA VAL E 137 0.42 -48.80 -5.02
C VAL E 137 0.48 -47.31 -4.76
N ALA E 138 -0.48 -46.58 -5.29
CA ALA E 138 -0.51 -45.15 -5.11
C ALA E 138 -1.74 -44.71 -4.34
N CYS E 139 -1.55 -43.88 -3.33
CA CYS E 139 -2.68 -43.41 -2.56
C CYS E 139 -3.08 -42.03 -3.03
N LEU E 140 -4.34 -41.92 -3.44
CA LEU E 140 -4.92 -40.64 -3.88
C LEU E 140 -5.91 -40.11 -2.83
N VAL E 141 -5.60 -38.96 -2.24
CA VAL E 141 -6.51 -38.36 -1.28
C VAL E 141 -7.20 -37.28 -2.08
N LYS E 142 -8.51 -37.17 -1.97
CA LYS E 142 -9.24 -36.20 -2.78
C LYS E 142 -10.05 -35.10 -2.07
N ASP E 143 -10.15 -33.95 -2.74
CA ASP E 143 -10.86 -32.72 -2.30
C ASP E 143 -11.01 -32.44 -0.81
N PHE E 144 -9.89 -32.39 -0.08
CA PHE E 144 -9.91 -32.11 1.34
C PHE E 144 -9.39 -30.70 1.67
N TYR E 145 -10.02 -29.99 2.60
CA TYR E 145 -9.55 -28.64 2.87
C TYR E 145 -8.27 -28.40 3.68
N PRO E 146 -8.35 -28.37 5.02
CA PRO E 146 -7.10 -28.11 5.77
C PRO E 146 -5.90 -28.94 5.28
N LYS E 147 -4.87 -28.26 4.76
CA LYS E 147 -3.68 -28.94 4.25
C LYS E 147 -3.09 -29.96 5.25
N GLU E 148 -3.11 -29.63 6.54
CA GLU E 148 -2.59 -30.52 7.58
C GLU E 148 -3.06 -31.95 7.29
N VAL E 149 -2.12 -32.84 6.98
CA VAL E 149 -2.45 -34.21 6.59
C VAL E 149 -1.44 -35.32 6.88
N THR E 150 -1.94 -36.54 7.09
CA THR E 150 -1.08 -37.70 7.32
C THR E 150 -1.59 -38.90 6.56
N ILE E 151 -0.82 -39.33 5.57
CA ILE E 151 -1.20 -40.47 4.73
C ILE E 151 -0.22 -41.60 5.04
N SER E 152 -0.74 -42.83 5.13
CA SER E 152 0.07 -44.00 5.43
C SER E 152 -0.49 -45.16 4.65
N LEU E 153 0.40 -46.00 4.12
CA LEU E 153 -0.03 -47.16 3.36
C LEU E 153 0.24 -48.41 4.19
N ARG E 154 -0.82 -49.13 4.59
CA ARG E 154 -0.63 -50.34 5.38
C ARG E 154 -0.23 -51.50 4.48
N SER E 155 1.04 -51.89 4.60
CA SER E 155 1.64 -52.98 3.81
C SER E 155 2.67 -53.63 4.71
N SER E 156 3.10 -54.84 4.38
CA SER E 156 4.07 -55.57 5.22
C SER E 156 5.50 -55.64 4.66
N LYS E 157 5.62 -56.02 3.39
CA LYS E 157 6.92 -56.13 2.74
C LYS E 157 7.15 -54.85 1.94
N LYS E 158 7.15 -53.70 2.61
CA LYS E 158 7.33 -52.43 1.91
C LYS E 158 8.73 -52.15 1.40
N ILE E 159 8.85 -52.04 0.08
CA ILE E 159 10.12 -51.79 -0.59
C ILE E 159 10.59 -50.34 -0.45
N VAL E 160 10.03 -49.44 -1.25
CA VAL E 160 10.41 -48.04 -1.14
C VAL E 160 9.21 -47.14 -1.24
N GLU E 161 9.10 -46.23 -0.29
CA GLU E 161 7.98 -45.30 -0.24
C GLU E 161 8.53 -43.91 -0.45
N PHE E 162 7.84 -43.13 -1.30
CA PHE E 162 8.27 -41.77 -1.63
C PHE E 162 7.44 -40.78 -0.84
N ASP E 163 7.94 -39.56 -0.69
CA ASP E 163 7.17 -38.55 0.03
C ASP E 163 5.84 -38.36 -0.70
N PRO E 164 4.90 -37.65 -0.08
CA PRO E 164 3.57 -37.38 -0.64
C PRO E 164 3.46 -36.09 -1.44
N ALA E 165 2.54 -36.10 -2.42
CA ALA E 165 2.31 -34.92 -3.26
C ALA E 165 0.98 -34.22 -2.87
N ILE E 166 1.06 -32.93 -2.55
CA ILE E 166 -0.13 -32.20 -2.14
C ILE E 166 -0.35 -30.88 -2.90
N VAL E 167 -1.15 -31.00 -3.95
CA VAL E 167 -1.48 -29.90 -4.85
C VAL E 167 -2.84 -29.29 -4.60
N ILE E 168 -2.90 -27.98 -4.74
CA ILE E 168 -4.14 -27.28 -4.56
C ILE E 168 -5.10 -27.80 -5.61
N SER E 169 -6.15 -28.49 -5.21
CA SER E 169 -7.12 -28.99 -6.17
C SER E 169 -7.73 -27.86 -6.99
N PRO E 170 -8.61 -28.21 -7.93
CA PRO E 170 -9.29 -27.27 -8.81
C PRO E 170 -10.24 -26.32 -8.05
N SER E 171 -11.21 -26.93 -7.39
CA SER E 171 -12.25 -26.27 -6.61
C SER E 171 -11.77 -25.47 -5.42
N GLY E 172 -10.46 -25.35 -5.27
CA GLY E 172 -9.98 -24.57 -4.15
C GLY E 172 -9.82 -25.38 -2.90
N LYS E 173 -9.89 -26.69 -3.02
CA LYS E 173 -9.70 -27.53 -1.86
C LYS E 173 -8.30 -28.10 -2.08
N TYR E 174 -7.84 -28.95 -1.18
CA TYR E 174 -6.53 -29.55 -1.31
C TYR E 174 -6.63 -30.98 -1.75
N SER E 175 -5.62 -31.49 -2.43
CA SER E 175 -5.66 -32.88 -2.86
C SER E 175 -4.28 -33.47 -2.76
N ALA E 176 -4.17 -34.80 -2.70
CA ALA E 176 -2.84 -35.41 -2.62
C ALA E 176 -2.75 -36.76 -3.27
N VAL E 177 -1.51 -37.19 -3.47
CA VAL E 177 -1.21 -38.48 -4.07
C VAL E 177 0.11 -38.96 -3.50
N LYS E 178 0.25 -40.27 -3.30
CA LYS E 178 1.51 -40.79 -2.76
C LYS E 178 1.81 -42.19 -3.24
N LEU E 179 2.98 -42.36 -3.82
CA LEU E 179 3.39 -43.65 -4.33
C LEU E 179 4.32 -44.32 -3.36
N GLY E 180 4.70 -45.53 -3.73
CA GLY E 180 5.60 -46.35 -2.94
C GLY E 180 5.57 -47.65 -3.69
N GLN E 181 6.41 -48.59 -3.28
CA GLN E 181 6.44 -49.91 -3.93
C GLN E 181 6.28 -51.03 -2.89
N TYR E 182 5.51 -52.07 -3.23
CA TYR E 182 5.30 -53.13 -2.27
C TYR E 182 5.21 -54.57 -2.81
N GLY E 183 5.30 -55.53 -1.88
CA GLY E 183 5.20 -56.92 -2.22
C GLY E 183 3.75 -57.34 -2.15
N ASP E 184 3.14 -57.11 -0.99
CA ASP E 184 1.73 -57.43 -0.77
C ASP E 184 0.73 -56.57 -1.58
N SER E 185 1.27 -55.76 -2.49
CA SER E 185 0.52 -54.87 -3.34
C SER E 185 -1.00 -55.00 -3.27
N ASN E 186 -1.52 -56.11 -3.78
CA ASN E 186 -2.96 -56.38 -3.82
C ASN E 186 -3.64 -56.19 -2.48
N SER E 187 -2.92 -56.52 -1.43
CA SER E 187 -3.45 -56.38 -0.09
C SER E 187 -3.52 -54.89 0.27
N VAL E 188 -2.41 -54.19 0.02
CA VAL E 188 -2.26 -52.76 0.32
C VAL E 188 -3.49 -51.85 0.27
N THR E 189 -3.88 -51.37 1.43
CA THR E 189 -4.98 -50.44 1.53
C THR E 189 -4.35 -49.23 2.14
N CYS E 190 -4.89 -48.05 1.86
CA CYS E 190 -4.34 -46.81 2.37
C CYS E 190 -5.22 -46.11 3.41
N SER E 191 -4.60 -45.72 4.54
CA SER E 191 -5.31 -45.04 5.64
C SER E 191 -4.93 -43.56 5.77
N VAL E 192 -5.93 -42.68 5.79
CA VAL E 192 -5.66 -41.25 5.88
C VAL E 192 -6.20 -40.60 7.13
N GLN E 193 -5.34 -39.91 7.87
CA GLN E 193 -5.78 -39.19 9.06
C GLN E 193 -5.72 -37.71 8.74
N HIS E 194 -6.89 -37.06 8.78
CA HIS E 194 -6.98 -35.64 8.50
C HIS E 194 -8.05 -34.97 9.35
N ASN E 195 -7.63 -33.96 10.10
CA ASN E 195 -8.50 -33.17 10.97
C ASN E 195 -9.15 -34.01 12.06
N SER E 196 -8.31 -34.81 12.74
CA SER E 196 -8.71 -35.70 13.83
C SER E 196 -9.51 -36.95 13.45
N GLU E 197 -10.07 -36.98 12.24
CA GLU E 197 -10.84 -38.12 11.79
C GLU E 197 -9.92 -39.08 11.11
N THR E 198 -10.47 -40.20 10.65
CA THR E 198 -9.70 -41.19 9.90
C THR E 198 -10.54 -41.67 8.74
N VAL E 199 -9.90 -41.71 7.57
CA VAL E 199 -10.56 -42.18 6.37
C VAL E 199 -9.71 -43.28 5.77
N HIS E 200 -10.37 -44.38 5.38
CA HIS E 200 -9.71 -45.53 4.78
C HIS E 200 -9.99 -45.63 3.29
N SER E 201 -8.98 -46.03 2.54
CA SER E 201 -9.15 -46.22 1.11
C SER E 201 -10.38 -47.11 1.14
N THR E 202 -10.21 -48.21 1.86
CA THR E 202 -11.21 -49.22 2.08
C THR E 202 -12.62 -48.64 2.23
N ASP E 203 -12.78 -47.65 3.10
CA ASP E 203 -14.08 -47.04 3.34
C ASP E 203 -14.94 -46.79 2.10
N PHE E 204 -14.32 -46.74 0.93
CA PHE E 204 -15.11 -46.46 -0.26
C PHE E 204 -15.21 -47.60 -1.23
N GLU E 205 -14.09 -48.26 -1.49
CA GLU E 205 -14.06 -49.38 -2.41
C GLU E 205 -15.32 -50.18 -2.16
N ALA E 206 -16.18 -50.28 -3.15
CA ALA E 206 -17.39 -51.04 -2.95
C ALA E 206 -17.09 -52.54 -2.95
N ALA E 207 -18.01 -53.35 -2.46
CA ALA E 207 -17.76 -54.79 -2.44
C ALA E 207 -19.01 -55.64 -2.19
N HIS F 1 1.54 -22.29 -35.63
CA HIS F 1 1.85 -22.89 -34.31
C HIS F 1 3.04 -22.23 -33.60
N GLY F 2 3.23 -20.93 -33.79
CA GLY F 2 4.34 -20.28 -33.14
C GLY F 2 4.66 -18.88 -33.61
N LYS F 3 5.18 -18.07 -32.69
CA LYS F 3 5.56 -16.70 -32.98
C LYS F 3 7.07 -16.58 -32.84
N LEU F 4 7.64 -17.46 -32.03
CA LEU F 4 9.06 -17.48 -31.73
C LEU F 4 9.14 -18.50 -30.61
N GLU F 5 9.77 -19.65 -30.85
CA GLU F 5 9.81 -20.68 -29.80
C GLU F 5 11.10 -21.43 -29.88
N GLN F 6 11.53 -21.99 -28.76
CA GLN F 6 12.79 -22.71 -28.75
C GLN F 6 12.58 -24.22 -28.78
N PRO F 7 13.53 -24.93 -29.40
CA PRO F 7 13.51 -26.40 -29.54
C PRO F 7 13.50 -27.15 -28.22
N GLU F 8 14.69 -27.56 -27.81
CA GLU F 8 14.88 -28.33 -26.58
C GLU F 8 14.72 -27.41 -25.38
N ILE F 9 14.30 -27.97 -24.25
CA ILE F 9 14.10 -27.18 -23.02
C ILE F 9 15.25 -27.28 -22.05
N SER F 10 16.11 -28.28 -22.23
CA SER F 10 17.24 -28.45 -21.34
C SER F 10 18.41 -28.94 -22.12
N ILE F 11 19.60 -28.49 -21.76
CA ILE F 11 20.82 -28.93 -22.43
C ILE F 11 21.97 -29.23 -21.46
N SER F 12 22.37 -30.49 -21.45
CA SER F 12 23.42 -30.96 -20.58
C SER F 12 24.67 -31.31 -21.38
N ARG F 13 25.67 -30.44 -21.34
CA ARG F 13 26.92 -30.67 -22.07
C ARG F 13 28.14 -30.44 -21.14
N PRO F 14 29.25 -31.19 -21.38
CA PRO F 14 30.55 -31.26 -20.72
C PRO F 14 31.22 -29.99 -20.22
N ARG F 15 32.07 -30.14 -19.21
CA ARG F 15 32.81 -29.02 -18.63
C ARG F 15 33.92 -28.67 -19.62
N ASP F 16 34.18 -27.39 -19.77
CA ASP F 16 35.20 -26.92 -20.69
C ASP F 16 35.00 -27.47 -22.10
N GLU F 17 33.81 -27.27 -22.64
CA GLU F 17 33.42 -27.68 -23.99
C GLU F 17 32.40 -26.67 -24.52
N THR F 18 31.94 -26.86 -25.76
CA THR F 18 31.01 -25.88 -26.33
C THR F 18 29.54 -26.29 -26.25
N ALA F 19 28.70 -25.30 -25.94
CA ALA F 19 27.26 -25.49 -25.84
C ALA F 19 26.54 -24.37 -26.61
N GLN F 20 25.73 -24.72 -27.60
CA GLN F 20 25.02 -23.69 -28.34
C GLN F 20 23.53 -23.91 -28.25
N ILE F 21 22.80 -22.87 -27.87
CA ILE F 21 21.35 -22.93 -27.74
C ILE F 21 20.69 -22.45 -29.03
N SER F 22 19.43 -22.81 -29.22
CA SER F 22 18.76 -22.40 -30.43
C SER F 22 17.35 -21.92 -30.17
N CYS F 23 16.85 -21.12 -31.11
CA CYS F 23 15.52 -20.54 -31.01
C CYS F 23 14.91 -20.30 -32.40
N LYS F 24 14.05 -21.23 -32.84
CA LYS F 24 13.36 -21.14 -34.15
C LYS F 24 12.64 -19.80 -34.27
N VAL F 25 12.96 -18.98 -35.29
CA VAL F 25 12.28 -17.70 -35.49
C VAL F 25 11.17 -17.83 -36.49
N PHE F 26 10.08 -17.09 -36.31
CA PHE F 26 8.92 -17.21 -37.23
C PHE F 26 8.39 -15.89 -37.73
N ILE F 27 9.25 -15.03 -38.25
CA ILE F 27 8.77 -13.76 -38.80
C ILE F 27 9.45 -13.50 -40.13
N GLU F 28 8.66 -13.42 -41.20
CA GLU F 28 9.21 -13.20 -42.52
C GLU F 28 10.15 -12.00 -42.64
N SER F 29 9.83 -10.96 -41.90
CA SER F 29 10.66 -9.75 -41.92
C SER F 29 12.09 -10.12 -41.54
N PHE F 30 12.26 -11.39 -41.22
CA PHE F 30 13.51 -12.00 -40.76
C PHE F 30 14.81 -11.19 -41.05
N ARG F 31 15.24 -11.15 -42.31
CA ARG F 31 16.46 -10.45 -42.69
C ARG F 31 16.60 -9.14 -41.93
N SER F 32 15.47 -8.45 -41.72
CA SER F 32 15.49 -7.18 -41.04
C SER F 32 14.83 -7.22 -39.67
N VAL F 33 15.27 -8.17 -38.84
CA VAL F 33 14.74 -8.30 -37.49
C VAL F 33 15.91 -8.16 -36.53
N THR F 34 15.61 -8.20 -35.24
CA THR F 34 16.63 -8.10 -34.21
C THR F 34 16.26 -9.13 -33.18
N ILE F 35 17.16 -10.07 -32.93
CA ILE F 35 16.89 -11.10 -31.94
C ILE F 35 17.68 -10.90 -30.65
N HIS F 36 16.96 -10.88 -29.53
CA HIS F 36 17.56 -10.64 -28.22
C HIS F 36 17.77 -11.88 -27.37
N TRP F 37 18.83 -11.82 -26.57
CA TRP F 37 19.19 -12.93 -25.71
C TRP F 37 19.45 -12.59 -24.27
N TYR F 38 18.64 -13.10 -23.38
CA TYR F 38 18.88 -12.91 -21.96
C TYR F 38 19.07 -14.28 -21.37
N ARG F 39 19.66 -14.23 -20.21
CA ARG F 39 19.98 -15.39 -19.39
C ARG F 39 19.32 -15.16 -18.04
N GLN F 40 19.21 -16.20 -17.26
CA GLN F 40 18.58 -16.12 -15.95
C GLN F 40 19.27 -17.11 -15.01
N LYS F 41 19.54 -16.68 -13.79
CA LYS F 41 20.09 -17.62 -12.85
C LYS F 41 18.98 -17.94 -11.85
N PRO F 42 19.06 -19.09 -11.14
CA PRO F 42 18.14 -19.46 -10.07
C PRO F 42 17.50 -18.32 -9.30
N ASN F 43 16.26 -18.02 -9.65
CA ASN F 43 15.49 -16.96 -9.04
C ASN F 43 16.28 -15.68 -8.94
N GLN F 44 16.42 -15.01 -10.08
CA GLN F 44 17.18 -13.80 -10.12
C GLN F 44 16.58 -12.82 -11.12
N GLY F 45 16.08 -13.34 -12.23
CA GLY F 45 15.53 -12.46 -13.24
C GLY F 45 16.39 -12.36 -14.49
N LEU F 46 15.73 -12.18 -15.64
CA LEU F 46 16.42 -12.09 -16.91
C LEU F 46 17.52 -11.04 -16.92
N GLU F 47 18.69 -11.45 -17.41
CA GLU F 47 19.87 -10.62 -17.55
C GLU F 47 20.19 -10.64 -19.03
N PHE F 48 20.44 -9.47 -19.60
CA PHE F 48 20.74 -9.34 -21.04
C PHE F 48 22.11 -9.92 -21.40
N LEU F 49 22.24 -10.37 -22.64
CA LEU F 49 23.50 -10.93 -23.13
C LEU F 49 24.00 -10.28 -24.42
N LEU F 50 23.23 -10.40 -25.51
CA LEU F 50 23.63 -9.84 -26.80
C LEU F 50 22.43 -9.77 -27.72
N TYR F 51 22.55 -8.96 -28.78
CA TYR F 51 21.49 -8.84 -29.75
C TYR F 51 21.97 -9.32 -31.12
N VAL F 52 21.06 -9.91 -31.88
CA VAL F 52 21.39 -10.40 -33.20
C VAL F 52 20.78 -9.44 -34.21
N LEU F 53 21.64 -8.74 -34.93
CA LEU F 53 21.25 -7.77 -35.95
C LEU F 53 20.38 -8.39 -37.04
N ALA F 54 19.97 -7.54 -37.97
CA ALA F 54 19.15 -7.97 -39.09
C ALA F 54 20.05 -8.87 -39.93
N THR F 55 19.88 -10.17 -39.75
CA THR F 55 20.70 -11.16 -40.44
C THR F 55 22.08 -11.11 -39.77
N PRO F 56 23.11 -11.79 -40.32
CA PRO F 56 24.45 -11.76 -39.70
C PRO F 56 25.00 -10.55 -38.89
N THR F 57 26.22 -10.15 -39.25
CA THR F 57 26.92 -9.07 -38.57
C THR F 57 27.01 -9.50 -37.13
N HIS F 58 27.20 -10.80 -37.00
CA HIS F 58 27.28 -11.49 -35.71
C HIS F 58 28.01 -10.72 -34.58
N ILE F 59 27.43 -10.85 -33.39
CA ILE F 59 27.90 -10.24 -32.16
C ILE F 59 28.23 -11.32 -31.16
N PHE F 60 29.14 -11.04 -30.23
CA PHE F 60 29.58 -12.06 -29.27
C PHE F 60 30.10 -11.45 -27.97
N LEU F 61 30.50 -12.32 -27.03
CA LEU F 61 30.93 -11.78 -25.73
C LEU F 61 32.34 -12.19 -25.32
N ASP F 62 33.31 -11.28 -25.48
CA ASP F 62 34.68 -11.53 -25.07
C ASP F 62 34.81 -11.10 -23.60
N LYS F 63 35.59 -11.86 -22.83
CA LYS F 63 35.83 -11.55 -21.43
C LYS F 63 37.31 -11.14 -21.33
N GLU F 64 37.59 -9.93 -21.81
CA GLU F 64 38.95 -9.38 -21.81
C GLU F 64 39.80 -10.09 -22.86
N TYR F 65 39.27 -10.10 -24.07
CA TYR F 65 39.87 -10.75 -25.22
C TYR F 65 40.00 -12.26 -25.08
N LYS F 66 38.83 -12.88 -24.92
CA LYS F 66 38.64 -14.31 -24.76
C LYS F 66 37.10 -14.42 -24.81
N LYS F 67 36.56 -14.83 -25.95
CA LYS F 67 35.11 -14.91 -26.10
C LYS F 67 34.42 -15.96 -25.23
N MET F 68 33.25 -15.57 -24.71
CA MET F 68 32.38 -16.41 -23.89
C MET F 68 31.17 -16.89 -24.67
N GLU F 69 30.59 -16.06 -25.56
CA GLU F 69 29.47 -16.57 -26.37
C GLU F 69 29.18 -15.74 -27.64
N ALA F 70 28.26 -16.23 -28.45
CA ALA F 70 27.96 -15.51 -29.69
C ALA F 70 26.59 -15.85 -30.33
N SER F 71 25.77 -14.81 -30.53
CA SER F 71 24.45 -14.96 -31.14
C SER F 71 24.60 -15.04 -32.66
N LYS F 72 23.80 -15.85 -33.34
CA LYS F 72 23.91 -15.96 -34.79
C LYS F 72 22.54 -15.93 -35.44
N ASN F 73 22.46 -15.79 -36.77
CA ASN F 73 21.16 -15.73 -37.44
C ASN F 73 21.16 -16.21 -38.90
N PRO F 74 21.11 -17.53 -39.14
CA PRO F 74 21.11 -18.21 -40.45
C PRO F 74 19.80 -18.43 -41.21
N SER F 75 19.93 -19.15 -42.32
CA SER F 75 18.84 -19.51 -43.26
C SER F 75 17.61 -20.11 -42.62
N ALA F 76 17.82 -21.08 -41.75
CA ALA F 76 16.72 -21.77 -41.08
C ALA F 76 15.88 -20.87 -40.16
N SER F 77 15.74 -19.59 -40.57
CA SER F 77 14.96 -18.61 -39.83
C SER F 77 15.06 -18.82 -38.32
N THR F 78 16.27 -18.78 -37.81
CA THR F 78 16.46 -18.94 -36.38
C THR F 78 17.79 -18.32 -36.03
N SER F 79 17.99 -18.05 -34.74
CA SER F 79 19.25 -17.50 -34.27
C SER F 79 19.87 -18.57 -33.37
N ILE F 80 21.09 -18.32 -32.91
CA ILE F 80 21.80 -19.32 -32.10
C ILE F 80 22.78 -18.75 -31.09
N LEU F 81 22.71 -19.20 -29.85
CA LEU F 81 23.64 -18.71 -28.85
C LEU F 81 24.65 -19.79 -28.51
N THR F 82 25.93 -19.51 -28.76
CA THR F 82 26.95 -20.49 -28.46
C THR F 82 27.59 -20.13 -27.14
N ILE F 83 28.19 -21.12 -26.51
CA ILE F 83 28.82 -20.93 -25.22
C ILE F 83 30.06 -21.83 -25.13
N TYR F 84 31.24 -21.21 -25.09
CA TYR F 84 32.51 -21.92 -25.02
C TYR F 84 33.04 -21.77 -23.62
N SER F 85 34.06 -22.54 -23.26
CA SER F 85 34.62 -22.47 -21.92
C SER F 85 33.50 -22.57 -20.89
N LEU F 86 32.89 -23.75 -20.83
CA LEU F 86 31.79 -24.03 -19.91
C LEU F 86 32.19 -24.19 -18.44
N GLU F 87 31.39 -23.60 -17.56
CA GLU F 87 31.60 -23.66 -16.12
C GLU F 87 30.24 -23.66 -15.38
N GLU F 88 30.24 -24.00 -14.11
CA GLU F 88 28.98 -24.03 -13.38
C GLU F 88 28.28 -22.68 -13.40
N GLU F 89 28.90 -21.63 -12.87
CA GLU F 89 28.22 -20.34 -12.87
C GLU F 89 27.93 -19.80 -14.26
N ASP F 90 27.65 -20.74 -15.16
CA ASP F 90 27.31 -20.49 -16.54
C ASP F 90 26.09 -21.32 -16.87
N GLU F 91 25.65 -22.09 -15.88
CA GLU F 91 24.49 -22.92 -15.98
C GLU F 91 23.27 -22.17 -15.51
N ALA F 92 22.29 -22.05 -16.40
CA ALA F 92 21.03 -21.34 -16.11
C ALA F 92 19.99 -21.57 -17.20
N ILE F 93 19.09 -20.61 -17.33
CA ILE F 93 18.03 -20.68 -18.33
C ILE F 93 18.21 -19.58 -19.36
N TYR F 94 18.41 -19.96 -20.61
CA TYR F 94 18.60 -19.00 -21.67
C TYR F 94 17.33 -18.75 -22.48
N TYR F 95 17.04 -17.47 -22.68
CA TYR F 95 15.85 -17.09 -23.41
C TYR F 95 16.12 -16.24 -24.64
N CYS F 96 15.24 -16.39 -25.63
CA CYS F 96 15.25 -15.65 -26.90
C CYS F 96 14.09 -14.69 -26.95
N SER F 97 14.26 -13.56 -27.62
CA SER F 97 13.19 -12.56 -27.71
C SER F 97 13.40 -11.55 -28.85
N TYR F 98 12.30 -10.99 -29.33
CA TYR F 98 12.37 -10.04 -30.41
C TYR F 98 11.52 -8.83 -30.15
N GLY F 99 11.99 -7.66 -30.62
CA GLY F 99 11.25 -6.42 -30.43
C GLY F 99 10.53 -5.97 -31.68
N GLU F 100 9.20 -5.90 -31.59
CA GLU F 100 8.31 -5.50 -32.68
C GLU F 100 8.94 -4.69 -33.81
N GLY F 101 8.59 -5.05 -35.05
CA GLY F 101 9.11 -4.42 -36.26
C GLY F 101 9.45 -2.94 -36.31
N SER F 102 8.44 -2.07 -36.17
CA SER F 102 8.65 -0.63 -36.22
C SER F 102 8.76 0.02 -34.85
N SER F 103 9.73 -0.46 -34.06
CA SER F 103 10.02 0.04 -32.72
C SER F 103 8.85 0.03 -31.73
N GLY F 104 8.19 -1.12 -31.64
CA GLY F 104 7.09 -1.28 -30.71
C GLY F 104 7.60 -2.21 -29.62
N PHE F 105 6.90 -2.31 -28.50
CA PHE F 105 7.41 -3.20 -27.47
C PHE F 105 6.47 -3.91 -26.50
N HIS F 106 5.93 -5.04 -26.93
CA HIS F 106 5.09 -5.88 -26.06
C HIS F 106 6.00 -7.09 -25.90
N LYS F 107 7.31 -6.79 -25.93
CA LYS F 107 8.38 -7.76 -25.82
C LYS F 107 7.95 -9.19 -25.59
N VAL F 108 8.41 -10.06 -26.49
CA VAL F 108 8.06 -11.45 -26.48
C VAL F 108 9.25 -12.36 -26.24
N PHE F 109 9.16 -13.23 -25.25
CA PHE F 109 10.26 -14.16 -25.02
C PHE F 109 9.68 -15.51 -25.32
N ALA F 110 10.54 -16.52 -25.30
CA ALA F 110 10.13 -17.87 -25.56
C ALA F 110 10.02 -18.65 -24.26
N GLU F 111 9.94 -19.96 -24.40
CA GLU F 111 9.82 -20.83 -23.25
C GLU F 111 11.17 -20.90 -22.55
N GLY F 112 12.24 -20.55 -23.28
CA GLY F 112 13.57 -20.59 -22.69
C GLY F 112 14.20 -21.99 -22.67
N THR F 113 15.51 -22.05 -22.45
CA THR F 113 16.25 -23.31 -22.40
C THR F 113 17.19 -23.45 -21.18
N LYS F 114 17.05 -24.51 -20.40
CA LYS F 114 17.95 -24.63 -19.28
C LYS F 114 19.26 -25.28 -19.74
N LEU F 115 20.37 -24.62 -19.40
CA LEU F 115 21.71 -25.09 -19.75
C LEU F 115 22.39 -25.81 -18.62
N ILE F 116 22.36 -27.13 -18.68
CA ILE F 116 22.93 -27.96 -17.64
C ILE F 116 24.35 -28.36 -17.97
N VAL F 117 25.28 -28.02 -17.09
CA VAL F 117 26.69 -28.40 -17.25
C VAL F 117 26.91 -29.65 -16.39
N ILE F 118 27.10 -30.76 -17.10
CA ILE F 118 27.32 -32.07 -16.51
C ILE F 118 28.83 -32.41 -16.39
N PRO F 119 29.18 -32.76 -15.16
CA PRO F 119 30.57 -33.15 -14.76
C PRO F 119 31.19 -34.37 -15.38
N SER F 120 31.14 -35.47 -14.63
CA SER F 120 31.71 -36.73 -15.12
C SER F 120 31.13 -38.05 -14.60
N ASP F 121 31.33 -39.05 -15.44
CA ASP F 121 30.89 -40.42 -15.21
C ASP F 121 31.70 -41.28 -16.19
N LYS F 122 32.25 -42.40 -15.74
CA LYS F 122 33.05 -43.28 -16.61
C LYS F 122 33.21 -42.66 -18.02
N ARG F 123 32.16 -42.78 -18.85
CA ARG F 123 32.12 -42.19 -20.18
C ARG F 123 30.65 -41.91 -20.47
N LEU F 124 29.94 -41.59 -19.39
CA LEU F 124 28.52 -41.26 -19.40
C LEU F 124 27.65 -42.15 -20.30
N ASP F 125 27.67 -43.46 -20.06
CA ASP F 125 26.83 -44.34 -20.86
C ASP F 125 25.80 -45.00 -19.95
N ALA F 126 24.55 -44.56 -20.11
CA ALA F 126 23.43 -45.12 -19.37
C ALA F 126 22.16 -44.58 -19.99
N ASP F 127 21.08 -45.34 -20.00
CA ASP F 127 19.85 -44.82 -20.59
C ASP F 127 19.13 -43.95 -19.57
N ILE F 128 19.36 -42.68 -19.68
CA ILE F 128 18.71 -41.71 -18.80
C ILE F 128 17.69 -40.98 -19.65
N SER F 129 16.45 -41.43 -19.58
CA SER F 129 15.35 -40.84 -20.31
C SER F 129 14.16 -41.19 -19.50
N PRO F 130 13.00 -40.57 -19.78
CA PRO F 130 11.79 -40.87 -19.03
C PRO F 130 11.42 -42.34 -19.09
N LYS F 131 10.70 -42.78 -18.07
CA LYS F 131 10.25 -44.15 -18.00
C LYS F 131 8.86 -44.15 -17.37
N PRO F 132 7.83 -44.32 -18.20
CA PRO F 132 6.43 -44.36 -17.82
C PRO F 132 6.15 -45.35 -16.70
N THR F 133 4.86 -45.52 -16.40
CA THR F 133 4.34 -46.42 -15.39
C THR F 133 2.93 -45.89 -15.26
N ILE F 134 2.03 -46.40 -16.07
CA ILE F 134 0.64 -45.98 -16.08
C ILE F 134 -0.14 -46.64 -14.97
N PHE F 135 -1.13 -45.89 -14.51
CA PHE F 135 -2.06 -46.33 -13.50
C PHE F 135 -3.42 -45.87 -14.01
N LEU F 136 -4.39 -46.78 -14.15
CA LEU F 136 -5.74 -46.38 -14.59
C LEU F 136 -6.60 -45.94 -13.41
N PRO F 137 -7.80 -45.42 -13.70
CA PRO F 137 -8.69 -44.98 -12.62
C PRO F 137 -8.97 -46.07 -11.58
N SER F 138 -9.63 -45.67 -10.50
CA SER F 138 -9.99 -46.58 -9.42
C SER F 138 -11.50 -46.80 -9.46
N VAL F 139 -11.92 -48.04 -9.66
CA VAL F 139 -13.34 -48.35 -9.73
C VAL F 139 -14.11 -47.69 -8.58
N ALA F 140 -13.54 -47.73 -7.38
CA ALA F 140 -14.16 -47.08 -6.24
C ALA F 140 -14.59 -45.72 -6.76
N GLU F 141 -13.62 -44.87 -7.07
CA GLU F 141 -13.89 -43.54 -7.59
C GLU F 141 -14.87 -43.61 -8.75
N THR F 142 -14.52 -44.35 -9.80
CA THR F 142 -15.42 -44.46 -10.95
C THR F 142 -16.85 -44.63 -10.40
N ASN F 143 -17.01 -45.75 -9.70
CA ASN F 143 -18.25 -46.17 -9.07
C ASN F 143 -18.97 -45.09 -8.29
N LEU F 144 -18.27 -44.48 -7.35
CA LEU F 144 -18.84 -43.49 -6.45
C LEU F 144 -18.90 -42.04 -6.88
N HIS F 145 -17.95 -41.60 -7.68
CA HIS F 145 -17.93 -40.22 -8.13
C HIS F 145 -18.34 -40.03 -9.59
N LYS F 146 -18.14 -41.06 -10.40
CA LYS F 146 -18.44 -40.94 -11.81
C LYS F 146 -17.34 -39.97 -12.25
N THR F 147 -16.12 -40.36 -11.89
CA THR F 147 -14.90 -39.65 -12.17
C THR F 147 -13.82 -40.69 -12.43
N GLY F 148 -12.66 -40.25 -12.86
CA GLY F 148 -11.57 -41.18 -13.12
C GLY F 148 -10.30 -40.37 -13.14
N THR F 149 -9.31 -40.83 -12.38
CA THR F 149 -8.03 -40.12 -12.33
C THR F 149 -6.94 -41.03 -12.86
N TYR F 150 -5.91 -40.44 -13.47
CA TYR F 150 -4.81 -41.25 -13.96
C TYR F 150 -3.49 -40.80 -13.34
N LEU F 151 -2.52 -41.69 -13.36
CA LEU F 151 -1.22 -41.35 -12.80
C LEU F 151 -0.17 -41.59 -13.88
N CYS F 152 0.60 -40.56 -14.16
CA CYS F 152 1.67 -40.60 -15.17
C CYS F 152 2.94 -40.55 -14.35
N LEU F 153 3.60 -41.68 -14.17
CA LEU F 153 4.80 -41.70 -13.38
C LEU F 153 6.07 -41.91 -14.17
N LEU F 154 6.94 -40.93 -14.13
CA LEU F 154 8.19 -41.00 -14.86
C LEU F 154 9.38 -41.04 -13.90
N GLU F 155 10.33 -41.91 -14.17
CA GLU F 155 11.51 -42.00 -13.32
C GLU F 155 12.74 -42.32 -14.14
N ALA F 156 13.89 -42.43 -13.45
CA ALA F 156 15.16 -42.73 -14.09
C ALA F 156 15.46 -41.82 -15.27
N PHE F 157 15.08 -40.56 -15.15
CA PHE F 157 15.38 -39.55 -16.19
C PHE F 157 16.42 -38.60 -15.58
N PHE F 158 17.26 -37.97 -16.40
CA PHE F 158 18.29 -37.10 -15.83
C PHE F 158 18.16 -35.59 -15.75
N PRO F 159 18.22 -34.90 -16.90
CA PRO F 159 18.11 -33.45 -16.89
C PRO F 159 17.45 -32.93 -15.63
N ASP F 160 16.35 -33.57 -15.25
CA ASP F 160 15.59 -33.18 -14.07
C ASP F 160 14.71 -32.02 -14.50
N VAL F 161 14.74 -31.76 -15.79
CA VAL F 161 13.99 -30.69 -16.38
C VAL F 161 12.95 -31.23 -17.35
N ILE F 162 11.80 -31.65 -16.82
CA ILE F 162 10.75 -32.18 -17.68
C ILE F 162 9.52 -31.31 -17.63
N ARG F 163 8.71 -31.36 -18.66
CA ARG F 163 7.46 -30.63 -18.64
C ARG F 163 6.45 -31.73 -18.97
N VAL F 164 5.42 -31.89 -18.17
CA VAL F 164 4.46 -32.95 -18.46
C VAL F 164 3.04 -32.44 -18.40
N TYR F 165 2.38 -32.46 -19.53
CA TYR F 165 1.02 -31.96 -19.56
C TYR F 165 0.12 -33.01 -20.13
N TRP F 166 -1.12 -33.09 -19.63
CA TRP F 166 -2.09 -34.06 -20.10
C TRP F 166 -2.95 -33.48 -21.18
N LYS F 167 -2.69 -33.90 -22.39
CA LYS F 167 -3.43 -33.42 -23.53
C LYS F 167 -4.48 -34.43 -23.89
N GLU F 168 -5.67 -33.96 -24.17
CA GLU F 168 -6.70 -34.86 -24.60
C GLU F 168 -6.34 -35.21 -26.01
N LYS F 169 -5.50 -36.21 -26.16
CA LYS F 169 -4.94 -36.46 -27.46
C LYS F 169 -5.91 -36.74 -28.61
N ASP F 170 -7.21 -36.91 -28.35
CA ASP F 170 -8.14 -37.05 -29.46
C ASP F 170 -8.19 -35.71 -30.18
N GLY F 171 -7.90 -34.63 -29.44
CA GLY F 171 -7.87 -33.27 -29.98
C GLY F 171 -6.89 -32.42 -29.19
N ASN F 172 -5.92 -31.80 -29.87
CA ASN F 172 -4.89 -31.00 -29.23
C ASN F 172 -5.45 -29.82 -28.44
N THR F 173 -5.33 -29.95 -27.13
CA THR F 173 -5.78 -28.94 -26.18
C THR F 173 -5.30 -29.38 -24.81
N ILE F 174 -5.24 -28.45 -23.85
CA ILE F 174 -4.75 -28.80 -22.52
C ILE F 174 -5.83 -28.94 -21.43
N LEU F 175 -5.60 -29.82 -20.45
CA LEU F 175 -6.59 -30.07 -19.42
C LEU F 175 -6.05 -29.80 -18.01
N ASP F 176 -6.81 -29.07 -17.21
CA ASP F 176 -6.32 -28.75 -15.87
C ASP F 176 -5.86 -30.01 -15.14
N SER F 177 -4.55 -30.21 -15.04
CA SER F 177 -4.03 -31.39 -14.34
C SER F 177 -3.35 -30.93 -13.04
N GLN F 178 -2.84 -31.89 -12.28
CA GLN F 178 -2.14 -31.64 -11.01
C GLN F 178 -0.85 -32.42 -11.17
N GLU F 179 0.19 -32.07 -10.45
CA GLU F 179 1.47 -32.75 -10.62
C GLU F 179 2.31 -32.65 -9.36
N GLY F 180 3.12 -33.68 -9.06
CA GLY F 180 3.93 -33.59 -7.86
C GLY F 180 5.29 -32.96 -8.15
N ASP F 181 5.81 -32.15 -7.24
CA ASP F 181 7.13 -31.53 -7.45
C ASP F 181 8.15 -32.63 -7.69
N THR F 182 9.14 -32.36 -8.55
CA THR F 182 10.16 -33.34 -8.91
C THR F 182 11.15 -33.71 -7.82
N LEU F 183 11.11 -34.97 -7.42
CA LEU F 183 11.96 -35.50 -6.36
C LEU F 183 13.24 -36.12 -6.92
N LYS F 184 14.35 -35.87 -6.23
CA LYS F 184 15.66 -36.37 -6.62
C LYS F 184 15.92 -37.82 -6.23
N THR F 185 16.10 -38.65 -7.26
CA THR F 185 16.40 -40.06 -7.10
C THR F 185 17.93 -40.13 -7.04
N ASN F 186 18.46 -40.69 -5.96
CA ASN F 186 19.87 -40.82 -5.65
C ASN F 186 20.73 -40.20 -6.76
N ASP F 187 20.82 -40.82 -7.94
CA ASP F 187 21.73 -40.32 -9.00
C ASP F 187 20.91 -39.81 -10.19
N THR F 188 19.60 -40.05 -10.13
CA THR F 188 18.66 -39.65 -11.17
C THR F 188 17.61 -38.69 -10.60
N TYR F 189 16.44 -38.67 -11.23
CA TYR F 189 15.30 -37.84 -10.83
C TYR F 189 14.01 -38.55 -11.27
N MET F 190 12.91 -38.34 -10.53
CA MET F 190 11.61 -38.97 -10.82
C MET F 190 10.46 -37.95 -10.73
N LYS F 191 9.29 -38.29 -11.29
CA LYS F 191 8.12 -37.37 -11.25
C LYS F 191 6.76 -37.98 -11.61
N PHE F 192 5.68 -37.39 -11.08
CA PHE F 192 4.30 -37.81 -11.34
C PHE F 192 3.32 -36.66 -11.34
N SER F 193 2.24 -36.85 -12.09
CA SER F 193 1.18 -35.87 -12.24
C SER F 193 -0.11 -36.62 -12.53
N TRP F 194 -1.22 -36.17 -11.98
CA TRP F 194 -2.46 -36.87 -12.28
C TRP F 194 -3.42 -36.06 -13.11
N LEU F 195 -4.52 -36.70 -13.49
CA LEU F 195 -5.56 -36.05 -14.28
C LEU F 195 -6.86 -36.62 -13.77
N THR F 196 -7.81 -35.73 -13.50
CA THR F 196 -9.14 -36.13 -13.02
C THR F 196 -10.12 -35.90 -14.17
N VAL F 197 -10.51 -37.00 -14.80
CA VAL F 197 -11.42 -36.94 -15.94
C VAL F 197 -12.86 -36.98 -15.55
N PRO F 198 -13.63 -35.98 -15.97
CA PRO F 198 -15.04 -35.96 -15.62
C PRO F 198 -15.87 -37.06 -16.26
N GLU F 199 -17.09 -37.22 -15.75
CA GLU F 199 -18.03 -38.24 -16.20
C GLU F 199 -18.22 -38.31 -17.70
N ARG F 200 -19.08 -37.44 -18.25
CA ARG F 200 -19.43 -37.45 -19.66
C ARG F 200 -18.19 -37.46 -20.60
N ALA F 201 -16.99 -37.42 -20.04
CA ALA F 201 -15.82 -37.46 -20.91
C ALA F 201 -14.95 -38.64 -20.54
N MET F 202 -15.49 -39.56 -19.76
CA MET F 202 -14.68 -40.70 -19.37
C MET F 202 -14.50 -41.64 -20.53
N GLY F 203 -15.43 -41.56 -21.47
CA GLY F 203 -15.36 -42.42 -22.63
C GLY F 203 -14.19 -42.19 -23.56
N LYS F 204 -13.59 -41.00 -23.50
CA LYS F 204 -12.47 -40.67 -24.40
C LYS F 204 -11.07 -41.08 -23.94
N GLU F 205 -10.17 -41.22 -24.92
CA GLU F 205 -8.79 -41.59 -24.66
C GLU F 205 -7.94 -40.33 -24.43
N HIS F 206 -7.29 -40.28 -23.27
CA HIS F 206 -6.45 -39.13 -22.95
C HIS F 206 -5.00 -39.58 -22.98
N ARG F 207 -4.09 -38.69 -23.34
CA ARG F 207 -2.69 -39.09 -23.35
C ARG F 207 -1.89 -38.09 -22.57
N CYS F 208 -1.05 -38.59 -21.67
CA CYS F 208 -0.19 -37.77 -20.83
C CYS F 208 1.09 -37.47 -21.59
N ILE F 209 1.45 -36.21 -21.75
CA ILE F 209 2.63 -35.91 -22.52
C ILE F 209 3.86 -35.38 -21.83
N VAL F 210 4.94 -36.14 -21.99
CA VAL F 210 6.23 -35.86 -21.39
C VAL F 210 7.12 -35.33 -22.43
N LYS F 211 7.87 -34.29 -22.10
CA LYS F 211 8.81 -33.62 -23.00
C LYS F 211 10.12 -33.40 -22.24
N HIS F 212 11.14 -34.13 -22.64
CA HIS F 212 12.41 -34.06 -21.94
C HIS F 212 13.65 -34.37 -22.77
N GLU F 213 14.66 -33.50 -22.73
CA GLU F 213 15.87 -33.71 -23.50
C GLU F 213 16.27 -35.18 -23.72
N ASN F 214 17.20 -35.68 -22.90
CA ASN F 214 17.67 -37.06 -23.06
C ASN F 214 16.54 -38.09 -23.11
N ASN F 215 15.66 -38.02 -24.10
CA ASN F 215 14.59 -39.00 -24.13
C ASN F 215 14.50 -39.64 -25.49
N LYS F 216 14.65 -40.98 -25.47
CA LYS F 216 14.63 -41.86 -26.65
C LYS F 216 14.19 -41.26 -28.00
N GLY F 217 14.99 -41.51 -29.02
CA GLY F 217 14.68 -41.00 -30.34
C GLY F 217 14.94 -39.51 -30.40
N GLY F 218 14.14 -38.75 -29.67
CA GLY F 218 14.28 -37.31 -29.64
C GLY F 218 12.94 -36.66 -29.93
N ALA F 219 11.91 -37.16 -29.26
CA ALA F 219 10.56 -36.63 -29.40
C ALA F 219 9.80 -36.78 -28.09
N ASP F 220 8.72 -36.05 -27.96
CA ASP F 220 7.92 -36.12 -26.75
C ASP F 220 7.41 -37.54 -26.62
N GLN F 221 7.07 -37.95 -25.39
CA GLN F 221 6.53 -39.27 -25.14
C GLN F 221 5.04 -39.34 -25.43
N ALA F 222 4.68 -40.42 -26.10
CA ALA F 222 3.28 -40.63 -26.38
C ALA F 222 2.78 -41.67 -25.38
N ILE F 223 2.07 -41.18 -24.42
CA ILE F 223 1.50 -42.08 -23.43
C ILE F 223 -0.01 -42.06 -23.56
N PHE F 224 -0.58 -43.10 -24.17
CA PHE F 224 -2.03 -43.15 -24.33
C PHE F 224 -2.66 -43.81 -23.08
N PHE F 225 -3.85 -43.34 -22.74
CA PHE F 225 -4.60 -43.81 -21.58
C PHE F 225 -6.03 -44.20 -21.97
N PRO F 226 -6.29 -45.51 -21.98
CA PRO F 226 -7.60 -46.07 -22.34
C PRO F 226 -8.76 -45.37 -21.66
N SER F 227 -9.94 -45.71 -22.13
CA SER F 227 -11.18 -45.19 -21.61
C SER F 227 -12.09 -46.38 -21.83
N ILE F 228 -12.72 -46.86 -20.78
CA ILE F 228 -13.56 -48.03 -20.97
C ILE F 228 -14.95 -47.91 -20.38
N LYS F 229 -15.81 -48.86 -20.77
CA LYS F 229 -17.16 -48.92 -20.25
C LYS F 229 -17.42 -50.36 -19.84
N LYS F 230 -17.97 -50.54 -18.64
CA LYS F 230 -18.27 -51.88 -18.14
C LYS F 230 -19.62 -51.95 -17.43
N GLY G 1 -18.13 -16.37 13.54
CA GLY G 1 -18.33 -15.01 12.97
C GLY G 1 -17.39 -14.68 11.83
N ASP G 2 -17.47 -13.45 11.30
CA ASP G 2 -16.59 -13.05 10.19
C ASP G 2 -16.64 -11.53 9.82
N GLN G 3 -15.68 -10.73 10.33
CA GLN G 3 -15.64 -9.29 9.98
C GLN G 3 -14.25 -8.62 10.18
N VAL G 4 -13.19 -9.20 9.62
CA VAL G 4 -11.87 -8.64 9.71
C VAL G 4 -11.02 -9.33 8.65
N GLU G 5 -10.13 -8.59 8.01
CA GLU G 5 -9.31 -9.22 6.98
C GLU G 5 -7.93 -8.59 6.92
N GLN G 6 -6.93 -9.36 7.32
CA GLN G 6 -5.57 -8.85 7.29
C GLN G 6 -5.07 -9.00 5.88
N SER G 7 -4.21 -8.09 5.46
CA SER G 7 -3.63 -8.10 4.14
C SER G 7 -2.85 -9.41 3.97
N PRO G 8 -1.66 -9.42 3.37
CA PRO G 8 -0.95 -10.69 3.21
C PRO G 8 -1.01 -11.79 4.29
N SER G 9 -1.48 -12.98 3.90
CA SER G 9 -1.56 -14.14 4.78
C SER G 9 -0.16 -14.48 5.19
N ALA G 10 0.79 -13.90 4.46
CA ALA G 10 2.21 -14.10 4.73
C ALA G 10 2.92 -13.23 3.71
N LEU G 11 4.13 -12.79 4.05
CA LEU G 11 4.87 -11.94 3.13
C LEU G 11 6.31 -11.96 3.58
N SER G 12 7.24 -11.79 2.66
CA SER G 12 8.65 -11.85 3.05
C SER G 12 9.44 -10.73 2.38
N LEU G 13 10.36 -10.11 3.12
CA LEU G 13 11.13 -8.99 2.59
C LEU G 13 12.62 -9.09 2.81
N HIS G 14 13.37 -8.31 2.04
CA HIS G 14 14.82 -8.27 2.13
C HIS G 14 15.19 -7.18 3.12
N GLU G 15 16.38 -7.31 3.70
CA GLU G 15 16.84 -6.34 4.67
C GLU G 15 16.92 -5.00 3.97
N GLY G 16 16.14 -4.03 4.43
CA GLY G 16 16.19 -2.73 3.80
C GLY G 16 15.16 -2.50 2.73
N THR G 17 14.04 -3.28 2.76
CA THR G 17 12.94 -3.08 1.83
C THR G 17 11.87 -2.34 2.58
N ASP G 18 10.78 -2.03 1.92
CA ASP G 18 9.73 -1.27 2.62
C ASP G 18 8.37 -1.77 2.21
N SER G 19 7.60 -2.34 3.14
CA SER G 19 6.27 -2.86 2.80
C SER G 19 5.19 -2.47 3.80
N ALA G 20 3.95 -2.89 3.56
CA ALA G 20 2.86 -2.53 4.47
C ALA G 20 1.76 -3.57 4.64
N LEU G 21 1.21 -3.64 5.86
CA LEU G 21 0.14 -4.56 6.13
C LEU G 21 -1.11 -3.73 6.20
N ARG G 22 -2.21 -4.29 5.72
CA ARG G 22 -3.49 -3.63 5.72
C ARG G 22 -4.40 -4.65 6.36
N CYS G 23 -5.55 -4.23 6.83
CA CYS G 23 -6.50 -5.14 7.43
C CYS G 23 -7.68 -4.23 7.61
N ASN G 24 -8.87 -4.72 7.29
CA ASN G 24 -10.03 -3.89 7.47
C ASN G 24 -11.21 -4.71 7.94
N PHE G 25 -12.16 -3.98 8.51
CA PHE G 25 -13.42 -4.49 9.05
C PHE G 25 -14.35 -3.32 8.79
N THR G 26 -15.65 -3.55 8.63
CA THR G 26 -16.54 -2.42 8.38
C THR G 26 -17.44 -2.10 9.56
N THR G 27 -17.47 -2.99 10.51
CA THR G 27 -18.22 -2.70 11.71
C THR G 27 -17.42 -1.64 12.48
N THR G 28 -17.78 -0.41 12.24
CA THR G 28 -17.16 0.75 12.89
C THR G 28 -16.48 0.38 14.20
N MET G 29 -15.26 0.86 14.43
CA MET G 29 -14.51 0.55 15.65
C MET G 29 -14.01 1.80 16.38
N ARG G 30 -13.46 1.63 17.58
CA ARG G 30 -12.92 2.76 18.32
C ARG G 30 -11.42 2.86 18.10
N SER G 31 -10.76 1.71 18.01
CA SER G 31 -9.32 1.71 17.75
C SER G 31 -8.82 0.40 17.15
N VAL G 32 -7.67 0.52 16.47
CA VAL G 32 -7.02 -0.63 15.84
C VAL G 32 -5.69 -0.80 16.54
N GLN G 33 -5.41 -2.02 16.99
CA GLN G 33 -4.19 -2.32 17.69
C GLN G 33 -3.25 -3.09 16.76
N TRP G 34 -1.95 -3.02 16.98
CA TRP G 34 -1.01 -3.77 16.15
C TRP G 34 0.01 -4.56 16.96
N PHE G 35 0.04 -5.87 16.74
CA PHE G 35 0.95 -6.74 17.47
C PHE G 35 1.94 -7.55 16.64
N ARG G 36 2.99 -8.02 17.31
CA ARG G 36 4.03 -8.89 16.71
C ARG G 36 4.20 -10.11 17.64
N GLN G 37 3.96 -11.31 17.14
CA GLN G 37 4.13 -12.48 18.01
C GLN G 37 5.56 -13.02 17.91
N ASN G 38 6.25 -13.18 19.03
CA ASN G 38 7.58 -13.78 19.05
C ASN G 38 7.40 -15.24 18.77
N SER G 39 8.47 -15.98 18.56
CA SER G 39 8.35 -17.41 18.36
C SER G 39 7.89 -18.03 19.66
N ARG G 40 8.11 -17.29 20.74
CA ARG G 40 7.77 -17.70 22.10
C ARG G 40 6.26 -17.60 22.32
N GLY G 41 5.59 -16.89 21.42
CA GLY G 41 4.15 -16.73 21.56
C GLY G 41 3.76 -15.45 22.26
N SER G 42 4.75 -14.71 22.73
CA SER G 42 4.48 -13.46 23.42
C SER G 42 3.88 -12.40 22.48
N LEU G 43 2.90 -11.64 22.99
CA LEU G 43 2.25 -10.59 22.20
C LEU G 43 2.78 -9.19 22.46
N ILE G 44 3.56 -8.72 21.49
CA ILE G 44 4.20 -7.42 21.53
C ILE G 44 3.40 -6.31 20.85
N SER G 45 2.83 -5.42 21.64
CA SER G 45 2.07 -4.31 21.06
C SER G 45 3.00 -3.35 20.33
N LEU G 46 2.60 -2.98 19.13
CA LEU G 46 3.39 -2.09 18.29
C LEU G 46 2.97 -0.66 18.32
N PHE G 47 1.71 -0.45 18.03
CA PHE G 47 1.19 0.88 18.02
C PHE G 47 -0.14 0.81 18.72
N TYR G 48 -0.67 1.98 19.05
CA TYR G 48 -1.98 2.10 19.66
C TYR G 48 -2.56 3.38 19.13
N LEU G 49 -3.82 3.35 18.73
CA LEU G 49 -4.43 4.56 18.21
C LEU G 49 -5.91 4.51 17.98
N ALA G 50 -6.54 5.67 18.15
CA ALA G 50 -7.97 5.86 17.93
C ALA G 50 -8.08 7.04 16.95
N SER G 51 -6.93 7.64 16.68
CA SER G 51 -6.82 8.77 15.77
C SER G 51 -5.62 8.62 14.82
N GLY G 52 -5.76 9.11 13.60
CA GLY G 52 -4.78 9.17 12.52
C GLY G 52 -3.39 8.46 12.60
N THR G 53 -2.35 9.26 12.30
CA THR G 53 -0.93 8.85 12.19
C THR G 53 -0.14 8.76 13.49
N LYS G 54 0.94 7.97 13.45
CA LYS G 54 1.90 7.72 14.53
C LYS G 54 3.18 7.15 13.94
N GLU G 55 4.35 7.29 14.58
CA GLU G 55 5.55 6.72 14.00
C GLU G 55 6.68 6.61 15.02
N ASN G 56 7.49 5.57 14.85
CA ASN G 56 8.65 5.30 15.69
C ASN G 56 9.46 4.18 15.03
N GLY G 57 10.74 4.46 14.77
CA GLY G 57 11.59 3.47 14.13
C GLY G 57 11.22 3.33 12.67
N ARG G 58 10.85 2.11 12.28
CA ARG G 58 10.47 1.87 10.90
C ARG G 58 8.98 1.58 10.80
N LEU G 59 8.40 0.97 11.83
CA LEU G 59 6.98 0.64 11.82
C LEU G 59 6.14 1.86 12.04
N LYS G 60 5.07 1.94 11.28
CA LYS G 60 4.13 3.05 11.38
C LYS G 60 2.77 2.48 11.08
N SER G 61 1.86 2.68 12.03
CA SER G 61 0.50 2.19 11.84
C SER G 61 -0.39 3.35 11.43
N ALA G 62 -1.26 3.12 10.45
CA ALA G 62 -2.12 4.18 9.92
C ALA G 62 -3.56 3.75 9.99
N PHE G 63 -4.39 4.56 10.64
CA PHE G 63 -5.80 4.24 10.80
C PHE G 63 -6.56 5.53 10.60
N ASP G 64 -7.59 5.63 9.80
CA ASP G 64 -8.28 6.93 9.72
C ASP G 64 -9.78 6.84 9.61
N SER G 65 -10.38 7.80 10.30
CA SER G 65 -11.82 7.97 10.49
C SER G 65 -12.61 8.70 9.41
N LYS G 66 -12.85 8.00 8.30
CA LYS G 66 -13.65 8.52 7.23
C LYS G 66 -14.82 7.57 7.21
N GLU G 67 -14.63 6.59 8.10
CA GLU G 67 -15.52 5.48 8.33
C GLU G 67 -15.09 4.68 9.54
N ARG G 68 -13.82 4.86 9.96
CA ARG G 68 -13.25 4.12 11.08
C ARG G 68 -13.44 2.65 10.88
N ARG G 69 -12.99 2.14 9.73
CA ARG G 69 -13.15 0.72 9.43
C ARG G 69 -11.97 0.06 8.73
N TYR G 70 -10.91 0.83 8.44
CA TYR G 70 -9.74 0.27 7.77
C TYR G 70 -8.43 0.77 8.38
N SER G 71 -7.46 -0.13 8.53
CA SER G 71 -6.16 0.28 9.08
C SER G 71 -4.97 -0.35 8.38
N THR G 72 -3.90 0.41 8.27
CA THR G 72 -2.73 -0.06 7.59
C THR G 72 -1.51 0.15 8.45
N LEU G 73 -0.50 -0.70 8.27
CA LEU G 73 0.76 -0.64 9.01
C LEU G 73 1.83 -0.89 7.99
N HIS G 74 2.65 0.12 7.69
CA HIS G 74 3.72 -0.01 6.72
C HIS G 74 5.05 -0.27 7.43
N ILE G 75 6.04 -0.78 6.70
CA ILE G 75 7.36 -1.03 7.23
C ILE G 75 8.44 -0.43 6.32
N ARG G 76 9.34 0.35 6.90
CA ARG G 76 10.41 0.96 6.10
C ARG G 76 11.78 0.46 6.58
N ASP G 77 12.69 0.19 5.65
CA ASP G 77 14.03 -0.29 6.02
C ASP G 77 13.99 -1.59 6.83
N ALA G 78 12.95 -2.39 6.63
CA ALA G 78 12.76 -3.66 7.34
C ALA G 78 14.04 -4.34 7.74
N GLN G 79 14.24 -4.52 9.04
CA GLN G 79 15.44 -5.18 9.53
C GLN G 79 15.17 -6.49 10.26
N LEU G 80 16.13 -7.40 10.21
CA LEU G 80 16.04 -8.73 10.83
C LEU G 80 15.25 -8.81 12.13
N GLU G 81 15.35 -7.78 12.95
CA GLU G 81 14.65 -7.73 14.23
C GLU G 81 13.15 -7.38 14.10
N ASP G 82 12.54 -7.74 12.97
CA ASP G 82 11.12 -7.46 12.69
C ASP G 82 10.26 -8.66 12.37
N SER G 83 10.84 -9.64 11.68
CA SER G 83 10.05 -10.80 11.30
C SER G 83 9.22 -11.28 12.45
N GLY G 84 8.03 -11.78 12.15
CA GLY G 84 7.12 -12.29 13.16
C GLY G 84 5.73 -12.31 12.58
N THR G 85 4.76 -12.79 13.35
CA THR G 85 3.38 -12.80 12.89
C THR G 85 2.76 -11.50 13.32
N TYR G 86 2.29 -10.68 12.40
CA TYR G 86 1.67 -9.42 12.81
C TYR G 86 0.16 -9.58 12.89
N PHE G 87 -0.48 -8.86 13.79
CA PHE G 87 -1.93 -8.94 13.91
C PHE G 87 -2.50 -7.55 14.07
N CYS G 88 -3.68 -7.35 13.59
CA CYS G 88 -4.36 -6.08 13.79
C CYS G 88 -5.43 -6.43 14.79
N ALA G 89 -5.95 -5.52 15.54
CA ALA G 89 -6.98 -5.90 16.48
C ALA G 89 -7.84 -4.69 16.73
N ALA G 90 -9.09 -4.87 17.03
CA ALA G 90 -9.95 -3.73 17.28
C ALA G 90 -10.78 -3.91 18.51
N ASP G 91 -10.85 -2.82 19.26
CA ASP G 91 -11.61 -2.75 20.49
C ASP G 91 -12.72 -1.74 20.24
N THR G 92 -13.72 -1.80 21.06
CA THR G 92 -14.89 -0.97 20.91
C THR G 92 -15.54 -0.72 22.27
N TRP G 93 -16.19 0.43 22.44
CA TRP G 93 -16.83 0.79 23.70
C TRP G 93 -17.79 -0.29 24.23
N HIS G 94 -17.59 -0.63 25.48
CA HIS G 94 -18.43 -1.61 26.15
C HIS G 94 -19.28 -0.95 27.21
N ILE G 95 -20.59 -1.05 27.07
CA ILE G 95 -21.49 -0.43 28.04
C ILE G 95 -21.93 -1.45 29.07
N SER G 96 -21.63 -1.12 30.32
CA SER G 96 -21.92 -1.95 31.47
C SER G 96 -23.41 -2.32 31.62
N GLU G 97 -23.72 -3.05 32.68
CA GLU G 97 -25.11 -3.38 33.03
C GLU G 97 -25.62 -2.10 33.63
N GLY G 98 -24.66 -1.41 34.26
CA GLY G 98 -24.90 -0.09 34.77
C GLY G 98 -24.57 0.81 33.58
N TYR G 99 -23.89 1.95 33.81
CA TYR G 99 -23.56 2.82 32.67
C TYR G 99 -22.06 3.26 32.67
N GLU G 100 -21.20 2.37 33.14
CA GLU G 100 -19.76 2.60 33.19
C GLU G 100 -19.25 2.55 31.76
N LEU G 101 -18.72 3.67 31.24
CA LEU G 101 -18.25 3.61 29.87
C LEU G 101 -16.93 2.86 29.77
N GLY G 102 -17.03 1.54 29.67
CA GLY G 102 -15.85 0.69 29.56
C GLY G 102 -15.36 0.38 28.15
N THR G 103 -14.79 -0.84 27.97
CA THR G 103 -14.25 -1.26 26.66
C THR G 103 -14.57 -2.73 26.32
N ASP G 104 -15.27 -2.96 25.21
CA ASP G 104 -15.63 -4.30 24.72
C ASP G 104 -14.42 -5.06 24.23
N LYS G 105 -14.61 -6.34 23.99
CA LYS G 105 -13.58 -7.28 23.55
C LYS G 105 -12.82 -6.85 22.31
N LEU G 106 -11.59 -7.35 22.21
CA LEU G 106 -10.65 -7.05 21.15
C LEU G 106 -10.78 -7.97 19.96
N VAL G 107 -10.95 -7.46 18.75
CA VAL G 107 -11.02 -8.39 17.65
C VAL G 107 -9.77 -8.35 16.77
N PHE G 108 -9.19 -9.52 16.61
CA PHE G 108 -8.01 -9.68 15.83
C PHE G 108 -8.28 -10.17 14.45
N GLY G 109 -7.24 -10.33 13.70
CA GLY G 109 -7.39 -10.82 12.36
C GLY G 109 -6.67 -12.14 12.25
N GLN G 110 -6.71 -12.64 11.06
CA GLN G 110 -5.99 -13.81 10.66
C GLN G 110 -4.53 -13.45 10.72
N GLY G 111 -3.64 -14.38 10.45
CA GLY G 111 -2.25 -14.01 10.64
C GLY G 111 -1.44 -13.71 9.38
N THR G 112 -0.77 -12.56 9.39
CA THR G 112 0.10 -12.17 8.29
C THR G 112 1.49 -12.32 8.84
N GLN G 113 2.17 -13.41 8.52
CA GLN G 113 3.51 -13.61 9.05
C GLN G 113 4.64 -13.01 8.22
N VAL G 114 5.28 -11.99 8.77
CA VAL G 114 6.40 -11.35 8.08
C VAL G 114 7.66 -12.21 8.13
N THR G 115 8.49 -12.11 7.09
CA THR G 115 9.73 -12.89 7.01
C THR G 115 10.80 -12.04 6.33
N VAL G 116 11.67 -11.45 7.13
CA VAL G 116 12.65 -10.55 6.57
C VAL G 116 14.01 -11.17 6.34
N GLU G 117 14.31 -11.47 5.07
CA GLU G 117 15.58 -12.05 4.63
C GLU G 117 16.59 -10.92 4.46
N PRO G 118 17.88 -11.19 4.70
CA PRO G 118 19.02 -10.29 4.62
C PRO G 118 19.47 -9.74 3.28
N LYS G 119 20.17 -8.61 3.35
CA LYS G 119 20.71 -7.93 2.17
C LYS G 119 21.66 -8.89 1.47
N SER G 120 21.84 -8.69 0.17
CA SER G 120 22.75 -9.52 -0.59
C SER G 120 23.98 -8.67 -0.91
N GLN G 121 25.13 -9.05 -0.37
CA GLN G 121 26.37 -8.31 -0.61
C GLN G 121 27.55 -9.27 -0.59
N PRO G 122 28.55 -9.07 -1.47
CA PRO G 122 29.73 -9.91 -1.55
C PRO G 122 29.86 -11.00 -0.48
N PRO G 123 29.64 -12.26 -0.88
CA PRO G 123 29.71 -13.46 -0.04
C PRO G 123 31.02 -13.62 0.73
N ALA G 124 31.13 -14.77 1.40
CA ALA G 124 32.31 -15.12 2.17
C ALA G 124 32.31 -16.65 2.26
N LYS G 125 33.38 -17.23 2.79
CA LYS G 125 33.46 -18.68 2.89
C LYS G 125 33.17 -19.26 4.27
N PRO G 126 32.26 -20.26 4.32
CA PRO G 126 31.71 -21.04 5.44
C PRO G 126 32.70 -21.88 6.27
N SER G 127 32.94 -21.49 7.51
CA SER G 127 33.85 -22.25 8.36
C SER G 127 33.09 -23.27 9.21
N VAL G 128 33.17 -24.53 8.82
CA VAL G 128 32.49 -25.62 9.53
C VAL G 128 33.06 -25.91 10.92
N PHE G 129 32.29 -26.61 11.74
CA PHE G 129 32.73 -26.96 13.08
C PHE G 129 32.23 -28.36 13.45
N ILE G 130 32.79 -28.94 14.50
CA ILE G 130 32.39 -30.28 14.91
C ILE G 130 31.52 -30.33 16.16
N MET G 131 30.44 -31.11 16.08
CA MET G 131 29.52 -31.27 17.19
C MET G 131 28.90 -32.67 17.10
N LYS G 132 29.34 -33.58 17.97
CA LYS G 132 28.87 -34.96 18.01
C LYS G 132 29.40 -35.56 19.33
N ASN G 133 28.75 -36.59 19.86
CA ASN G 133 29.20 -37.18 21.12
C ASN G 133 28.23 -38.25 21.67
N GLY G 134 28.56 -39.52 21.46
CA GLY G 134 27.70 -40.58 21.95
C GLY G 134 26.56 -40.99 21.03
N THR G 135 26.87 -41.77 20.02
CA THR G 135 25.86 -42.25 19.08
C THR G 135 25.11 -41.06 18.50
N ASN G 136 25.69 -39.88 18.61
CA ASN G 136 25.06 -38.68 18.10
C ASN G 136 26.03 -37.74 17.42
N VAL G 137 25.69 -37.31 16.21
CA VAL G 137 26.54 -36.43 15.42
C VAL G 137 25.73 -35.35 14.72
N ALA G 138 26.22 -34.10 14.78
CA ALA G 138 25.55 -32.98 14.13
C ALA G 138 26.55 -31.90 13.72
N CYS G 139 26.68 -31.68 12.42
CA CYS G 139 27.62 -30.69 11.88
C CYS G 139 27.26 -29.24 12.20
N LEU G 140 28.23 -28.35 12.00
CA LEU G 140 28.09 -26.92 12.27
C LEU G 140 28.70 -26.08 11.14
N VAL G 141 28.30 -24.80 11.08
CA VAL G 141 28.79 -23.83 10.10
C VAL G 141 28.55 -22.42 10.64
N LYS G 142 29.56 -21.55 10.56
CA LYS G 142 29.41 -20.18 11.08
C LYS G 142 29.40 -19.07 10.04
N ASP G 143 28.23 -18.50 9.80
CA ASP G 143 28.06 -17.37 8.87
C ASP G 143 28.43 -17.62 7.40
N PHE G 144 27.56 -18.30 6.67
CA PHE G 144 27.75 -18.59 5.24
C PHE G 144 26.63 -17.83 4.51
N TYR G 145 26.31 -18.08 3.23
CA TYR G 145 25.19 -17.28 2.66
C TYR G 145 23.81 -17.91 2.29
N PRO G 146 23.70 -18.58 1.12
CA PRO G 146 22.42 -19.18 0.69
C PRO G 146 21.83 -20.30 1.55
N LYS G 147 20.50 -20.43 1.52
CA LYS G 147 19.85 -21.50 2.25
C LYS G 147 20.42 -22.74 1.57
N GLU G 148 20.92 -22.55 0.35
CA GLU G 148 21.51 -23.65 -0.41
C GLU G 148 22.68 -24.21 0.37
N VAL G 149 22.55 -25.44 0.84
CA VAL G 149 23.59 -26.11 1.60
C VAL G 149 23.31 -27.59 1.76
N THR G 150 24.38 -28.38 1.81
CA THR G 150 24.26 -29.81 1.98
C THR G 150 25.34 -30.28 2.92
N ILE G 151 24.95 -30.61 4.15
CA ILE G 151 25.91 -31.06 5.14
C ILE G 151 26.21 -32.54 4.99
N SER G 152 27.26 -32.85 4.25
CA SER G 152 27.68 -34.23 4.02
C SER G 152 28.13 -34.81 5.35
N LEU G 153 28.43 -36.10 5.37
CA LEU G 153 28.84 -36.74 6.60
C LEU G 153 29.82 -37.89 6.39
N ARG G 154 30.69 -38.10 7.37
CA ARG G 154 31.68 -39.16 7.29
C ARG G 154 31.73 -39.99 8.56
N SER G 155 30.96 -41.07 8.59
CA SER G 155 30.90 -41.95 9.74
C SER G 155 31.21 -43.39 9.32
N SER G 156 31.57 -44.22 10.29
CA SER G 156 31.89 -45.62 10.03
C SER G 156 30.66 -46.52 10.07
N LYS G 157 29.91 -46.47 11.17
CA LYS G 157 28.70 -47.28 11.30
C LYS G 157 27.45 -46.42 11.15
N LYS G 158 26.79 -46.58 10.01
CA LYS G 158 25.60 -45.81 9.67
C LYS G 158 24.22 -46.34 10.05
N ILE G 159 23.32 -45.39 10.28
CA ILE G 159 21.92 -45.63 10.61
C ILE G 159 21.16 -44.48 9.92
N VAL G 160 19.84 -44.42 10.06
CA VAL G 160 19.06 -43.36 9.41
C VAL G 160 19.50 -41.94 9.81
N GLU G 161 19.30 -40.98 8.90
CA GLU G 161 19.66 -39.59 9.16
C GLU G 161 18.41 -38.74 9.39
N PHE G 162 18.59 -37.50 9.84
CA PHE G 162 17.46 -36.59 10.10
C PHE G 162 17.54 -35.28 9.32
N ASP G 163 16.56 -34.40 9.56
CA ASP G 163 16.50 -33.10 8.89
C ASP G 163 17.35 -32.07 9.66
N PRO G 164 17.98 -31.12 8.95
CA PRO G 164 18.84 -30.08 9.55
C PRO G 164 18.10 -29.02 10.34
N ALA G 165 18.60 -27.79 10.23
CA ALA G 165 18.04 -26.63 10.92
C ALA G 165 18.99 -25.44 10.75
N ILE G 166 18.61 -24.51 9.87
CA ILE G 166 19.42 -23.32 9.58
C ILE G 166 18.83 -22.05 10.17
N VAL G 167 19.54 -21.46 11.12
CA VAL G 167 19.09 -20.24 11.75
C VAL G 167 19.70 -19.06 10.97
N ILE G 168 19.77 -17.90 11.59
CA ILE G 168 20.33 -16.73 10.92
C ILE G 168 21.27 -16.05 11.90
N SER G 169 22.57 -16.24 11.69
CA SER G 169 23.59 -15.68 12.57
C SER G 169 23.44 -14.19 12.90
N PRO G 170 24.30 -13.68 13.79
CA PRO G 170 24.19 -12.26 14.13
C PRO G 170 24.63 -11.39 12.96
N SER G 171 25.87 -11.58 12.52
CA SER G 171 26.44 -10.81 11.42
C SER G 171 25.46 -10.55 10.28
N GLY G 172 24.61 -11.52 9.98
CA GLY G 172 23.64 -11.34 8.92
C GLY G 172 23.56 -12.55 8.02
N LYS G 173 24.42 -13.51 8.27
CA LYS G 173 24.44 -14.71 7.45
C LYS G 173 23.66 -15.85 8.08
N TYR G 174 23.54 -16.93 7.32
CA TYR G 174 22.85 -18.12 7.77
C TYR G 174 23.85 -18.96 8.57
N SER G 175 23.35 -20.01 9.22
CA SER G 175 24.18 -20.93 10.02
C SER G 175 23.30 -22.18 10.14
N ALA G 176 23.80 -23.27 10.70
CA ALA G 176 22.95 -24.46 10.78
C ALA G 176 23.59 -25.69 11.38
N VAL G 177 22.74 -26.65 11.76
CA VAL G 177 23.20 -27.91 12.34
C VAL G 177 22.35 -29.04 11.77
N LYS G 178 23.02 -30.12 11.42
CA LYS G 178 22.37 -31.29 10.84
C LYS G 178 22.54 -32.44 11.81
N LEU G 179 21.45 -32.84 12.44
CA LEU G 179 21.50 -33.94 13.39
C LEU G 179 21.86 -35.24 12.71
N GLY G 180 22.42 -36.17 13.47
CA GLY G 180 22.80 -37.48 12.93
C GLY G 180 23.23 -38.45 14.00
N GLN G 181 22.49 -39.55 14.14
CA GLN G 181 22.81 -40.58 15.14
C GLN G 181 23.77 -41.62 14.56
N TYR G 182 25.05 -41.50 14.86
CA TYR G 182 26.02 -42.47 14.35
C TYR G 182 26.81 -43.09 15.48
N GLY G 183 27.95 -43.68 15.17
CA GLY G 183 28.78 -44.29 16.19
C GLY G 183 30.11 -43.56 16.23
N ASP G 184 31.18 -44.27 15.88
CA ASP G 184 32.51 -43.66 15.86
C ASP G 184 32.81 -43.00 17.20
N SER G 185 32.43 -43.66 18.29
CA SER G 185 32.65 -43.15 19.64
C SER G 185 33.84 -42.19 19.72
N ASN G 186 33.57 -40.90 19.59
CA ASN G 186 34.61 -39.87 19.65
C ASN G 186 35.60 -40.10 18.50
N SER G 187 35.30 -39.55 17.32
CA SER G 187 36.15 -39.68 16.14
C SER G 187 35.64 -38.84 14.95
N VAL G 188 34.33 -38.87 14.74
CA VAL G 188 33.63 -38.16 13.66
C VAL G 188 34.25 -36.90 13.01
N THR G 189 33.74 -36.55 11.83
CA THR G 189 34.18 -35.38 11.05
C THR G 189 33.03 -34.92 10.14
N CYS G 190 33.05 -33.67 9.68
CA CYS G 190 32.00 -33.16 8.80
C CYS G 190 32.48 -32.67 7.42
N SER G 191 31.58 -32.69 6.45
CA SER G 191 31.88 -32.26 5.09
C SER G 191 30.68 -31.49 4.52
N VAL G 192 30.92 -30.33 3.94
CA VAL G 192 29.82 -29.53 3.39
C VAL G 192 30.03 -29.12 1.94
N GLN G 193 28.93 -29.03 1.20
CA GLN G 193 28.96 -28.62 -0.21
C GLN G 193 27.95 -27.52 -0.51
N HIS G 194 28.47 -26.36 -0.92
CA HIS G 194 27.64 -25.20 -1.22
C HIS G 194 28.19 -24.31 -2.32
N ASN G 195 27.38 -24.08 -3.35
CA ASN G 195 27.79 -23.22 -4.44
C ASN G 195 28.95 -23.88 -5.18
N SER G 196 28.81 -25.17 -5.45
CA SER G 196 29.82 -25.95 -6.17
C SER G 196 31.16 -26.04 -5.45
N GLU G 197 31.26 -25.41 -4.29
CA GLU G 197 32.49 -25.45 -3.50
C GLU G 197 32.25 -26.31 -2.28
N THR G 198 33.08 -27.31 -2.03
CA THR G 198 32.88 -28.14 -0.85
C THR G 198 33.90 -27.77 0.24
N VAL G 199 33.56 -28.09 1.49
CA VAL G 199 34.41 -27.76 2.62
C VAL G 199 34.38 -28.87 3.67
N HIS G 200 35.53 -29.49 3.91
CA HIS G 200 35.61 -30.55 4.91
C HIS G 200 35.88 -29.88 6.25
N SER G 201 35.09 -30.21 7.27
CA SER G 201 35.31 -29.63 8.59
C SER G 201 36.77 -29.92 8.92
N THR G 202 37.29 -30.98 8.32
CA THR G 202 38.67 -31.40 8.50
C THR G 202 39.65 -30.33 8.05
N ASP G 203 39.30 -29.65 6.96
CA ASP G 203 40.14 -28.59 6.40
C ASP G 203 40.52 -27.52 7.42
N PHE G 204 39.90 -27.55 8.59
CA PHE G 204 40.19 -26.56 9.62
C PHE G 204 40.83 -27.19 10.85
N GLU G 205 40.57 -28.47 11.07
CA GLU G 205 41.12 -29.19 12.22
C GLU G 205 42.64 -29.23 12.18
N ALA G 206 43.26 -28.61 13.18
CA ALA G 206 44.72 -28.58 13.26
C ALA G 206 45.25 -29.23 14.54
N ALA G 207 46.58 -29.21 14.70
CA ALA G 207 47.22 -29.80 15.88
C ALA G 207 48.51 -29.06 16.21
N HIS H 1 8.61 -8.16 39.37
CA HIS H 1 8.93 -9.08 38.24
C HIS H 1 7.69 -9.51 37.44
N GLY H 2 6.91 -8.54 36.97
CA GLY H 2 5.74 -8.88 36.18
C GLY H 2 4.57 -7.92 36.27
N LYS H 3 3.68 -8.00 35.29
CA LYS H 3 2.47 -7.18 35.22
C LYS H 3 1.33 -8.19 35.03
N LEU H 4 1.72 -9.41 34.65
CA LEU H 4 0.85 -10.55 34.43
C LEU H 4 1.77 -11.69 34.11
N GLU H 5 1.69 -12.73 34.91
CA GLU H 5 2.53 -13.87 34.76
C GLU H 5 1.60 -15.06 34.53
N GLN H 6 2.10 -16.11 33.89
CA GLN H 6 1.28 -17.29 33.62
C GLN H 6 2.14 -18.54 33.68
N PRO H 7 2.36 -19.08 34.87
CA PRO H 7 3.19 -20.29 34.97
C PRO H 7 2.60 -21.40 34.11
N GLU H 8 3.39 -22.44 33.89
CA GLU H 8 2.97 -23.57 33.07
C GLU H 8 2.62 -23.21 31.64
N ILE H 9 3.66 -23.22 30.83
CA ILE H 9 3.57 -22.96 29.42
C ILE H 9 2.46 -23.81 28.84
N SER H 10 2.60 -25.13 29.00
CA SER H 10 1.61 -26.07 28.49
C SER H 10 1.01 -26.96 29.56
N ILE H 11 -0.18 -27.41 29.28
CA ILE H 11 -0.94 -28.29 30.15
C ILE H 11 -1.54 -29.41 29.31
N SER H 12 -1.22 -30.65 29.61
CA SER H 12 -1.75 -31.75 28.83
C SER H 12 -2.59 -32.67 29.74
N ARG H 13 -3.87 -32.79 29.42
CA ARG H 13 -4.73 -33.66 30.20
C ARG H 13 -5.73 -34.43 29.34
N PRO H 14 -5.82 -35.73 29.58
CA PRO H 14 -6.72 -36.66 28.92
C PRO H 14 -8.09 -36.18 28.46
N ARG H 15 -8.48 -36.75 27.34
CA ARG H 15 -9.75 -36.51 26.66
C ARG H 15 -10.97 -36.40 27.59
N ASP H 16 -11.93 -35.59 27.15
CA ASP H 16 -13.18 -35.37 27.85
C ASP H 16 -13.07 -35.14 29.36
N GLU H 17 -12.02 -34.40 29.75
CA GLU H 17 -11.74 -34.09 31.14
C GLU H 17 -11.72 -32.59 31.39
N THR H 18 -11.49 -32.22 32.63
CA THR H 18 -11.43 -30.84 33.06
C THR H 18 -9.98 -30.39 33.10
N ALA H 19 -9.75 -29.10 32.85
CA ALA H 19 -8.37 -28.57 32.88
C ALA H 19 -8.27 -27.26 33.64
N GLN H 20 -7.07 -26.99 34.15
CA GLN H 20 -6.80 -25.79 34.94
C GLN H 20 -5.77 -24.85 34.32
N ILE H 21 -6.15 -23.60 34.07
CA ILE H 21 -5.23 -22.60 33.51
C ILE H 21 -5.43 -21.32 34.29
N SER H 22 -4.38 -20.77 34.90
CA SER H 22 -4.54 -19.54 35.67
C SER H 22 -3.36 -18.60 35.55
N CYS H 23 -3.61 -17.31 35.64
CA CYS H 23 -2.53 -16.34 35.56
C CYS H 23 -2.48 -15.55 36.87
N LYS H 24 -1.34 -15.54 37.51
CA LYS H 24 -1.22 -14.78 38.76
C LYS H 24 -1.09 -13.30 38.44
N VAL H 25 -2.13 -12.53 38.70
CA VAL H 25 -2.06 -11.09 38.46
C VAL H 25 -1.12 -10.51 39.52
N PHE H 26 -0.54 -9.36 39.22
CA PHE H 26 0.36 -8.71 40.14
C PHE H 26 -0.11 -7.31 40.32
N ILE H 27 -1.36 -7.03 39.97
CA ILE H 27 -1.79 -5.65 40.13
C ILE H 27 -2.86 -5.44 41.17
N GLU H 28 -2.55 -4.60 42.15
CA GLU H 28 -3.51 -4.29 43.20
C GLU H 28 -4.65 -3.53 42.54
N SER H 29 -5.66 -3.13 43.32
CA SER H 29 -6.85 -2.46 42.78
C SER H 29 -7.39 -3.59 41.90
N PHE H 30 -6.91 -4.78 42.27
CA PHE H 30 -7.19 -6.10 41.67
C PHE H 30 -8.66 -6.42 41.69
N ARG H 31 -9.40 -5.68 42.49
CA ARG H 31 -10.82 -5.89 42.64
C ARG H 31 -11.57 -5.19 41.52
N SER H 32 -11.24 -3.92 41.28
CA SER H 32 -11.91 -3.15 40.24
C SER H 32 -11.36 -3.53 38.88
N VAL H 33 -11.06 -4.82 38.74
CA VAL H 33 -10.55 -5.31 37.48
C VAL H 33 -11.57 -6.05 36.69
N THR H 34 -11.23 -6.16 35.42
CA THR H 34 -12.04 -6.83 34.40
C THR H 34 -11.05 -7.62 33.55
N ILE H 35 -11.03 -8.94 33.70
CA ILE H 35 -10.03 -9.74 32.93
C ILE H 35 -10.58 -10.53 31.76
N HIS H 36 -10.09 -10.23 30.58
CA HIS H 36 -10.53 -10.98 29.41
C HIS H 36 -9.65 -12.18 29.10
N TRP H 37 -10.31 -13.30 28.82
CA TRP H 37 -9.60 -14.52 28.46
C TRP H 37 -9.65 -14.66 26.96
N TYR H 38 -8.55 -15.17 26.40
CA TYR H 38 -8.42 -15.36 24.96
C TYR H 38 -7.90 -16.71 24.47
N ARG H 39 -8.39 -17.10 23.29
CA ARG H 39 -8.06 -18.37 22.65
C ARG H 39 -7.36 -18.21 21.29
N GLN H 40 -6.25 -18.94 21.09
CA GLN H 40 -5.52 -18.91 19.81
C GLN H 40 -5.25 -20.33 19.29
N LYS H 41 -5.87 -20.65 18.16
CA LYS H 41 -5.75 -21.96 17.50
C LYS H 41 -4.46 -22.04 16.70
N PRO H 42 -4.31 -23.06 15.82
CA PRO H 42 -3.10 -23.20 15.03
C PRO H 42 -2.59 -21.97 14.25
N ASN H 43 -3.28 -21.58 13.18
CA ASN H 43 -2.84 -20.43 12.39
C ASN H 43 -3.91 -19.32 12.28
N GLN H 44 -4.77 -19.23 13.29
CA GLN H 44 -5.85 -18.26 13.36
C GLN H 44 -5.45 -17.04 14.16
N GLY H 45 -6.33 -16.03 14.15
CA GLY H 45 -6.10 -14.83 14.92
C GLY H 45 -6.04 -15.18 16.40
N LEU H 46 -6.71 -14.43 17.23
CA LEU H 46 -6.77 -14.60 18.68
C LEU H 46 -8.19 -14.17 18.99
N GLU H 47 -9.06 -15.05 19.46
CA GLU H 47 -10.42 -14.62 19.71
C GLU H 47 -10.74 -14.48 21.17
N PHE H 48 -11.79 -13.72 21.44
CA PHE H 48 -12.25 -13.46 22.78
C PHE H 48 -13.07 -14.59 23.41
N LEU H 49 -13.00 -14.69 24.74
CA LEU H 49 -13.73 -15.71 25.49
C LEU H 49 -14.58 -15.06 26.56
N LEU H 50 -13.92 -14.50 27.57
CA LEU H 50 -14.63 -13.86 28.67
C LEU H 50 -13.91 -12.75 29.39
N TYR H 51 -14.64 -12.14 30.32
CA TYR H 51 -14.12 -11.06 31.15
C TYR H 51 -14.51 -11.33 32.61
N VAL H 52 -13.62 -11.01 33.53
CA VAL H 52 -13.93 -11.24 34.94
C VAL H 52 -13.96 -9.89 35.59
N LEU H 53 -14.82 -9.72 36.61
CA LEU H 53 -14.94 -8.46 37.31
C LEU H 53 -13.93 -8.38 38.44
N ALA H 54 -12.90 -9.22 38.36
CA ALA H 54 -11.82 -9.28 39.36
C ALA H 54 -12.32 -9.50 40.78
N THR H 55 -13.54 -9.99 40.86
CA THR H 55 -14.22 -10.31 42.10
C THR H 55 -15.19 -11.42 41.67
N PRO H 56 -14.81 -12.68 41.91
CA PRO H 56 -15.62 -13.86 41.54
C PRO H 56 -17.08 -13.68 41.11
N THR H 57 -17.31 -12.94 40.02
CA THR H 57 -18.65 -12.83 39.47
C THR H 57 -18.91 -14.22 38.93
N HIS H 58 -17.86 -15.02 39.03
CA HIS H 58 -17.94 -16.37 38.54
C HIS H 58 -18.52 -16.35 37.14
N ILE H 59 -18.16 -15.35 36.34
CA ILE H 59 -18.66 -15.34 35.00
C ILE H 59 -18.22 -16.65 34.38
N PHE H 60 -19.23 -17.38 33.90
CA PHE H 60 -19.00 -18.68 33.27
C PHE H 60 -19.46 -18.58 31.83
N LEU H 61 -18.98 -19.50 31.02
CA LEU H 61 -19.32 -19.57 29.62
C LEU H 61 -20.42 -20.58 29.38
N ASP H 62 -21.62 -20.08 29.11
CA ASP H 62 -22.72 -20.96 28.81
C ASP H 62 -23.11 -20.77 27.35
N LYS H 63 -23.23 -21.89 26.64
CA LYS H 63 -23.65 -21.85 25.25
C LYS H 63 -24.80 -22.82 25.04
N GLU H 64 -26.02 -22.28 25.03
CA GLU H 64 -27.24 -23.07 24.84
C GLU H 64 -27.15 -24.47 25.47
N TYR H 65 -27.64 -24.60 26.70
CA TYR H 65 -27.62 -25.88 27.43
C TYR H 65 -26.25 -26.32 27.96
N LYS H 66 -25.24 -25.48 27.78
CA LYS H 66 -23.90 -25.87 28.21
C LYS H 66 -23.06 -24.81 28.93
N LYS H 67 -22.42 -25.27 30.01
CA LYS H 67 -21.50 -24.44 30.80
C LYS H 67 -20.14 -24.92 30.38
N MET H 68 -19.37 -24.07 29.70
CA MET H 68 -18.08 -24.46 29.09
C MET H 68 -16.77 -24.04 29.78
N GLU H 69 -16.68 -22.83 30.31
CA GLU H 69 -15.41 -22.42 30.93
C GLU H 69 -15.68 -21.44 32.02
N ALA H 70 -14.80 -21.36 33.00
CA ALA H 70 -15.06 -20.44 34.10
C ALA H 70 -13.96 -19.43 34.39
N SER H 71 -14.41 -18.23 34.71
CA SER H 71 -13.54 -17.12 35.06
C SER H 71 -13.65 -16.90 36.57
N LYS H 72 -12.52 -16.69 37.26
CA LYS H 72 -12.59 -16.49 38.72
C LYS H 72 -11.47 -15.63 39.31
N ASN H 73 -11.52 -15.32 40.60
CA ASN H 73 -10.50 -14.44 41.17
C ASN H 73 -10.19 -14.62 42.67
N PRO H 74 -9.43 -15.64 43.09
CA PRO H 74 -9.15 -15.99 44.49
C PRO H 74 -8.32 -15.07 45.38
N SER H 75 -7.68 -15.71 46.35
CA SER H 75 -6.83 -15.04 47.35
C SER H 75 -5.37 -15.23 46.97
N ALA H 76 -5.11 -16.25 46.16
CA ALA H 76 -3.76 -16.53 45.69
C ALA H 76 -3.42 -15.45 44.67
N SER H 77 -4.29 -14.43 44.61
CA SER H 77 -4.16 -13.28 43.71
C SER H 77 -4.08 -13.63 42.23
N THR H 78 -4.90 -14.59 41.81
CA THR H 78 -4.92 -15.02 40.42
C THR H 78 -6.32 -15.34 39.93
N SER H 79 -6.50 -15.37 38.61
CA SER H 79 -7.77 -15.76 38.02
C SER H 79 -7.47 -17.10 37.36
N ILE H 80 -8.40 -18.04 37.47
CA ILE H 80 -8.18 -19.36 36.87
C ILE H 80 -9.17 -19.60 35.75
N LEU H 81 -8.69 -20.24 34.69
CA LEU H 81 -9.52 -20.56 33.55
C LEU H 81 -9.83 -22.04 33.61
N THR H 82 -11.08 -22.35 33.93
CA THR H 82 -11.52 -23.71 34.03
C THR H 82 -12.20 -24.11 32.75
N ILE H 83 -11.79 -25.25 32.21
CA ILE H 83 -12.35 -25.74 30.97
C ILE H 83 -12.96 -27.11 31.19
N TYR H 84 -14.25 -27.24 30.90
CA TYR H 84 -14.96 -28.50 31.11
C TYR H 84 -15.01 -29.41 29.89
N SER H 85 -15.27 -30.70 30.14
CA SER H 85 -15.38 -31.72 29.10
C SER H 85 -14.50 -31.45 27.89
N LEU H 86 -13.24 -31.87 27.98
CA LEU H 86 -12.29 -31.65 26.91
C LEU H 86 -12.46 -32.48 25.63
N GLU H 87 -12.58 -31.80 24.49
CA GLU H 87 -12.64 -32.47 23.20
C GLU H 87 -11.56 -31.75 22.39
N GLU H 88 -11.02 -32.43 21.39
CA GLU H 88 -9.92 -31.86 20.58
C GLU H 88 -10.03 -30.42 20.07
N GLU H 89 -11.14 -30.07 19.42
CA GLU H 89 -11.25 -28.72 18.89
C GLU H 89 -11.01 -27.65 19.95
N ASP H 90 -11.15 -28.01 21.22
CA ASP H 90 -10.89 -27.06 22.29
C ASP H 90 -9.41 -26.97 22.58
N GLU H 91 -8.60 -27.69 21.82
CA GLU H 91 -7.13 -27.69 22.04
C GLU H 91 -6.47 -26.49 21.41
N ALA H 92 -6.04 -25.53 22.21
CA ALA H 92 -5.41 -24.31 21.71
C ALA H 92 -4.79 -23.48 22.84
N ILE H 93 -4.15 -22.40 22.46
CA ILE H 93 -3.44 -21.54 23.38
C ILE H 93 -4.35 -20.55 24.08
N TYR H 94 -4.15 -20.37 25.39
CA TYR H 94 -4.99 -19.47 26.15
C TYR H 94 -4.27 -18.28 26.81
N TYR H 95 -4.89 -17.12 26.65
CA TYR H 95 -4.33 -15.88 27.16
C TYR H 95 -5.27 -15.16 28.15
N CYS H 96 -4.69 -14.48 29.14
CA CYS H 96 -5.48 -13.75 30.11
C CYS H 96 -5.01 -12.31 29.98
N SER H 97 -5.93 -11.36 29.86
CA SER H 97 -5.51 -9.98 29.71
C SER H 97 -6.50 -8.98 30.24
N TYR H 98 -6.06 -7.73 30.33
CA TYR H 98 -6.91 -6.65 30.84
C TYR H 98 -6.53 -5.26 30.27
N GLY H 99 -7.25 -4.19 30.60
CA GLY H 99 -6.96 -2.93 29.97
C GLY H 99 -6.49 -1.77 30.85
N GLU H 100 -5.23 -1.42 30.67
CA GLU H 100 -4.59 -0.34 31.39
C GLU H 100 -5.24 0.98 31.12
N GLY H 101 -6.15 1.37 32.01
CA GLY H 101 -6.85 2.62 31.85
C GLY H 101 -8.29 2.39 32.20
N SER H 102 -8.95 3.44 32.64
CA SER H 102 -10.35 3.35 33.00
C SER H 102 -11.12 3.37 31.69
N SER H 103 -10.67 4.23 30.80
CA SER H 103 -11.31 4.40 29.51
C SER H 103 -10.49 3.85 28.37
N GLY H 104 -9.66 2.86 28.64
CA GLY H 104 -8.88 2.38 27.50
C GLY H 104 -8.15 1.06 27.62
N PHE H 105 -7.17 0.94 26.72
CA PHE H 105 -6.39 -0.25 26.57
C PHE H 105 -4.94 -0.04 26.18
N HIS H 106 -4.01 -0.21 27.06
CA HIS H 106 -2.70 -0.23 26.50
C HIS H 106 -2.61 -1.67 26.07
N LYS H 107 -3.68 -2.34 26.48
CA LYS H 107 -3.91 -3.76 26.30
C LYS H 107 -2.68 -4.51 26.82
N VAL H 108 -2.78 -5.13 27.99
CA VAL H 108 -1.63 -5.85 28.54
C VAL H 108 -1.93 -7.33 28.38
N PHE H 109 -1.03 -8.06 27.75
CA PHE H 109 -1.30 -9.46 27.53
C PHE H 109 -0.30 -10.32 28.21
N ALA H 110 -0.64 -11.59 28.31
CA ALA H 110 0.24 -12.53 28.97
C ALA H 110 0.92 -13.46 27.98
N GLU H 111 1.76 -14.34 28.52
CA GLU H 111 2.51 -15.31 27.74
C GLU H 111 1.55 -16.26 27.09
N GLY H 112 0.49 -16.60 27.79
CA GLY H 112 -0.49 -17.50 27.25
C GLY H 112 -0.09 -18.94 27.47
N THR H 113 -1.09 -19.82 27.56
CA THR H 113 -0.82 -21.22 27.78
C THR H 113 -1.65 -22.10 26.84
N LYS H 114 -0.94 -22.95 26.10
CA LYS H 114 -1.52 -23.86 25.13
C LYS H 114 -2.01 -25.16 25.78
N LEU H 115 -3.30 -25.42 25.64
CA LEU H 115 -3.95 -26.60 26.18
C LEU H 115 -3.73 -27.80 25.27
N ILE H 116 -3.24 -28.90 25.83
CA ILE H 116 -2.98 -30.11 25.07
C ILE H 116 -3.94 -31.27 25.35
N VAL H 117 -4.67 -31.70 24.31
CA VAL H 117 -5.61 -32.83 24.43
C VAL H 117 -4.85 -34.14 24.17
N ILE H 118 -5.03 -35.13 25.06
CA ILE H 118 -4.34 -36.42 24.93
C ILE H 118 -5.27 -37.62 24.97
N PRO H 119 -5.32 -38.40 23.88
CA PRO H 119 -6.19 -39.58 23.89
C PRO H 119 -5.47 -40.74 24.61
N SER H 120 -5.86 -41.98 24.37
CA SER H 120 -5.24 -43.12 25.05
C SER H 120 -3.98 -43.66 24.37
N ASP H 121 -3.15 -44.33 25.17
CA ASP H 121 -1.90 -44.92 24.72
C ASP H 121 -1.03 -45.17 25.93
N LYS H 122 -1.22 -44.35 26.96
CA LYS H 122 -0.43 -44.47 28.17
C LYS H 122 -1.16 -44.11 29.46
N ARG H 123 -0.57 -44.52 30.57
CA ARG H 123 -1.07 -44.26 31.90
C ARG H 123 0.13 -43.58 32.54
N LEU H 124 0.56 -42.49 31.91
CA LEU H 124 1.73 -41.73 32.35
C LEU H 124 2.93 -42.64 32.14
N ASP H 125 3.01 -43.19 30.94
CA ASP H 125 4.10 -44.10 30.58
C ASP H 125 5.41 -43.36 30.75
N ALA H 126 6.26 -43.88 31.63
CA ALA H 126 7.55 -43.26 31.89
C ALA H 126 7.34 -41.88 32.49
N ASP H 127 8.38 -41.06 32.45
CA ASP H 127 8.34 -39.72 33.00
C ASP H 127 7.85 -38.68 31.99
N ILE H 128 8.46 -38.68 30.81
CA ILE H 128 8.10 -37.74 29.74
C ILE H 128 8.68 -36.35 29.96
N SER H 129 9.97 -36.30 30.30
CA SER H 129 10.65 -35.03 30.54
C SER H 129 11.86 -34.89 29.63
N PRO H 130 12.28 -33.66 29.34
CA PRO H 130 13.43 -33.40 28.48
C PRO H 130 14.65 -34.25 28.85
N LYS H 131 15.29 -34.88 27.88
CA LYS H 131 16.46 -35.68 28.19
C LYS H 131 17.75 -35.05 27.64
N PRO H 132 18.45 -34.25 28.48
CA PRO H 132 19.70 -33.57 28.12
C PRO H 132 20.85 -34.44 27.66
N THR H 133 21.87 -33.78 27.13
CA THR H 133 23.07 -34.39 26.62
C THR H 133 23.84 -33.26 25.92
N ILE H 134 24.77 -32.63 26.62
CA ILE H 134 25.56 -31.51 26.13
C ILE H 134 26.64 -31.85 25.08
N PHE H 135 27.10 -30.83 24.34
CA PHE H 135 28.15 -30.99 23.32
C PHE H 135 29.25 -29.94 23.50
N LEU H 136 30.51 -30.39 23.47
CA LEU H 136 31.68 -29.54 23.66
C LEU H 136 32.13 -28.70 22.46
N PRO H 137 32.59 -27.46 22.71
CA PRO H 137 33.05 -26.58 21.63
C PRO H 137 34.06 -27.34 20.78
N SER H 138 34.26 -26.92 19.54
CA SER H 138 35.20 -27.62 18.66
C SER H 138 36.65 -27.13 18.76
N VAL H 139 37.55 -28.05 19.11
CA VAL H 139 38.95 -27.67 19.19
C VAL H 139 39.29 -27.07 17.84
N ALA H 140 38.58 -27.51 16.80
CA ALA H 140 38.79 -27.03 15.45
C ALA H 140 38.41 -25.55 15.33
N GLU H 141 37.38 -25.12 16.05
CA GLU H 141 36.96 -23.73 15.99
C GLU H 141 37.89 -22.86 16.84
N THR H 142 38.00 -23.22 18.11
CA THR H 142 38.88 -22.51 19.04
C THR H 142 40.21 -22.27 18.31
N ASN H 143 40.83 -23.35 17.85
CA ASN H 143 42.10 -23.28 17.15
C ASN H 143 42.15 -22.35 15.93
N LEU H 144 41.18 -22.48 15.02
CA LEU H 144 41.17 -21.66 13.82
C LEU H 144 40.36 -20.36 13.85
N HIS H 145 39.23 -20.37 14.55
CA HIS H 145 38.40 -19.18 14.63
C HIS H 145 38.38 -18.52 16.01
N LYS H 146 39.10 -19.09 16.96
CA LYS H 146 39.14 -18.52 18.30
C LYS H 146 37.71 -18.27 18.77
N THR H 147 36.79 -19.11 18.29
CA THR H 147 35.39 -19.00 18.66
C THR H 147 34.87 -20.36 19.13
N GLY H 148 33.81 -20.35 19.92
CA GLY H 148 33.25 -21.59 20.44
C GLY H 148 31.73 -21.64 20.48
N THR H 149 31.21 -22.86 20.42
CA THR H 149 29.78 -23.09 20.46
C THR H 149 29.49 -24.28 21.38
N TYR H 150 28.35 -24.22 22.07
CA TYR H 150 27.96 -25.28 22.97
C TYR H 150 26.43 -25.38 23.01
N LEU H 151 25.91 -26.57 23.32
CA LEU H 151 24.47 -26.75 23.30
C LEU H 151 23.89 -27.75 24.32
N CYS H 152 22.57 -27.91 24.31
CA CYS H 152 21.90 -28.86 25.21
C CYS H 152 20.74 -29.63 24.55
N LEU H 153 21.08 -30.67 23.80
CA LEU H 153 20.10 -31.50 23.08
C LEU H 153 19.22 -32.34 24.01
N LEU H 154 17.91 -32.12 23.98
CA LEU H 154 16.97 -32.85 24.84
C LEU H 154 16.22 -33.97 24.11
N GLU H 155 15.44 -34.75 24.87
CA GLU H 155 14.64 -35.85 24.31
C GLU H 155 13.71 -36.53 25.32
N ALA H 156 13.01 -37.57 24.84
CA ALA H 156 12.09 -38.37 25.65
C ALA H 156 10.99 -37.64 26.42
N PHE H 157 10.28 -36.74 25.74
CA PHE H 157 9.19 -36.03 26.42
C PHE H 157 7.94 -35.91 25.57
N PHE H 158 6.92 -35.28 26.14
CA PHE H 158 5.63 -35.09 25.48
C PHE H 158 5.17 -33.65 25.60
N PRO H 159 5.90 -32.82 26.35
CA PRO H 159 5.46 -31.42 26.48
C PRO H 159 5.70 -30.73 25.14
N ASP H 160 4.72 -30.82 24.26
CA ASP H 160 4.79 -30.25 22.91
C ASP H 160 5.62 -28.97 22.80
N VAL H 161 5.27 -27.97 23.59
CA VAL H 161 5.96 -26.67 23.57
C VAL H 161 6.93 -26.38 24.72
N ILE H 162 8.19 -26.78 24.58
CA ILE H 162 9.18 -26.54 25.62
C ILE H 162 10.10 -25.40 25.17
N ARG H 163 9.87 -24.18 25.63
CA ARG H 163 10.70 -23.09 25.16
C ARG H 163 11.99 -22.79 25.90
N VAL H 164 13.10 -23.17 25.26
CA VAL H 164 14.48 -23.02 25.75
C VAL H 164 15.03 -21.59 25.80
N TYR H 165 15.98 -21.34 26.70
CA TYR H 165 16.56 -20.02 26.83
C TYR H 165 17.81 -19.93 27.71
N TRP H 166 18.81 -19.15 27.27
CA TRP H 166 20.07 -18.95 28.01
C TRP H 166 20.34 -17.49 28.43
N LYS H 167 21.33 -17.30 29.30
CA LYS H 167 21.73 -15.98 29.82
C LYS H 167 23.00 -16.14 30.67
N GLU H 168 23.93 -15.20 30.56
CA GLU H 168 25.18 -15.26 31.35
C GLU H 168 24.87 -15.49 32.83
N LYS H 169 24.91 -16.76 33.25
CA LYS H 169 24.63 -17.12 34.64
C LYS H 169 25.11 -16.10 35.67
N ASP H 170 26.40 -15.80 35.68
CA ASP H 170 26.94 -14.83 36.63
C ASP H 170 26.00 -13.62 36.71
N GLY H 171 25.96 -12.85 35.63
CA GLY H 171 25.08 -11.70 35.59
C GLY H 171 23.85 -12.13 34.83
N ASN H 172 23.23 -13.23 35.27
CA ASN H 172 22.05 -13.79 34.62
C ASN H 172 21.20 -12.75 33.89
N THR H 173 21.56 -12.51 32.63
CA THR H 173 20.85 -11.56 31.78
C THR H 173 20.44 -12.27 30.50
N ILE H 174 19.16 -12.52 30.33
CA ILE H 174 18.71 -13.21 29.12
C ILE H 174 19.53 -12.72 27.94
N LEU H 175 20.12 -13.65 27.20
CA LEU H 175 20.91 -13.29 26.03
C LEU H 175 20.48 -14.17 24.86
N ASP H 176 19.85 -13.56 23.86
CA ASP H 176 19.39 -14.30 22.68
C ASP H 176 20.43 -15.26 22.12
N SER H 177 20.13 -16.55 22.20
CA SER H 177 20.97 -17.63 21.69
C SER H 177 20.16 -18.04 20.47
N GLN H 178 20.49 -19.15 19.83
CA GLN H 178 19.72 -19.57 18.66
C GLN H 178 19.46 -21.06 18.67
N GLU H 179 18.28 -21.47 18.23
CA GLU H 179 17.96 -22.90 18.19
C GLU H 179 17.21 -23.27 16.93
N GLY H 180 17.09 -24.58 16.69
CA GLY H 180 16.40 -25.07 15.51
C GLY H 180 15.00 -25.57 15.83
N ASP H 181 14.16 -25.70 14.80
CA ASP H 181 12.78 -26.15 15.00
C ASP H 181 12.63 -27.49 15.71
N THR H 182 11.40 -27.79 16.14
CA THR H 182 11.08 -29.04 16.83
C THR H 182 10.82 -30.17 15.84
N LEU H 183 11.49 -31.31 16.03
CA LEU H 183 11.31 -32.45 15.14
C LEU H 183 10.65 -33.57 15.91
N LYS H 184 9.90 -34.41 15.21
CA LYS H 184 9.21 -35.50 15.87
C LYS H 184 10.09 -36.73 15.99
N THR H 185 9.76 -37.57 16.96
CA THR H 185 10.48 -38.81 17.18
C THR H 185 9.40 -39.81 17.60
N ASN H 186 8.91 -40.58 16.63
CA ASN H 186 7.87 -41.57 16.89
C ASN H 186 7.01 -41.14 18.09
N ASP H 187 6.22 -40.09 17.88
CA ASP H 187 5.34 -39.51 18.89
C ASP H 187 6.02 -39.08 20.20
N THR H 188 7.14 -38.39 20.03
CA THR H 188 7.92 -37.84 21.14
C THR H 188 8.62 -36.68 20.45
N TYR H 189 8.98 -35.65 21.19
CA TYR H 189 9.64 -34.52 20.55
C TYR H 189 10.97 -34.15 21.21
N MET H 190 11.86 -33.49 20.48
CA MET H 190 13.16 -33.12 21.02
C MET H 190 13.87 -31.98 20.27
N LYS H 191 14.07 -30.87 20.95
CA LYS H 191 14.74 -29.73 20.33
C LYS H 191 16.21 -29.70 20.68
N PHE H 192 16.96 -28.89 19.93
CA PHE H 192 18.41 -28.73 20.09
C PHE H 192 18.84 -27.28 19.82
N SER H 193 19.23 -26.56 20.87
CA SER H 193 19.65 -25.18 20.72
C SER H 193 21.16 -25.08 20.80
N TRP H 194 21.66 -23.86 20.96
CA TRP H 194 23.11 -23.63 21.05
C TRP H 194 23.43 -22.13 21.12
N LEU H 195 24.72 -21.80 21.09
CA LEU H 195 25.15 -20.40 21.16
C LEU H 195 26.49 -20.10 20.49
N THR H 196 26.75 -18.81 20.36
CA THR H 196 27.96 -18.28 19.79
C THR H 196 28.70 -17.66 21.00
N VAL H 197 29.50 -18.48 21.67
CA VAL H 197 30.25 -18.04 22.85
C VAL H 197 31.09 -16.79 22.65
N PRO H 198 30.81 -15.71 23.39
CA PRO H 198 31.58 -14.47 23.24
C PRO H 198 33.08 -14.82 23.28
N GLU H 199 33.66 -14.96 22.10
CA GLU H 199 35.06 -15.30 21.89
C GLU H 199 36.07 -15.36 23.04
N ARG H 200 36.07 -14.37 23.92
CA ARG H 200 37.06 -14.36 25.00
C ARG H 200 36.63 -14.70 26.43
N ALA H 201 35.35 -14.95 26.66
CA ALA H 201 34.90 -15.25 28.03
C ALA H 201 34.52 -16.69 28.32
N MET H 202 35.04 -17.61 27.53
CA MET H 202 34.74 -19.03 27.71
C MET H 202 35.34 -19.60 28.98
N GLY H 203 34.52 -19.64 30.03
CA GLY H 203 34.97 -20.17 31.32
C GLY H 203 34.48 -21.59 31.50
N LYS H 204 33.94 -21.90 32.68
CA LYS H 204 33.45 -23.25 32.94
C LYS H 204 31.99 -23.49 32.58
N GLU H 205 31.08 -22.63 33.03
CA GLU H 205 29.68 -22.87 32.73
C GLU H 205 28.73 -21.67 32.66
N HIS H 206 27.90 -21.68 31.63
CA HIS H 206 26.84 -20.68 31.46
C HIS H 206 25.63 -21.62 31.61
N ARG H 207 24.40 -21.12 31.63
CA ARG H 207 23.30 -22.06 31.85
C ARG H 207 22.20 -22.24 30.81
N CYS H 208 21.92 -23.49 30.46
CA CYS H 208 20.88 -23.83 29.48
C CYS H 208 19.49 -24.00 30.11
N ILE H 209 18.95 -22.90 30.63
CA ILE H 209 17.66 -22.89 31.29
C ILE H 209 16.45 -23.43 30.55
N VAL H 210 16.25 -24.74 30.55
CA VAL H 210 15.10 -25.33 29.87
C VAL H 210 13.83 -25.12 30.69
N LYS H 211 12.68 -25.58 30.20
CA LYS H 211 11.40 -25.41 30.91
C LYS H 211 10.26 -26.17 30.21
N HIS H 212 9.54 -27.01 30.95
CA HIS H 212 8.45 -27.79 30.37
C HIS H 212 7.40 -28.22 31.39
N GLU H 213 6.22 -28.57 30.90
CA GLU H 213 5.10 -29.03 31.75
C GLU H 213 5.53 -30.28 32.51
N ASN H 214 6.12 -31.22 31.77
CA ASN H 214 6.59 -32.47 32.37
C ASN H 214 8.11 -32.51 32.34
N ASN H 215 8.71 -32.03 33.43
CA ASN H 215 10.16 -32.01 33.57
C ASN H 215 10.53 -32.31 35.02
N LYS H 216 11.35 -33.32 35.20
CA LYS H 216 11.81 -33.73 36.53
C LYS H 216 11.69 -32.62 37.58
N GLY H 217 10.86 -32.85 38.58
CA GLY H 217 10.67 -31.88 39.63
C GLY H 217 9.56 -30.91 39.28
N GLY H 218 9.93 -29.81 38.65
CA GLY H 218 8.95 -28.82 38.26
C GLY H 218 9.62 -27.48 38.23
N ALA H 219 10.88 -27.47 37.80
CA ALA H 219 11.65 -26.23 37.73
C ALA H 219 12.46 -26.19 36.45
N ASP H 220 12.78 -24.99 36.01
CA ASP H 220 13.58 -24.82 34.81
C ASP H 220 14.90 -25.51 34.99
N GLN H 221 15.25 -26.37 34.05
CA GLN H 221 16.52 -27.08 34.13
C GLN H 221 17.69 -26.13 34.11
N ALA H 222 18.61 -26.33 35.05
CA ALA H 222 19.80 -25.51 35.11
C ALA H 222 20.90 -26.40 34.57
N ILE H 223 21.37 -26.11 33.35
CA ILE H 223 22.40 -26.91 32.74
C ILE H 223 23.71 -26.14 32.49
N PHE H 224 24.82 -26.76 32.91
CA PHE H 224 26.17 -26.20 32.83
C PHE H 224 27.12 -26.99 31.91
N PHE H 225 28.27 -26.40 31.59
CA PHE H 225 29.26 -27.03 30.70
C PHE H 225 30.65 -27.20 31.33
N PRO H 226 30.76 -28.01 32.40
CA PRO H 226 32.01 -28.28 33.13
C PRO H 226 33.26 -28.50 32.26
N SER H 227 34.43 -28.51 32.90
CA SER H 227 35.70 -28.70 32.20
C SER H 227 36.18 -30.13 32.32
N ILE H 228 37.41 -30.37 31.90
CA ILE H 228 37.91 -31.73 31.99
C ILE H 228 39.26 -31.99 32.63
N LYS H 229 39.38 -33.25 33.06
CA LYS H 229 40.53 -33.94 33.68
C LYS H 229 39.95 -35.37 33.92
N LYS H 230 40.70 -36.41 33.55
CA LYS H 230 40.21 -37.77 33.67
C LYS H 230 41.33 -38.73 33.82
C1 NAG I . 0.55 -51.12 -15.10
C2 NAG I . -0.54 -51.11 -16.19
C3 NAG I . 0.06 -51.69 -17.49
C4 NAG I . 1.38 -51.00 -17.86
C5 NAG I . 2.31 -51.02 -16.66
C6 NAG I . 3.65 -50.34 -16.88
C7 NAG I . -2.92 -51.50 -15.88
C8 NAG I . -4.02 -52.51 -15.56
N2 NAG I . -1.67 -51.92 -15.75
O1 NAG I . 0.95 -52.43 -14.87
O3 NAG I . -0.87 -51.55 -18.54
O4 NAG I . 2.02 -51.73 -18.92
O5 NAG I . 1.68 -50.37 -15.55
O6 NAG I . 3.49 -48.94 -17.07
O7 NAG I . -3.22 -50.36 -16.25
C1 NAG I . 1.79 -51.48 -20.27
C2 NAG I . 3.03 -51.91 -21.05
C3 NAG I . 3.28 -51.05 -22.28
C4 NAG I . 1.94 -50.62 -22.86
C5 NAG I . 1.19 -49.74 -21.84
C6 NAG I . -0.33 -49.81 -21.95
C7 NAG I . 4.97 -52.91 -20.03
C8 NAG I . 6.43 -52.75 -20.40
N2 NAG I . 4.19 -51.85 -20.17
O1 NAG I . 0.69 -52.19 -20.72
O3 NAG I . 4.01 -51.80 -23.24
O4 NAG I . 2.14 -49.89 -24.08
O5 NAG I . 1.54 -50.08 -20.47
O6 NAG I . -0.75 -51.08 -22.44
O7 NAG I . 4.56 -54.00 -19.61
C1 MAN I . 2.07 -50.63 -25.25
C2 MAN I . 1.17 -49.92 -26.28
C3 MAN I . 1.75 -50.02 -27.70
C4 MAN I . 2.40 -51.40 -27.93
C5 MAN I . 3.46 -51.72 -26.85
C6 MAN I . 4.88 -51.68 -27.40
O1 MAN I . 1.55 -51.91 -25.05
O2 MAN I . 1.02 -48.55 -25.93
O3 MAN I . 2.73 -49.00 -27.89
O4 MAN I . 1.40 -52.40 -27.93
O5 MAN I . 3.39 -50.77 -25.77
O6 MAN I . 5.70 -52.64 -26.75
C1 NAG J . 11.88 3.11 -4.31
C2 NAG J . 12.81 3.32 -3.10
C3 NAG J . 11.94 3.59 -1.86
C4 NAG J . 10.92 4.73 -2.11
C5 NAG J . 10.14 4.42 -3.39
C6 NAG J . 9.12 5.47 -3.78
C7 NAG J . 14.90 2.17 -2.66
C8 NAG J . 15.59 0.86 -2.27
N2 NAG J . 13.60 2.11 -2.90
O1 NAG J . 11.03 2.03 -4.08
O3 NAG J . 12.76 3.93 -0.76
O4 NAG J . 9.97 4.78 -1.03
O5 NAG J . 11.06 4.27 -4.48
O6 NAG J . 9.78 6.69 -4.13
O7 NAG J . 15.56 3.21 -2.73
C1 NAG J . 10.18 5.54 0.12
C2 NAG J . 8.78 5.88 0.69
C3 NAG J . 8.77 7.24 1.38
C4 NAG J . 10.13 7.49 2.03
C5 NAG J . 11.22 7.56 0.95
C6 NAG J . 12.60 7.11 1.43
C7 NAG J . 6.72 5.11 -0.26
C8 NAG J . 5.39 5.84 -0.34
N2 NAG J . 7.81 5.86 -0.37
O1 NAG J . 10.91 4.83 1.06
O3 NAG J . 7.75 7.24 2.35
O4 NAG J . 10.10 8.72 2.77
O5 NAG J . 10.89 6.74 -0.21
O6 NAG J . 12.50 6.13 2.47
O7 NAG J . 6.75 3.89 -0.10
C1 NAG K . 19.93 -44.50 -4.79
C2 NAG K . 18.78 -45.40 -5.30
C3 NAG K . 18.41 -46.39 -4.18
C4 NAG K . 19.64 -47.14 -3.65
C5 NAG K . 20.72 -46.12 -3.27
C6 NAG K . 22.01 -46.72 -2.75
C7 NAG K . 16.96 -44.74 -6.76
C8 NAG K . 15.66 -43.94 -6.90
N2 NAG K . 17.64 -44.55 -5.63
O1 NAG K . 20.36 -43.87 -5.95
O3 NAG K . 17.46 -47.33 -4.67
O4 NAG K . 19.30 -47.86 -2.45
O5 NAG K . 21.03 -45.32 -4.41
O6 NAG K . 22.67 -47.44 -3.77
O7 NAG K . 17.30 -45.50 -7.66
C1 NAG K . 18.82 -49.17 -2.47
C2 NAG K . 19.17 -49.81 -1.13
C3 NAG K . 19.44 -51.30 -1.26
C4 NAG K . 18.55 -51.88 -2.35
C5 NAG K . 18.91 -51.24 -3.71
C6 NAG K . 17.73 -51.18 -4.67
C7 NAG K . 20.29 -48.65 0.66
C8 NAG K . 21.30 -49.20 1.65
N2 NAG K . 20.33 -49.15 -0.57
O1 NAG K . 17.43 -49.18 -2.64
O3 NAG K . 19.17 -51.93 -0.01
O4 NAG K . 18.71 -53.31 -2.41
O5 NAG K . 19.43 -49.89 -3.54
O6 NAG K . 16.49 -51.06 -4.00
O7 NAG K . 19.48 -47.79 1.01
C1 NAG L . 29.28 -34.91 25.59
C2 NAG L . 30.44 -34.74 26.60
C3 NAG L . 29.97 -35.27 27.97
C4 NAG L . 28.63 -34.65 28.40
C5 NAG L . 27.62 -34.82 27.26
C6 NAG L . 26.25 -34.22 27.52
C7 NAG L . 32.81 -34.98 26.16
C8 NAG L . 33.96 -35.93 25.83
N2 NAG L . 31.60 -35.50 26.13
O1 NAG L . 28.98 -36.27 25.64
O3 NAG L . 30.94 -34.99 28.96
O4 NAG L . 28.10 -35.36 29.54
O5 NAG L . 28.14 -34.22 26.07
O6 NAG L . 26.33 -32.82 27.62
O7 NAG L . 33.06 -33.80 26.42
C1 NAG L . 28.40 -34.99 30.85
C2 NAG L . 27.25 -35.47 31.73
C3 NAG L . 27.02 -34.53 32.92
C4 NAG L . 28.36 -33.97 33.38
C5 NAG L . 28.97 -33.10 32.25
C6 NAG L . 30.49 -33.07 32.27
C7 NAG L . 25.33 -36.67 30.92
C8 NAG L . 23.89 -36.59 31.38
N2 NAG L . 26.04 -35.54 30.94
O1 NAG L . 29.59 -35.59 31.27
O3 NAG L . 26.41 -35.28 33.97
O4 NAG L . 28.18 -33.18 34.56
O5 NAG L . 28.55 -33.57 30.93
O6 NAG L . 31.04 -34.26 32.81
O7 NAG L . 25.81 -37.75 30.54
C1 MAN L . 28.38 -33.83 35.78
C2 MAN L . 29.28 -32.99 36.69
C3 MAN L . 28.79 -33.04 38.14
C4 MAN L . 28.27 -34.43 38.52
C5 MAN L . 27.17 -34.90 37.54
C6 MAN L . 25.80 -34.93 38.17
O1 MAN L . 28.97 -35.08 35.62
O2 MAN L . 29.30 -31.64 36.25
O3 MAN L . 27.76 -32.07 38.34
O4 MAN L . 29.34 -35.36 38.51
O5 MAN L . 27.10 -34.03 36.38
O6 MAN L . 25.01 -36.00 37.64
C1 NAG M . -11.45 -3.71 2.25
C2 NAG M . -12.67 -4.46 2.63
C3 NAG M . -13.34 -4.82 1.32
C4 NAG M . -13.38 -3.65 0.30
C5 NAG M . -12.44 -2.44 0.53
C6 NAG M . -13.09 -1.08 0.35
C7 NAG M . -11.98 -6.77 2.76
C8 NAG M . -10.85 -6.75 1.73
N2 NAG M . -12.28 -5.64 3.39
O1 NAG M . -10.75 -4.31 1.21
O3 NAG M . -14.66 -5.29 1.56
O4 NAG M . -12.97 -4.25 -0.94
O5 NAG M . -11.85 -2.42 1.85
O6 NAG M . -12.28 -0.26 -0.53
O7 NAG M . -12.57 -7.82 3.02
C1 NAG M . -13.80 -4.32 -2.05
C2 NAG M . -15.13 -5.03 -1.77
C3 NAG M . -15.89 -5.15 -3.10
C4 NAG M . -15.95 -3.79 -3.85
C5 NAG M . -14.56 -3.11 -3.90
C6 NAG M . -14.48 -1.73 -4.51
C7 NAG M . -14.36 -7.36 -1.92
C8 NAG M . -15.28 -8.17 -2.84
N2 NAG M . -14.92 -6.36 -1.21
O3 NAG M . -17.19 -5.66 -2.88
O4 NAG M . -16.40 -4.05 -5.20
O5 NAG M . -14.03 -3.02 -2.57
O6 NAG M . -13.30 -1.06 -4.08
O7 NAG M . -13.15 -7.65 -1.83
C1 FUC M . -11.24 0.46 0.12
C2 FUC M . -10.42 1.28 -0.94
C3 FUC M . -10.18 2.79 -0.70
C4 FUC M . -10.53 3.27 0.68
C5 FUC M . -11.85 2.61 1.11
C6 FUC M . -12.40 3.17 2.42
O2 FUC M . -11.06 1.16 -2.20
O3 FUC M . -8.81 3.09 -0.96
O4 FUC M . -9.48 2.95 1.59
O5 FUC M . -11.66 1.19 1.29
#